data_1HWJ
#
_entry.id   1HWJ
#
_cell.length_a   74.616
_cell.length_b   172.983
_cell.length_c   80.159
_cell.angle_alpha   90.00
_cell.angle_beta   117.35
_cell.angle_gamma   90.00
#
_symmetry.space_group_name_H-M   'P 1 21 1'
#
loop_
_entity.id
_entity.type
_entity.pdbx_description
1 polymer 'HMG-COA REDUCTASE'
2 non-polymer "ADENOSINE-5'-DIPHOSPHATE"
3 non-polymer '7-[4-(4-FLUORO-PHENYL)-5-HYDROXYMETHYL-2,6-DIISOPROPYL-PYRIDIN-3-YL]-3,5-DIHYDROXY-HEPTANOIC ACID'
4 water water
#
_entity_poly.entity_id   1
_entity_poly.type   'polypeptide(L)'
_entity_poly.pdbx_seq_one_letter_code
;GAMASSVLVTQEPEIELPREPRPNEECLQILGNAEKGAKFLSDAEIIQLVNAKHIPAYKLETLIETHERGVSIRRQLLSK
KLSEPSSLQYLPYRDYNYSLVMGACCENVIGYMPIPVGVAGPLCLDEKEFQVPMATTEGCLVASTNRGCRAIGLGGGASS
RVLADGMTRGPVVRLPRACDSAEVKAWLETSEGFAVIKEAFDSTSRFARLQKLHTSIAGRNLYIRFQSRSGDAMGMNMIS
KGTEKALSKLHEYFPEMQILAVSGNYCTDKKPAAINWIEGRGKSVVCEAVIPAKVVREVLKTTTEAMIEVNINKNLVGSA
MAGSIGGYNAHAANIVTAIYIACGQDAAQNVGSSNCITLMEASGPTNEDLYISCTMPSIEIGTVGGGTNLLPQQACLQML
GVQGACKDNPGENARQLARIVCGTVMAGELSLMAALAAGHLVKSHMIHNRSKINLQDLQGACTKKTA
;
_entity_poly.pdbx_strand_id   A,B,C,D
#
loop_
_chem_comp.id
_chem_comp.type
_chem_comp.name
_chem_comp.formula
116 non-polymer '7-[4-(4-FLUORO-PHENYL)-5-HYDROXYMETHYL-2,6-DIISOPROPYL-PYRIDIN-3-YL]-3,5-DIHYDROXY-HEPTANOIC ACID' 'C26 H36 F N O5'
ADP non-polymer ADENOSINE-5'-DIPHOSPHATE 'C10 H15 N5 O10 P2'
#
# COMPACT_ATOMS: atom_id res chain seq x y z
N PRO A 21 -1.65 55.86 31.40
CA PRO A 21 -2.37 54.57 31.50
C PRO A 21 -3.64 54.71 32.34
N ARG A 22 -4.73 55.11 31.68
CA ARG A 22 -6.00 55.31 32.35
C ARG A 22 -6.65 54.04 32.91
N PRO A 23 -7.51 54.19 33.93
CA PRO A 23 -8.24 53.11 34.61
C PRO A 23 -9.26 52.46 33.68
N ASN A 24 -9.63 51.22 33.99
CA ASN A 24 -10.57 50.46 33.17
C ASN A 24 -12.00 50.99 33.00
N GLU A 25 -12.53 51.67 34.03
CA GLU A 25 -13.90 52.20 33.96
C GLU A 25 -14.02 53.29 32.89
N GLU A 26 -12.94 54.05 32.70
CA GLU A 26 -12.91 55.13 31.71
C GLU A 26 -12.74 54.57 30.30
N CYS A 27 -11.94 53.51 30.19
CA CYS A 27 -11.63 52.88 28.91
C CYS A 27 -12.78 52.19 28.16
N LEU A 28 -13.99 52.27 28.70
CA LEU A 28 -15.16 51.64 28.06
C LEU A 28 -15.71 52.41 26.85
N GLN A 29 -15.08 53.54 26.53
CA GLN A 29 -15.49 54.37 25.40
C GLN A 29 -15.16 53.69 24.06
N ILE A 30 -14.42 54.38 23.18
CA ILE A 30 -14.04 53.84 21.88
C ILE A 30 -12.55 54.05 21.58
N LEU A 41 -8.64 53.51 22.12
CA LEU A 41 -8.00 54.58 22.86
C LEU A 41 -6.47 54.49 22.74
N SER A 42 -5.82 54.07 23.83
CA SER A 42 -4.37 53.92 23.86
C SER A 42 -3.97 52.44 23.76
N ASP A 43 -2.75 52.19 23.31
CA ASP A 43 -2.25 50.83 23.16
C ASP A 43 -2.15 50.06 24.47
N ALA A 44 -1.41 50.60 25.43
CA ALA A 44 -1.23 49.96 26.73
C ALA A 44 -2.57 49.80 27.46
N GLU A 45 -3.55 50.62 27.08
CA GLU A 45 -4.87 50.57 27.68
C GLU A 45 -5.74 49.43 27.14
N ILE A 46 -5.59 49.10 25.87
CA ILE A 46 -6.35 48.01 25.27
C ILE A 46 -5.83 46.72 25.88
N ILE A 47 -4.51 46.62 25.98
CA ILE A 47 -3.84 45.44 26.55
C ILE A 47 -4.26 45.22 28.00
N GLN A 48 -4.45 46.31 28.74
CA GLN A 48 -4.87 46.26 30.13
C GLN A 48 -6.36 45.94 30.24
N LEU A 49 -7.12 46.32 29.22
CA LEU A 49 -8.56 46.06 29.17
C LEU A 49 -8.76 44.59 28.76
N VAL A 50 -7.87 44.10 27.90
CA VAL A 50 -7.92 42.71 27.43
C VAL A 50 -7.61 41.76 28.58
N ASN A 51 -6.51 42.01 29.27
CA ASN A 51 -6.09 41.19 30.40
C ASN A 51 -7.11 41.22 31.56
N ALA A 52 -7.75 42.37 31.75
CA ALA A 52 -8.72 42.56 32.82
C ALA A 52 -10.11 41.95 32.57
N LYS A 53 -10.76 42.34 31.48
CA LYS A 53 -12.09 41.80 31.16
C LYS A 53 -12.01 40.46 30.47
N HIS A 54 -10.82 39.85 30.52
CA HIS A 54 -10.55 38.55 29.93
C HIS A 54 -11.16 38.34 28.54
N ILE A 55 -10.74 39.18 27.61
CA ILE A 55 -11.21 39.12 26.22
C ILE A 55 -10.17 38.35 25.42
N PRO A 56 -10.60 37.28 24.74
CA PRO A 56 -9.68 36.47 23.94
C PRO A 56 -9.04 37.33 22.84
N ALA A 57 -7.75 37.12 22.63
CA ALA A 57 -7.00 37.88 21.63
C ALA A 57 -7.56 37.81 20.21
N TYR A 58 -8.30 36.75 19.89
CA TYR A 58 -8.86 36.60 18.55
C TYR A 58 -10.04 37.52 18.21
N LYS A 59 -10.50 38.28 19.19
CA LYS A 59 -11.61 39.20 18.98
C LYS A 59 -11.10 40.64 18.81
N LEU A 60 -9.78 40.77 18.64
CA LEU A 60 -9.15 42.09 18.48
C LEU A 60 -9.50 42.82 17.18
N GLU A 61 -9.93 42.08 16.17
CA GLU A 61 -10.27 42.68 14.88
C GLU A 61 -11.60 43.43 14.98
N THR A 62 -12.41 43.03 15.96
CA THR A 62 -13.72 43.63 16.19
C THR A 62 -13.71 44.68 17.32
N LEU A 63 -12.52 45.05 17.77
CA LEU A 63 -12.40 46.02 18.86
C LEU A 63 -11.61 47.25 18.43
N ILE A 64 -10.45 47.07 17.80
CA ILE A 64 -9.63 48.19 17.37
C ILE A 64 -9.97 48.77 15.99
N GLU A 65 -9.45 49.97 15.71
CA GLU A 65 -9.71 50.70 14.46
C GLU A 65 -9.20 50.14 13.13
N THR A 66 -7.93 49.74 13.08
CA THR A 66 -7.35 49.19 11.84
C THR A 66 -7.36 47.66 11.89
N HIS A 67 -6.61 47.04 10.99
CA HIS A 67 -6.49 45.59 10.98
C HIS A 67 -5.08 45.36 11.50
N GLU A 68 -4.17 46.20 11.00
CA GLU A 68 -2.76 46.18 11.36
C GLU A 68 -2.52 46.43 12.85
N ARG A 69 -3.42 47.17 13.49
CA ARG A 69 -3.28 47.45 14.91
C ARG A 69 -3.80 46.28 15.74
N GLY A 70 -4.82 45.59 15.23
CA GLY A 70 -5.34 44.43 15.93
C GLY A 70 -4.22 43.41 15.99
N VAL A 71 -3.46 43.34 14.90
CA VAL A 71 -2.32 42.43 14.76
C VAL A 71 -1.20 42.85 15.72
N SER A 72 -0.87 44.14 15.70
CA SER A 72 0.19 44.69 16.55
C SER A 72 -0.10 44.41 18.02
N ILE A 73 -1.35 44.62 18.46
CA ILE A 73 -1.71 44.38 19.85
C ILE A 73 -1.60 42.88 20.18
N ARG A 74 -2.09 42.03 19.27
CA ARG A 74 -2.02 40.59 19.45
C ARG A 74 -0.57 40.15 19.63
N ARG A 75 0.32 40.72 18.81
CA ARG A 75 1.73 40.40 18.91
C ARG A 75 2.23 40.80 20.30
N GLN A 76 1.83 42.00 20.74
CA GLN A 76 2.24 42.50 22.05
C GLN A 76 1.71 41.63 23.18
N LEU A 77 0.48 41.14 23.04
CA LEU A 77 -0.09 40.27 24.06
C LEU A 77 0.69 38.94 24.06
N LEU A 78 0.90 38.40 22.86
CA LEU A 78 1.63 37.15 22.66
C LEU A 78 3.06 37.21 23.19
N SER A 79 3.73 38.33 22.91
CA SER A 79 5.11 38.58 23.29
C SER A 79 5.49 38.42 24.76
N LYS A 80 4.54 38.66 25.66
CA LYS A 80 4.79 38.52 27.09
C LYS A 80 4.74 37.05 27.51
N LYS A 81 4.00 36.24 26.75
CA LYS A 81 3.85 34.83 27.06
C LYS A 81 5.00 33.96 26.55
N LEU A 82 6.07 34.60 26.05
CA LEU A 82 7.21 33.86 25.51
C LEU A 82 8.44 33.79 26.44
N SER A 83 9.39 32.94 26.07
CA SER A 83 10.62 32.77 26.86
C SER A 83 11.62 33.80 26.34
N GLU A 84 11.42 34.22 25.10
CA GLU A 84 12.23 35.24 24.44
C GLU A 84 11.18 36.24 23.96
N PRO A 85 10.92 37.29 24.75
CA PRO A 85 9.94 38.35 24.46
C PRO A 85 10.16 39.07 23.14
N SER A 86 11.39 39.01 22.64
CA SER A 86 11.73 39.65 21.38
C SER A 86 11.81 38.68 20.21
N SER A 87 11.26 37.47 20.35
CA SER A 87 11.34 36.50 19.27
C SER A 87 10.59 36.89 17.98
N LEU A 88 9.55 37.71 18.10
CA LEU A 88 8.76 38.17 16.96
C LEU A 88 9.36 39.37 16.20
N GLN A 89 10.44 39.90 16.73
CA GLN A 89 11.13 41.06 16.16
C GLN A 89 11.22 41.10 14.63
N TYR A 90 11.65 39.98 14.03
CA TYR A 90 11.79 39.93 12.59
C TYR A 90 10.64 39.29 11.79
N LEU A 91 9.53 39.02 12.47
CA LEU A 91 8.36 38.45 11.81
C LEU A 91 7.62 39.68 11.28
N PRO A 92 7.62 39.89 9.96
CA PRO A 92 6.95 41.04 9.35
C PRO A 92 5.43 41.05 9.61
N TYR A 93 4.85 42.23 9.74
CA TYR A 93 3.41 42.35 9.94
C TYR A 93 2.82 43.62 9.33
N ARG A 94 3.67 44.62 9.13
CA ARG A 94 3.26 45.91 8.57
C ARG A 94 3.02 45.95 7.06
N ASP A 95 2.04 46.77 6.68
CA ASP A 95 1.66 47.00 5.29
C ASP A 95 1.08 45.80 4.51
N TYR A 96 0.60 44.80 5.24
CA TYR A 96 0.00 43.66 4.59
C TYR A 96 -1.50 43.88 4.50
N ASN A 97 -2.08 43.48 3.38
CA ASN A 97 -3.51 43.62 3.15
C ASN A 97 -4.35 42.59 3.92
N TYR A 98 -4.53 42.80 5.23
CA TYR A 98 -5.30 41.87 6.07
C TYR A 98 -6.78 41.81 5.77
N SER A 99 -7.29 42.81 5.06
CA SER A 99 -8.70 42.87 4.71
C SER A 99 -9.20 41.58 4.05
N LEU A 100 -8.44 41.08 3.09
CA LEU A 100 -8.81 39.85 2.38
C LEU A 100 -8.55 38.55 3.17
N VAL A 101 -7.71 38.65 4.21
CA VAL A 101 -7.35 37.51 5.05
C VAL A 101 -8.36 37.25 6.18
N MET A 102 -8.84 38.32 6.82
CA MET A 102 -9.79 38.20 7.91
C MET A 102 -11.10 37.56 7.49
N GLY A 103 -11.57 36.62 8.31
CA GLY A 103 -12.82 35.92 8.04
C GLY A 103 -12.80 35.08 6.77
N ALA A 104 -11.61 34.72 6.29
CA ALA A 104 -11.52 33.95 5.07
C ALA A 104 -10.34 32.98 4.95
N CYS A 105 -9.15 33.42 5.33
CA CYS A 105 -7.97 32.58 5.16
C CYS A 105 -7.15 32.22 6.40
N CYS A 106 -7.29 32.99 7.48
CA CYS A 106 -6.50 32.73 8.68
C CYS A 106 -7.07 33.41 9.93
N GLU A 107 -6.74 32.88 11.12
CA GLU A 107 -7.22 33.46 12.38
C GLU A 107 -6.05 33.73 13.30
N ASN A 108 -6.26 34.53 14.35
CA ASN A 108 -5.23 34.92 15.32
C ASN A 108 -3.97 35.32 14.59
N VAL A 109 -4.13 36.17 13.57
CA VAL A 109 -3.02 36.61 12.75
C VAL A 109 -2.01 37.47 13.50
N ILE A 110 -0.74 37.12 13.38
CA ILE A 110 0.33 37.84 14.05
C ILE A 110 1.36 38.35 13.05
N GLY A 111 1.02 38.29 11.77
CA GLY A 111 1.94 38.71 10.72
C GLY A 111 1.86 37.83 9.49
N TYR A 112 2.97 37.77 8.75
CA TYR A 112 3.01 36.95 7.56
C TYR A 112 4.41 36.39 7.34
N MET A 113 4.49 35.26 6.65
CA MET A 113 5.77 34.62 6.37
C MET A 113 6.15 34.77 4.89
N PRO A 114 7.25 35.49 4.61
CA PRO A 114 7.70 35.69 3.24
C PRO A 114 8.46 34.47 2.71
N ILE A 115 8.03 33.93 1.59
CA ILE A 115 8.70 32.79 0.96
C ILE A 115 9.27 33.31 -0.35
N PRO A 116 10.60 33.18 -0.56
CA PRO A 116 11.18 33.67 -1.81
C PRO A 116 10.50 33.04 -3.02
N VAL A 117 10.22 33.86 -4.04
CA VAL A 117 9.62 33.39 -5.29
C VAL A 117 10.62 33.52 -6.44
N GLY A 118 10.95 32.38 -7.06
CA GLY A 118 11.89 32.37 -8.18
C GLY A 118 11.09 32.10 -9.43
N VAL A 119 11.73 32.21 -10.60
CA VAL A 119 11.02 31.97 -11.85
C VAL A 119 11.79 31.01 -12.74
N ALA A 120 11.08 30.04 -13.28
CA ALA A 120 11.68 29.05 -14.17
C ALA A 120 10.97 29.12 -15.50
N GLY A 121 11.75 29.13 -16.58
CA GLY A 121 11.16 29.20 -17.90
C GLY A 121 12.04 29.84 -18.96
N PRO A 122 11.50 30.03 -20.17
CA PRO A 122 10.14 29.66 -20.56
C PRO A 122 9.88 28.16 -20.64
N LEU A 123 8.64 27.77 -20.35
CA LEU A 123 8.24 26.37 -20.42
C LEU A 123 7.41 26.29 -21.68
N CYS A 124 7.91 25.58 -22.67
CA CYS A 124 7.22 25.43 -23.95
C CYS A 124 6.27 24.26 -23.83
N LEU A 125 5.00 24.59 -23.64
CA LEU A 125 3.97 23.60 -23.45
C LEU A 125 2.76 23.85 -24.32
N ASP A 126 2.40 22.85 -25.11
CA ASP A 126 1.26 22.93 -26.03
C ASP A 126 1.32 24.20 -26.92
N GLU A 127 2.51 24.47 -27.45
CA GLU A 127 2.75 25.61 -28.35
C GLU A 127 2.64 26.99 -27.70
N LYS A 128 2.73 27.04 -26.38
CA LYS A 128 2.70 28.31 -25.66
C LYS A 128 3.96 28.39 -24.81
N GLU A 129 4.22 29.55 -24.24
CA GLU A 129 5.39 29.72 -23.38
C GLU A 129 4.94 30.21 -22.02
N PHE A 130 5.39 29.56 -20.96
CA PHE A 130 4.99 29.95 -19.61
C PHE A 130 6.20 30.30 -18.76
N GLN A 131 6.05 31.32 -17.92
CA GLN A 131 7.09 31.74 -17.00
C GLN A 131 6.52 31.29 -15.65
N VAL A 132 7.05 30.18 -15.13
CA VAL A 132 6.55 29.57 -13.90
C VAL A 132 7.09 30.07 -12.57
N PRO A 133 6.20 30.64 -11.75
CA PRO A 133 6.56 31.16 -10.42
C PRO A 133 6.70 29.98 -9.46
N MET A 134 7.77 29.98 -8.65
CA MET A 134 8.06 28.90 -7.69
C MET A 134 8.50 29.46 -6.35
N ALA A 135 7.67 29.26 -5.34
CA ALA A 135 7.93 29.74 -3.99
C ALA A 135 8.65 28.65 -3.22
N THR A 136 9.91 28.87 -2.89
CA THR A 136 10.69 27.84 -2.20
C THR A 136 11.88 28.39 -1.42
N THR A 137 12.43 27.57 -0.52
CA THR A 137 13.60 27.96 0.25
C THR A 137 14.68 26.90 0.06
N GLU A 138 14.51 26.04 -0.94
CA GLU A 138 15.49 25.00 -1.23
C GLU A 138 16.41 25.42 -2.38
N GLY A 139 17.70 25.63 -2.06
CA GLY A 139 18.67 26.03 -3.07
C GLY A 139 18.85 25.11 -4.25
N CYS A 140 18.95 25.70 -5.44
CA CYS A 140 19.13 24.99 -6.72
C CYS A 140 17.87 24.40 -7.32
N LEU A 141 16.75 24.46 -6.60
CA LEU A 141 15.50 23.91 -7.10
C LEU A 141 15.03 24.68 -8.33
N VAL A 142 14.90 26.00 -8.20
CA VAL A 142 14.47 26.84 -9.33
C VAL A 142 15.49 26.72 -10.49
N ALA A 143 16.78 26.78 -10.17
CA ALA A 143 17.83 26.68 -11.19
C ALA A 143 17.78 25.36 -11.95
N SER A 144 17.70 24.23 -11.22
CA SER A 144 17.65 22.92 -11.88
C SER A 144 16.39 22.78 -12.71
N THR A 145 15.27 23.29 -12.19
CA THR A 145 14.01 23.23 -12.94
C THR A 145 14.11 24.08 -14.22
N ASN A 146 14.78 25.23 -14.12
CA ASN A 146 14.98 26.14 -15.27
C ASN A 146 15.77 25.40 -16.35
N ARG A 147 16.81 24.68 -15.95
CA ARG A 147 17.60 23.91 -16.90
C ARG A 147 16.73 22.88 -17.60
N GLY A 148 15.83 22.24 -16.83
CA GLY A 148 14.94 21.25 -17.41
C GLY A 148 14.07 21.88 -18.48
N CYS A 149 13.58 23.09 -18.19
CA CYS A 149 12.75 23.83 -19.15
C CYS A 149 13.52 24.11 -20.44
N ARG A 150 14.80 24.42 -20.32
CA ARG A 150 15.62 24.71 -21.48
C ARG A 150 15.78 23.47 -22.37
N ALA A 151 16.03 22.32 -21.76
CA ALA A 151 16.18 21.09 -22.54
C ALA A 151 14.90 20.81 -23.33
N ILE A 152 13.76 21.06 -22.71
CA ILE A 152 12.47 20.84 -23.36
C ILE A 152 12.26 21.82 -24.53
N GLY A 153 12.54 23.10 -24.29
CA GLY A 153 12.41 24.12 -25.32
C GLY A 153 13.26 23.80 -26.55
N LEU A 154 14.48 23.33 -26.31
CA LEU A 154 15.37 22.96 -27.40
C LEU A 154 14.88 21.70 -28.11
N GLY A 155 14.02 20.93 -27.44
CA GLY A 155 13.52 19.71 -28.03
C GLY A 155 12.25 19.88 -28.83
N GLY A 156 11.79 21.12 -28.96
CA GLY A 156 10.57 21.35 -29.71
C GLY A 156 9.33 21.45 -28.83
N GLY A 157 9.52 21.54 -27.51
CA GLY A 157 8.39 21.68 -26.61
C GLY A 157 7.72 20.40 -26.10
N ALA A 158 6.83 20.61 -25.14
CA ALA A 158 6.10 19.50 -24.53
C ALA A 158 4.63 19.58 -24.85
N SER A 159 3.96 18.42 -24.83
CA SER A 159 2.51 18.34 -25.08
C SER A 159 1.85 17.71 -23.86
N SER A 160 0.65 18.17 -23.54
CA SER A 160 -0.07 17.67 -22.38
C SER A 160 -1.55 17.52 -22.67
N ARG A 161 -2.20 16.64 -21.91
CA ARG A 161 -3.62 16.38 -22.04
C ARG A 161 -4.23 16.18 -20.65
N VAL A 162 -5.44 16.69 -20.48
CA VAL A 162 -6.17 16.52 -19.24
C VAL A 162 -7.04 15.30 -19.52
N LEU A 163 -6.82 14.22 -18.77
CA LEU A 163 -7.55 12.97 -18.93
C LEU A 163 -8.86 12.88 -18.17
N ALA A 164 -8.96 13.60 -17.06
CA ALA A 164 -10.15 13.58 -16.21
C ALA A 164 -10.16 14.80 -15.32
N ASP A 165 -11.35 15.17 -14.86
CA ASP A 165 -11.52 16.36 -14.03
C ASP A 165 -12.68 16.14 -13.08
N GLY A 166 -12.40 16.09 -11.78
CA GLY A 166 -13.46 15.89 -10.82
C GLY A 166 -12.96 15.75 -9.39
N MET A 167 -13.33 16.72 -8.57
CA MET A 167 -12.96 16.71 -7.16
C MET A 167 -13.90 15.69 -6.49
N THR A 168 -13.47 15.13 -5.36
CA THR A 168 -14.30 14.14 -4.68
C THR A 168 -14.46 14.39 -3.20
N ARG A 169 -15.47 13.76 -2.60
CA ARG A 169 -15.73 13.79 -1.16
C ARG A 169 -16.28 12.40 -0.88
N GLY A 170 -15.70 11.72 0.12
CA GLY A 170 -16.14 10.36 0.41
C GLY A 170 -16.67 10.10 1.81
N PRO A 171 -17.93 10.49 2.11
CA PRO A 171 -18.54 10.30 3.42
C PRO A 171 -18.77 8.84 3.80
N VAL A 172 -18.91 8.58 5.09
CA VAL A 172 -19.22 7.22 5.54
C VAL A 172 -20.57 7.25 6.25
N VAL A 173 -21.47 6.39 5.78
CA VAL A 173 -22.80 6.26 6.38
C VAL A 173 -22.91 4.85 6.94
N ARG A 174 -23.88 4.63 7.82
CA ARG A 174 -24.11 3.31 8.43
C ARG A 174 -25.57 2.93 8.38
N LEU A 175 -25.81 1.66 8.15
CA LEU A 175 -27.14 1.08 8.11
C LEU A 175 -27.15 0.08 9.27
N PRO A 176 -28.34 -0.41 9.70
CA PRO A 176 -28.40 -1.36 10.81
C PRO A 176 -27.70 -2.69 10.53
N ARG A 177 -27.82 -3.15 9.29
CA ARG A 177 -27.21 -4.41 8.86
C ARG A 177 -26.51 -4.30 7.50
N ALA A 178 -25.60 -5.23 7.23
CA ALA A 178 -24.87 -5.27 5.96
C ALA A 178 -25.85 -5.49 4.81
N CYS A 179 -26.92 -6.25 5.08
CA CYS A 179 -27.96 -6.50 4.06
C CYS A 179 -28.62 -5.18 3.65
N ASP A 180 -28.75 -4.26 4.60
CA ASP A 180 -29.35 -2.96 4.31
C ASP A 180 -28.36 -2.09 3.53
N SER A 181 -27.10 -2.05 3.98
CA SER A 181 -26.10 -1.26 3.25
C SER A 181 -25.96 -1.80 1.82
N ALA A 182 -26.11 -3.12 1.63
CA ALA A 182 -26.03 -3.71 0.29
C ALA A 182 -27.21 -3.19 -0.54
N GLU A 183 -28.37 -3.08 0.10
CA GLU A 183 -29.57 -2.59 -0.58
C GLU A 183 -29.35 -1.14 -1.03
N VAL A 184 -28.78 -0.32 -0.15
CA VAL A 184 -28.51 1.06 -0.50
C VAL A 184 -27.54 1.16 -1.69
N LYS A 185 -26.48 0.34 -1.65
CA LYS A 185 -25.49 0.33 -2.74
C LYS A 185 -26.17 -0.04 -4.06
N ALA A 186 -27.00 -1.08 -4.06
CA ALA A 186 -27.71 -1.50 -5.27
C ALA A 186 -28.63 -0.40 -5.77
N TRP A 187 -29.31 0.26 -4.83
CA TRP A 187 -30.22 1.34 -5.15
C TRP A 187 -29.48 2.50 -5.81
N LEU A 188 -28.34 2.87 -5.24
CA LEU A 188 -27.52 3.95 -5.78
C LEU A 188 -26.97 3.60 -7.17
N GLU A 189 -26.97 2.30 -7.49
CA GLU A 189 -26.48 1.81 -8.77
C GLU A 189 -27.51 1.71 -9.91
N THR A 190 -28.80 1.86 -9.59
CA THR A 190 -29.83 1.85 -10.63
C THR A 190 -29.84 3.25 -11.26
N SER A 191 -30.30 3.35 -12.51
CA SER A 191 -30.35 4.64 -13.19
C SER A 191 -31.28 5.61 -12.46
N GLU A 192 -32.38 5.09 -11.92
CA GLU A 192 -33.33 5.94 -11.20
C GLU A 192 -32.77 6.46 -9.86
N GLY A 193 -32.09 5.60 -9.12
CA GLY A 193 -31.52 6.01 -7.84
C GLY A 193 -30.46 7.09 -8.05
N PHE A 194 -29.59 6.87 -9.03
CA PHE A 194 -28.54 7.83 -9.31
C PHE A 194 -29.11 9.20 -9.73
N ALA A 195 -30.09 9.18 -10.65
CA ALA A 195 -30.75 10.40 -11.12
C ALA A 195 -31.32 11.24 -9.97
N VAL A 196 -31.96 10.57 -9.00
CA VAL A 196 -32.53 11.25 -7.84
C VAL A 196 -31.43 11.94 -7.01
N ILE A 197 -30.31 11.23 -6.80
CA ILE A 197 -29.17 11.77 -6.05
C ILE A 197 -28.49 12.89 -6.82
N LYS A 198 -28.30 12.68 -8.11
CA LYS A 198 -27.68 13.68 -8.98
C LYS A 198 -28.47 14.99 -8.97
N GLU A 199 -29.79 14.89 -9.02
CA GLU A 199 -30.65 16.07 -9.01
C GLU A 199 -30.46 16.84 -7.71
N ALA A 200 -30.49 16.12 -6.60
CA ALA A 200 -30.30 16.73 -5.28
C ALA A 200 -28.93 17.38 -5.13
N PHE A 201 -27.91 16.70 -5.62
CA PHE A 201 -26.53 17.17 -5.55
C PHE A 201 -26.33 18.44 -6.40
N ASP A 202 -26.83 18.37 -7.63
CA ASP A 202 -26.70 19.47 -8.58
C ASP A 202 -27.50 20.73 -8.28
N SER A 203 -28.53 20.62 -7.46
CA SER A 203 -29.37 21.77 -7.12
C SER A 203 -28.64 22.80 -6.23
N THR A 204 -27.55 22.37 -5.60
CA THR A 204 -26.79 23.23 -4.70
C THR A 204 -25.89 24.29 -5.30
N SER A 205 -25.56 24.17 -6.58
CA SER A 205 -24.68 25.13 -7.22
C SER A 205 -24.69 24.97 -8.74
N ARG A 206 -24.30 26.02 -9.45
CA ARG A 206 -24.26 25.99 -10.91
C ARG A 206 -23.16 25.14 -11.49
N PHE A 207 -22.11 24.90 -10.72
CA PHE A 207 -21.01 24.08 -11.21
C PHE A 207 -21.08 22.63 -10.76
N ALA A 208 -21.93 22.37 -9.77
CA ALA A 208 -22.11 21.02 -9.23
C ALA A 208 -22.75 20.12 -10.29
N ARG A 209 -21.93 19.26 -10.87
CA ARG A 209 -22.38 18.30 -11.89
C ARG A 209 -21.91 16.91 -11.48
N LEU A 210 -22.73 16.20 -10.70
CA LEU A 210 -22.37 14.85 -10.23
C LEU A 210 -22.08 13.94 -11.40
N GLN A 211 -20.80 13.57 -11.55
CA GLN A 211 -20.35 12.70 -12.64
C GLN A 211 -20.67 11.25 -12.43
N LYS A 212 -20.07 10.69 -11.40
CA LYS A 212 -20.24 9.28 -11.09
C LYS A 212 -20.25 9.04 -9.59
N LEU A 213 -20.53 7.78 -9.27
CA LEU A 213 -20.58 7.38 -7.88
C LEU A 213 -19.81 6.07 -7.72
N HIS A 214 -18.89 6.07 -6.77
CA HIS A 214 -18.16 4.86 -6.48
C HIS A 214 -18.50 4.53 -5.03
N THR A 215 -19.07 3.36 -4.80
CA THR A 215 -19.43 3.00 -3.45
C THR A 215 -18.68 1.77 -3.03
N SER A 216 -18.38 1.71 -1.75
CA SER A 216 -17.67 0.59 -1.19
C SER A 216 -18.31 0.21 0.15
N ILE A 217 -18.46 -1.08 0.36
CA ILE A 217 -19.06 -1.59 1.58
C ILE A 217 -18.06 -2.23 2.53
N ALA A 218 -18.24 -1.97 3.82
CA ALA A 218 -17.43 -2.62 4.86
C ALA A 218 -18.45 -3.00 5.94
N GLY A 219 -19.02 -4.19 5.80
CA GLY A 219 -20.04 -4.64 6.72
C GLY A 219 -21.26 -3.74 6.60
N ARG A 220 -21.72 -3.19 7.72
CA ARG A 220 -22.88 -2.31 7.68
C ARG A 220 -22.53 -0.86 7.31
N ASN A 221 -21.24 -0.59 7.08
CA ASN A 221 -20.80 0.74 6.66
C ASN A 221 -20.86 0.84 5.14
N LEU A 222 -21.14 2.04 4.64
CA LEU A 222 -21.17 2.28 3.21
C LEU A 222 -20.41 3.57 2.95
N TYR A 223 -19.35 3.48 2.17
CA TYR A 223 -18.54 4.63 1.81
C TYR A 223 -18.98 5.05 0.39
N ILE A 224 -19.31 6.32 0.22
CA ILE A 224 -19.80 6.81 -1.05
C ILE A 224 -18.89 7.92 -1.53
N ARG A 225 -18.27 7.70 -2.67
CA ARG A 225 -17.35 8.69 -3.24
C ARG A 225 -18.06 9.52 -4.31
N PHE A 226 -18.41 10.74 -3.97
CA PHE A 226 -19.07 11.66 -4.89
C PHE A 226 -17.98 12.35 -5.70
N GLN A 227 -18.16 12.42 -7.01
CA GLN A 227 -17.18 13.08 -7.87
C GLN A 227 -17.86 14.09 -8.79
N SER A 228 -17.33 15.30 -8.83
CA SER A 228 -17.93 16.33 -9.66
C SER A 228 -16.97 17.43 -10.04
N ARG A 229 -17.25 18.06 -11.18
CA ARG A 229 -16.44 19.18 -11.64
C ARG A 229 -16.87 20.34 -10.79
N SER A 230 -16.11 21.42 -10.82
CA SER A 230 -16.42 22.57 -9.97
C SER A 230 -15.92 23.88 -10.58
N GLY A 231 -16.12 24.04 -11.87
CA GLY A 231 -15.65 25.25 -12.54
C GLY A 231 -14.15 25.37 -12.35
N ASP A 232 -13.70 26.57 -11.98
CA ASP A 232 -12.29 26.82 -11.76
C ASP A 232 -11.88 26.70 -10.29
N ALA A 233 -12.82 26.32 -9.43
CA ALA A 233 -12.53 26.17 -8.01
C ALA A 233 -11.99 24.77 -7.72
N MET A 234 -11.10 24.65 -6.74
CA MET A 234 -10.54 23.36 -6.34
C MET A 234 -11.76 22.50 -6.00
N GLY A 235 -12.77 23.17 -5.45
CA GLY A 235 -14.05 22.53 -5.18
C GLY A 235 -14.37 21.79 -3.91
N MET A 236 -13.51 21.87 -2.90
CA MET A 236 -13.78 21.16 -1.65
C MET A 236 -15.14 21.60 -1.06
N ASN A 237 -15.32 22.90 -0.84
CA ASN A 237 -16.54 23.45 -0.28
C ASN A 237 -17.81 23.15 -1.11
N MET A 238 -17.72 23.32 -2.42
CA MET A 238 -18.86 23.08 -3.30
C MET A 238 -19.27 21.61 -3.28
N ILE A 239 -18.30 20.71 -3.25
CA ILE A 239 -18.62 19.29 -3.22
C ILE A 239 -19.25 18.90 -1.87
N SER A 240 -18.78 19.51 -0.78
CA SER A 240 -19.31 19.21 0.54
C SER A 240 -20.78 19.59 0.60
N LYS A 241 -21.12 20.79 0.11
CA LYS A 241 -22.52 21.25 0.11
C LYS A 241 -23.37 20.29 -0.72
N GLY A 242 -22.86 19.90 -1.89
CA GLY A 242 -23.57 18.97 -2.73
C GLY A 242 -23.77 17.62 -2.03
N THR A 243 -22.72 17.15 -1.36
CA THR A 243 -22.75 15.87 -0.65
C THR A 243 -23.78 15.90 0.47
N GLU A 244 -23.82 16.99 1.23
CA GLU A 244 -24.79 17.10 2.32
C GLU A 244 -26.23 17.06 1.81
N LYS A 245 -26.50 17.76 0.70
CA LYS A 245 -27.84 17.76 0.12
C LYS A 245 -28.21 16.36 -0.38
N ALA A 246 -27.25 15.71 -1.05
CA ALA A 246 -27.48 14.37 -1.58
C ALA A 246 -27.73 13.32 -0.50
N LEU A 247 -26.97 13.38 0.60
CA LEU A 247 -27.14 12.42 1.70
C LEU A 247 -28.50 12.61 2.38
N SER A 248 -28.91 13.87 2.52
CA SER A 248 -30.20 14.22 3.10
C SER A 248 -31.29 13.56 2.24
N LYS A 249 -31.19 13.68 0.93
CA LYS A 249 -32.16 13.09 0.01
C LYS A 249 -32.15 11.58 0.13
N LEU A 250 -30.95 10.99 0.22
CA LEU A 250 -30.79 9.55 0.33
C LEU A 250 -31.49 9.10 1.61
N HIS A 251 -31.33 9.89 2.66
CA HIS A 251 -31.94 9.59 3.95
C HIS A 251 -33.48 9.46 3.84
N GLU A 252 -34.07 10.22 2.92
CA GLU A 252 -35.54 10.15 2.71
C GLU A 252 -35.95 8.79 2.17
N TYR A 253 -35.06 8.17 1.39
CA TYR A 253 -35.35 6.84 0.84
C TYR A 253 -35.01 5.71 1.82
N PHE A 254 -34.08 5.99 2.72
CA PHE A 254 -33.62 5.02 3.72
C PHE A 254 -33.48 5.75 5.05
N PRO A 255 -34.60 5.96 5.77
CA PRO A 255 -34.64 6.64 7.08
C PRO A 255 -33.79 6.02 8.18
N GLU A 256 -33.47 4.74 8.06
CA GLU A 256 -32.64 4.11 9.07
C GLU A 256 -31.14 4.39 8.89
N MET A 257 -30.79 5.10 7.82
CA MET A 257 -29.40 5.44 7.55
C MET A 257 -28.83 6.52 8.46
N GLN A 258 -27.68 6.23 9.06
CA GLN A 258 -27.01 7.18 9.92
C GLN A 258 -25.81 7.78 9.17
N ILE A 259 -25.73 9.11 9.12
CA ILE A 259 -24.62 9.78 8.48
C ILE A 259 -23.56 9.94 9.56
N LEU A 260 -22.55 9.08 9.53
CA LEU A 260 -21.49 9.09 10.51
C LEU A 260 -20.51 10.26 10.35
N ALA A 261 -20.11 10.55 9.12
CA ALA A 261 -19.20 11.68 8.90
C ALA A 261 -19.20 12.08 7.44
N VAL A 262 -19.31 13.38 7.19
CA VAL A 262 -19.34 13.89 5.81
C VAL A 262 -18.08 13.44 5.04
N SER A 263 -17.02 13.14 5.78
CA SER A 263 -15.80 12.58 5.18
C SER A 263 -15.39 11.34 5.95
N GLY A 264 -15.43 10.21 5.27
CA GLY A 264 -15.03 8.94 5.86
C GLY A 264 -13.66 8.48 5.36
N ASN A 265 -12.84 9.43 4.89
CA ASN A 265 -11.49 9.13 4.38
C ASN A 265 -11.49 8.33 3.07
N TYR A 266 -12.63 8.31 2.40
CA TYR A 266 -12.71 7.60 1.12
C TYR A 266 -12.59 8.59 -0.05
N CYS A 267 -12.27 9.85 0.24
CA CYS A 267 -12.17 10.86 -0.81
C CYS A 267 -11.02 10.57 -1.83
N THR A 268 -9.75 10.49 -1.40
CA THR A 268 -9.29 10.68 -0.04
C THR A 268 -8.57 12.00 -0.05
N ASP A 269 -8.86 12.85 0.92
CA ASP A 269 -8.23 14.18 0.98
C ASP A 269 -7.05 14.31 1.96
N LYS A 270 -5.89 14.74 1.42
CA LYS A 270 -4.66 14.96 2.19
C LYS A 270 -4.00 13.80 2.94
N LYS A 271 -4.28 12.57 2.51
CA LYS A 271 -3.66 11.39 3.09
C LYS A 271 -3.33 10.50 1.90
N PRO A 272 -2.20 9.78 1.95
CA PRO A 272 -1.88 8.92 0.80
C PRO A 272 -2.96 7.82 0.69
N ALA A 273 -3.37 7.50 -0.54
CA ALA A 273 -4.36 6.46 -0.72
C ALA A 273 -4.33 5.92 -2.13
N ALA A 274 -4.44 4.60 -2.26
CA ALA A 274 -4.44 3.98 -3.56
C ALA A 274 -5.63 4.44 -4.40
N ILE A 275 -6.77 4.78 -3.76
CA ILE A 275 -7.93 5.20 -4.52
C ILE A 275 -7.70 6.45 -5.41
N ASN A 276 -6.97 7.44 -4.93
CA ASN A 276 -6.68 8.63 -5.72
C ASN A 276 -5.78 8.26 -6.92
N TRP A 277 -4.83 7.35 -6.68
CA TRP A 277 -3.88 6.90 -7.70
C TRP A 277 -4.59 6.13 -8.81
N ILE A 278 -5.48 5.22 -8.43
CA ILE A 278 -6.20 4.40 -9.38
C ILE A 278 -7.41 5.04 -10.06
N GLU A 279 -8.20 5.81 -9.31
CA GLU A 279 -9.40 6.42 -9.90
C GLU A 279 -9.25 7.90 -10.22
N GLY A 280 -8.17 8.52 -9.74
CA GLY A 280 -7.96 9.93 -9.97
C GLY A 280 -8.73 10.76 -8.97
N ARG A 281 -8.33 12.02 -8.85
CA ARG A 281 -8.97 12.99 -7.97
C ARG A 281 -8.57 14.37 -8.47
N GLY A 282 -9.54 15.25 -8.70
CA GLY A 282 -9.23 16.58 -9.22
C GLY A 282 -8.89 16.40 -10.70
N LYS A 283 -7.70 16.84 -11.09
CA LYS A 283 -7.29 16.68 -12.48
C LYS A 283 -6.24 15.62 -12.77
N SER A 284 -6.56 14.72 -13.67
CA SER A 284 -5.62 13.69 -14.09
C SER A 284 -4.95 14.26 -15.35
N VAL A 285 -3.63 14.28 -15.35
CA VAL A 285 -2.89 14.87 -16.46
C VAL A 285 -1.71 14.04 -16.90
N VAL A 286 -1.41 14.10 -18.19
CA VAL A 286 -0.25 13.43 -18.75
C VAL A 286 0.52 14.46 -19.58
N CYS A 287 1.84 14.40 -19.52
CA CYS A 287 2.70 15.31 -20.27
C CYS A 287 3.80 14.50 -20.92
N GLU A 288 4.36 15.02 -22.01
CA GLU A 288 5.42 14.33 -22.72
C GLU A 288 6.29 15.28 -23.55
N ALA A 289 7.50 14.80 -23.88
CA ALA A 289 8.46 15.54 -24.69
C ALA A 289 9.54 14.58 -25.19
N VAL A 290 10.25 14.99 -26.24
CA VAL A 290 11.35 14.21 -26.78
C VAL A 290 12.54 15.15 -26.77
N ILE A 291 13.63 14.71 -26.13
CA ILE A 291 14.84 15.53 -26.05
C ILE A 291 15.90 14.97 -26.99
N PRO A 292 16.31 15.77 -28.01
CA PRO A 292 17.33 15.36 -28.98
C PRO A 292 18.60 14.97 -28.25
N ALA A 293 19.26 13.90 -28.71
CA ALA A 293 20.49 13.41 -28.10
C ALA A 293 21.49 14.52 -27.84
N LYS A 294 21.63 15.44 -28.80
CA LYS A 294 22.55 16.56 -28.68
C LYS A 294 22.25 17.40 -27.45
N VAL A 295 20.96 17.67 -27.23
CA VAL A 295 20.54 18.45 -26.06
C VAL A 295 20.79 17.70 -24.75
N VAL A 296 20.60 16.38 -24.77
CA VAL A 296 20.81 15.57 -23.56
C VAL A 296 22.30 15.64 -23.20
N ARG A 297 23.11 15.64 -24.25
CA ARG A 297 24.56 15.69 -24.12
C ARG A 297 25.08 17.04 -23.64
N GLU A 298 24.61 18.10 -24.28
CA GLU A 298 25.08 19.47 -23.99
C GLU A 298 24.40 20.26 -22.87
N VAL A 299 23.09 20.11 -22.75
CA VAL A 299 22.36 20.82 -21.71
C VAL A 299 22.26 19.98 -20.42
N LEU A 300 21.90 18.71 -20.56
CA LEU A 300 21.75 17.81 -19.41
C LEU A 300 23.03 17.10 -18.96
N LYS A 301 24.09 17.25 -19.74
CA LYS A 301 25.39 16.67 -19.44
C LYS A 301 25.44 15.16 -19.24
N THR A 302 24.65 14.42 -20.01
CA THR A 302 24.64 12.97 -19.88
C THR A 302 24.17 12.35 -21.20
N THR A 303 23.80 11.08 -21.16
CA THR A 303 23.31 10.38 -22.35
C THR A 303 21.90 9.84 -22.12
N THR A 304 21.22 9.55 -23.22
CA THR A 304 19.88 9.01 -23.16
C THR A 304 19.90 7.66 -22.42
N GLU A 305 20.87 6.82 -22.77
CA GLU A 305 21.02 5.51 -22.17
C GLU A 305 21.20 5.54 -20.63
N ALA A 306 22.00 6.49 -20.15
CA ALA A 306 22.24 6.60 -18.71
C ALA A 306 20.96 7.07 -17.98
N MET A 307 20.27 8.03 -18.58
CA MET A 307 19.02 8.56 -18.02
C MET A 307 17.99 7.42 -17.87
N ILE A 308 17.83 6.62 -18.92
CA ILE A 308 16.89 5.52 -18.94
C ILE A 308 17.18 4.51 -17.84
N GLU A 309 18.44 4.18 -17.68
CA GLU A 309 18.89 3.22 -16.70
C GLU A 309 18.64 3.75 -15.26
N VAL A 310 18.77 5.04 -15.05
CA VAL A 310 18.53 5.63 -13.74
C VAL A 310 17.02 5.66 -13.47
N ASN A 311 16.23 6.05 -14.48
CA ASN A 311 14.79 6.11 -14.33
C ASN A 311 14.16 4.75 -13.96
N ILE A 312 14.58 3.70 -14.67
CA ILE A 312 14.05 2.38 -14.42
C ILE A 312 14.43 1.85 -13.04
N ASN A 313 15.71 1.97 -12.69
CA ASN A 313 16.16 1.42 -11.42
C ASN A 313 15.92 2.26 -10.17
N LYS A 314 15.61 3.53 -10.35
CA LYS A 314 15.31 4.44 -9.25
C LYS A 314 13.80 4.64 -9.14
N ASN A 315 13.20 5.22 -10.19
CA ASN A 315 11.77 5.52 -10.22
C ASN A 315 10.81 4.35 -10.35
N LEU A 316 11.26 3.23 -10.93
CA LEU A 316 10.40 2.07 -11.01
C LEU A 316 10.80 1.01 -9.97
N VAL A 317 11.98 0.43 -10.14
CA VAL A 317 12.43 -0.61 -9.21
C VAL A 317 12.66 -0.10 -7.80
N GLY A 318 13.32 1.04 -7.66
CA GLY A 318 13.55 1.59 -6.33
C GLY A 318 12.26 1.87 -5.56
N SER A 319 11.35 2.57 -6.20
CA SER A 319 10.05 2.89 -5.58
C SER A 319 9.31 1.58 -5.25
N ALA A 320 9.45 0.57 -6.11
CA ALA A 320 8.83 -0.72 -5.85
C ALA A 320 9.40 -1.36 -4.59
N MET A 321 10.73 -1.37 -4.45
CA MET A 321 11.37 -1.98 -3.26
C MET A 321 10.99 -1.24 -1.96
N ALA A 322 10.71 0.05 -2.08
CA ALA A 322 10.33 0.88 -0.95
C ALA A 322 8.86 0.70 -0.59
N GLY A 323 8.12 -0.02 -1.42
CA GLY A 323 6.69 -0.23 -1.18
C GLY A 323 5.88 1.03 -1.40
N SER A 324 6.15 1.73 -2.49
CA SER A 324 5.45 2.97 -2.83
C SER A 324 4.16 2.77 -3.60
N ILE A 325 3.17 3.60 -3.29
CA ILE A 325 1.92 3.59 -4.06
C ILE A 325 1.88 5.00 -4.63
N GLY A 326 2.05 5.14 -5.93
CA GLY A 326 2.00 6.44 -6.58
C GLY A 326 3.24 7.33 -6.53
N GLY A 327 4.33 6.82 -5.96
CA GLY A 327 5.54 7.62 -5.88
C GLY A 327 6.64 7.11 -6.81
N TYR A 328 6.31 6.96 -8.09
CA TYR A 328 7.26 6.48 -9.10
C TYR A 328 7.87 7.65 -9.87
N ASN A 329 8.49 8.55 -9.12
CA ASN A 329 9.08 9.76 -9.66
C ASN A 329 10.26 10.17 -8.78
N ALA A 330 11.02 11.16 -9.24
CA ALA A 330 12.19 11.58 -8.49
C ALA A 330 11.88 12.66 -7.47
N HIS A 331 11.18 13.70 -7.89
CA HIS A 331 10.85 14.76 -6.95
C HIS A 331 9.70 15.68 -7.36
N ALA A 332 8.63 15.09 -7.85
CA ALA A 332 7.46 15.86 -8.24
C ALA A 332 6.97 16.75 -7.10
N ALA A 333 7.05 16.26 -5.87
CA ALA A 333 6.61 17.03 -4.71
C ALA A 333 7.29 18.39 -4.59
N ASN A 334 8.57 18.49 -4.99
CA ASN A 334 9.27 19.77 -4.94
C ASN A 334 8.64 20.82 -5.83
N ILE A 335 8.35 20.44 -7.07
CA ILE A 335 7.75 21.36 -8.03
C ILE A 335 6.31 21.68 -7.65
N VAL A 336 5.52 20.63 -7.35
CA VAL A 336 4.13 20.85 -6.98
C VAL A 336 4.04 21.82 -5.79
N THR A 337 4.89 21.62 -4.78
CA THR A 337 4.84 22.46 -3.60
C THR A 337 5.18 23.93 -3.85
N ALA A 338 6.28 24.16 -4.58
CA ALA A 338 6.74 25.50 -4.91
C ALA A 338 5.67 26.25 -5.70
N ILE A 339 5.08 25.60 -6.70
CA ILE A 339 4.05 26.28 -7.48
C ILE A 339 2.78 26.50 -6.65
N TYR A 340 2.42 25.52 -5.82
CA TYR A 340 1.22 25.63 -4.99
C TYR A 340 1.30 26.82 -4.04
N ILE A 341 2.45 26.98 -3.38
CA ILE A 341 2.63 28.10 -2.45
C ILE A 341 2.59 29.46 -3.19
N ALA A 342 3.25 29.52 -4.36
CA ALA A 342 3.29 30.75 -5.13
C ALA A 342 1.93 31.13 -5.70
N CYS A 343 1.12 30.13 -6.07
CA CYS A 343 -0.17 30.40 -6.67
C CYS A 343 -1.40 30.32 -5.76
N GLY A 344 -1.17 30.37 -4.45
CA GLY A 344 -2.29 30.33 -3.52
C GLY A 344 -3.09 29.04 -3.41
N GLN A 345 -2.49 27.90 -3.75
CA GLN A 345 -3.16 26.62 -3.64
C GLN A 345 -3.04 26.14 -2.20
N ASP A 346 -3.72 25.04 -1.90
CA ASP A 346 -3.64 24.48 -0.56
C ASP A 346 -2.39 23.58 -0.57
N ALA A 347 -1.33 24.02 0.08
CA ALA A 347 -0.09 23.25 0.08
C ALA A 347 -0.15 21.86 0.72
N ALA A 348 -1.07 21.67 1.67
CA ALA A 348 -1.24 20.37 2.33
C ALA A 348 -1.68 19.33 1.30
N GLN A 349 -2.26 19.80 0.19
CA GLN A 349 -2.70 18.89 -0.88
C GLN A 349 -1.55 18.34 -1.71
N ASN A 350 -0.33 18.70 -1.34
CA ASN A 350 0.85 18.19 -2.02
C ASN A 350 0.91 16.67 -1.79
N VAL A 351 0.26 16.19 -0.73
CA VAL A 351 0.26 14.76 -0.42
C VAL A 351 -0.25 13.90 -1.59
N GLY A 352 -1.47 14.14 -2.06
CA GLY A 352 -1.96 13.40 -3.20
C GLY A 352 -1.63 14.02 -4.57
N SER A 353 -1.57 15.36 -4.61
CA SER A 353 -1.29 16.08 -5.85
C SER A 353 0.06 15.71 -6.49
N SER A 354 1.00 15.30 -5.65
CA SER A 354 2.33 14.89 -6.04
C SER A 354 2.40 13.51 -6.68
N ASN A 355 1.33 12.73 -6.62
CA ASN A 355 1.34 11.40 -7.26
C ASN A 355 1.85 11.52 -8.71
N CYS A 356 2.81 10.70 -9.09
CA CYS A 356 3.37 10.78 -10.42
C CYS A 356 4.20 9.58 -10.82
N ILE A 357 4.04 9.13 -12.07
CA ILE A 357 4.87 8.08 -12.60
C ILE A 357 5.66 8.68 -13.80
N THR A 358 6.97 8.74 -13.65
CA THR A 358 7.87 9.28 -14.66
C THR A 358 8.45 8.14 -15.50
N LEU A 359 8.26 8.19 -16.82
CA LEU A 359 8.76 7.16 -17.73
C LEU A 359 9.70 7.74 -18.81
N MET A 360 10.76 6.98 -19.11
CA MET A 360 11.76 7.38 -20.07
C MET A 360 12.11 6.24 -21.00
N GLU A 361 12.26 6.55 -22.28
CA GLU A 361 12.64 5.54 -23.26
C GLU A 361 13.39 6.09 -24.47
N ALA A 362 14.16 5.21 -25.12
CA ALA A 362 14.94 5.54 -26.29
C ALA A 362 13.97 5.84 -27.44
N SER A 363 14.23 6.93 -28.16
CA SER A 363 13.40 7.38 -29.27
C SER A 363 14.27 7.84 -30.45
N GLY A 364 13.63 8.02 -31.61
CA GLY A 364 14.33 8.49 -32.79
C GLY A 364 14.87 7.47 -33.77
N PRO A 365 15.49 7.94 -34.88
CA PRO A 365 16.09 7.15 -35.97
C PRO A 365 17.19 6.22 -35.47
N THR A 366 18.12 6.77 -34.69
CA THR A 366 19.21 5.98 -34.14
C THR A 366 18.96 5.51 -32.69
N ASN A 367 17.77 5.81 -32.17
CA ASN A 367 17.39 5.41 -30.80
C ASN A 367 18.29 6.08 -29.76
N GLU A 368 18.65 7.33 -30.02
CA GLU A 368 19.51 8.06 -29.10
C GLU A 368 18.85 9.28 -28.48
N ASP A 369 17.63 9.59 -28.94
CA ASP A 369 16.90 10.72 -28.37
C ASP A 369 16.05 10.22 -27.19
N LEU A 370 15.85 11.08 -26.21
CA LEU A 370 15.13 10.74 -25.00
C LEU A 370 13.63 11.04 -24.98
N TYR A 371 12.81 10.00 -24.90
CA TYR A 371 11.36 10.21 -24.77
C TYR A 371 11.06 10.21 -23.25
N ILE A 372 10.32 11.21 -22.80
CA ILE A 372 9.96 11.30 -21.39
C ILE A 372 8.49 11.66 -21.21
N SER A 373 7.83 11.00 -20.25
CA SER A 373 6.44 11.29 -19.93
C SER A 373 6.23 11.27 -18.40
N CYS A 374 5.31 12.12 -17.94
CA CYS A 374 4.94 12.21 -16.54
C CYS A 374 3.42 12.14 -16.53
N THR A 375 2.88 11.22 -15.72
CA THR A 375 1.45 11.02 -15.59
C THR A 375 1.08 11.29 -14.13
N MET A 376 0.23 12.29 -13.93
CA MET A 376 -0.21 12.71 -12.59
C MET A 376 -1.73 12.62 -12.53
N PRO A 377 -2.23 11.54 -11.92
CA PRO A 377 -3.66 11.26 -11.77
C PRO A 377 -4.46 12.09 -10.84
N SER A 378 -3.82 12.79 -9.91
CA SER A 378 -4.58 13.52 -8.91
C SER A 378 -4.09 14.89 -8.48
N ILE A 379 -4.03 15.82 -9.42
CA ILE A 379 -3.63 17.19 -9.15
C ILE A 379 -4.87 17.96 -8.62
N GLU A 380 -4.84 18.34 -7.35
CA GLU A 380 -5.97 19.04 -6.73
C GLU A 380 -5.63 20.52 -6.81
N ILE A 381 -6.37 21.22 -7.66
CA ILE A 381 -6.03 22.60 -7.93
C ILE A 381 -7.22 23.50 -8.28
N GLY A 382 -6.99 24.81 -8.21
CA GLY A 382 -8.03 25.79 -8.52
C GLY A 382 -7.46 27.18 -8.71
N THR A 383 -8.20 28.03 -9.41
CA THR A 383 -7.76 29.39 -9.67
C THR A 383 -8.73 30.41 -9.06
N VAL A 384 -9.74 29.89 -8.37
CA VAL A 384 -10.74 30.71 -7.69
C VAL A 384 -10.90 30.19 -6.26
N GLY A 385 -11.06 31.11 -5.31
CA GLY A 385 -11.24 30.72 -3.92
C GLY A 385 -10.00 30.41 -3.10
N GLY A 386 -10.19 30.32 -1.79
CA GLY A 386 -9.08 30.02 -0.88
C GLY A 386 -8.00 31.07 -0.95
N GLY A 387 -6.75 30.61 -1.05
CA GLY A 387 -5.62 31.52 -1.13
C GLY A 387 -5.52 32.28 -2.44
N THR A 388 -6.23 31.84 -3.47
CA THR A 388 -6.17 32.53 -4.75
C THR A 388 -6.94 33.85 -4.73
N ASN A 389 -7.62 34.13 -3.62
CA ASN A 389 -8.37 35.38 -3.46
C ASN A 389 -7.46 36.51 -3.00
N LEU A 390 -6.22 36.20 -2.62
CA LEU A 390 -5.27 37.19 -2.14
C LEU A 390 -4.49 37.78 -3.32
N LEU A 391 -4.16 39.07 -3.24
CA LEU A 391 -3.46 39.76 -4.34
C LEU A 391 -2.09 39.22 -4.75
N PRO A 392 -1.15 39.02 -3.79
CA PRO A 392 0.16 38.49 -4.18
C PRO A 392 0.07 37.16 -4.94
N GLN A 393 -0.77 36.23 -4.46
CA GLN A 393 -0.90 34.96 -5.17
C GLN A 393 -1.63 35.14 -6.51
N GLN A 394 -2.51 36.14 -6.61
CA GLN A 394 -3.19 36.42 -7.87
C GLN A 394 -2.19 36.89 -8.93
N ALA A 395 -1.13 37.55 -8.47
CA ALA A 395 -0.07 38.04 -9.34
C ALA A 395 0.64 36.88 -10.02
N CYS A 396 0.94 35.84 -9.23
CA CYS A 396 1.62 34.65 -9.77
C CYS A 396 0.69 33.92 -10.74
N LEU A 397 -0.60 33.88 -10.41
CA LEU A 397 -1.60 33.26 -11.29
C LEU A 397 -1.74 34.06 -12.61
N GLN A 398 -1.70 35.39 -12.51
CA GLN A 398 -1.82 36.27 -13.69
C GLN A 398 -0.60 36.07 -14.58
N MET A 399 0.55 35.93 -13.94
CA MET A 399 1.81 35.70 -14.63
C MET A 399 1.66 34.49 -15.56
N LEU A 400 0.83 33.51 -15.16
CA LEU A 400 0.58 32.30 -15.96
C LEU A 400 -0.64 32.45 -16.87
N GLY A 401 -1.41 33.52 -16.64
CA GLY A 401 -2.60 33.80 -17.43
C GLY A 401 -3.79 32.93 -17.06
N VAL A 402 -3.85 32.50 -15.81
CA VAL A 402 -4.94 31.63 -15.36
C VAL A 402 -5.67 32.13 -14.12
N GLN A 403 -5.50 33.39 -13.76
CA GLN A 403 -6.13 33.92 -12.57
C GLN A 403 -7.66 33.99 -12.66
N GLY A 404 -8.32 33.61 -11.56
CA GLY A 404 -9.77 33.64 -11.50
C GLY A 404 -10.54 32.75 -12.46
N ALA A 405 -11.85 32.98 -12.47
CA ALA A 405 -12.78 32.25 -13.30
C ALA A 405 -12.60 32.49 -14.78
N CYS A 406 -12.90 31.46 -15.57
CA CYS A 406 -12.82 31.57 -17.00
C CYS A 406 -14.27 31.75 -17.46
N LYS A 407 -14.58 32.99 -17.84
CA LYS A 407 -15.91 33.39 -18.29
C LYS A 407 -16.49 32.56 -19.41
N ASP A 408 -15.73 32.47 -20.51
CA ASP A 408 -16.17 31.75 -21.70
C ASP A 408 -16.07 30.22 -21.71
N ASN A 409 -15.33 29.67 -20.75
CA ASN A 409 -15.14 28.22 -20.67
C ASN A 409 -14.74 27.80 -19.24
N PRO A 410 -15.74 27.76 -18.32
CA PRO A 410 -15.57 27.40 -16.90
C PRO A 410 -14.70 26.18 -16.66
N GLY A 411 -13.69 26.35 -15.81
CA GLY A 411 -12.78 25.26 -15.49
C GLY A 411 -11.49 25.25 -16.28
N GLU A 412 -11.51 25.91 -17.43
CA GLU A 412 -10.34 25.96 -18.32
C GLU A 412 -9.09 26.55 -17.67
N ASN A 413 -9.25 27.56 -16.81
CA ASN A 413 -8.08 28.16 -16.15
C ASN A 413 -7.44 27.13 -15.20
N ALA A 414 -8.28 26.42 -14.44
CA ALA A 414 -7.79 25.41 -13.51
C ALA A 414 -7.13 24.26 -14.28
N ARG A 415 -7.73 23.86 -15.41
CA ARG A 415 -7.15 22.81 -16.22
C ARG A 415 -5.80 23.24 -16.77
N GLN A 416 -5.72 24.50 -17.21
CA GLN A 416 -4.48 25.04 -17.76
C GLN A 416 -3.41 25.02 -16.68
N LEU A 417 -3.79 25.40 -15.46
CA LEU A 417 -2.84 25.40 -14.34
C LEU A 417 -2.35 23.98 -14.06
N ALA A 418 -3.25 23.00 -14.09
CA ALA A 418 -2.85 21.60 -13.87
C ALA A 418 -1.85 21.16 -14.96
N ARG A 419 -2.10 21.54 -16.22
CA ARG A 419 -1.18 21.18 -17.31
C ARG A 419 0.19 21.80 -17.06
N ILE A 420 0.19 23.05 -16.60
CA ILE A 420 1.44 23.76 -16.32
C ILE A 420 2.22 23.04 -15.21
N VAL A 421 1.50 22.61 -14.16
CA VAL A 421 2.13 21.89 -13.07
C VAL A 421 2.73 20.58 -13.58
N CYS A 422 1.99 19.85 -14.41
CA CYS A 422 2.51 18.59 -14.94
C CYS A 422 3.74 18.79 -15.82
N GLY A 423 3.74 19.86 -16.62
CA GLY A 423 4.87 20.17 -17.50
C GLY A 423 6.09 20.60 -16.72
N THR A 424 5.89 21.41 -15.69
CA THR A 424 7.01 21.87 -14.86
C THR A 424 7.60 20.67 -14.10
N VAL A 425 6.74 19.77 -13.60
CA VAL A 425 7.23 18.57 -12.90
C VAL A 425 8.12 17.80 -13.88
N MET A 426 7.67 17.62 -15.12
CA MET A 426 8.47 16.90 -16.12
C MET A 426 9.84 17.61 -16.33
N ALA A 427 9.85 18.95 -16.34
CA ALA A 427 11.12 19.66 -16.50
C ALA A 427 11.98 19.36 -15.26
N GLY A 428 11.35 19.35 -14.08
CA GLY A 428 12.07 19.05 -12.86
C GLY A 428 12.66 17.64 -12.85
N GLU A 429 11.89 16.65 -13.32
CA GLU A 429 12.34 15.25 -13.39
C GLU A 429 13.51 15.09 -14.38
N LEU A 430 13.42 15.77 -15.52
CA LEU A 430 14.49 15.73 -16.53
C LEU A 430 15.83 16.18 -15.95
N SER A 431 15.81 17.36 -15.35
CA SER A 431 17.00 17.96 -14.76
C SER A 431 17.63 17.17 -13.62
N LEU A 432 16.82 16.82 -12.61
CA LEU A 432 17.35 16.05 -11.49
C LEU A 432 17.85 14.68 -11.93
N MET A 433 17.12 14.01 -12.82
CA MET A 433 17.58 12.69 -13.27
C MET A 433 18.90 12.78 -14.04
N ALA A 434 19.08 13.84 -14.82
CA ALA A 434 20.32 14.05 -15.59
C ALA A 434 21.48 14.18 -14.60
N ALA A 435 21.30 14.99 -13.57
CA ALA A 435 22.34 15.18 -12.57
C ALA A 435 22.66 13.87 -11.86
N LEU A 436 21.64 13.07 -11.52
CA LEU A 436 21.91 11.81 -10.84
C LEU A 436 22.63 10.86 -11.78
N ALA A 437 22.23 10.87 -13.05
CA ALA A 437 22.79 10.00 -14.07
C ALA A 437 24.24 10.36 -14.36
N ALA A 438 24.58 11.65 -14.30
CA ALA A 438 25.94 12.13 -14.54
C ALA A 438 26.79 11.84 -13.31
N GLY A 439 26.09 11.56 -12.20
CA GLY A 439 26.68 11.20 -10.90
C GLY A 439 27.75 12.03 -10.26
N HIS A 440 28.91 11.96 -10.92
CA HIS A 440 30.16 12.62 -10.54
C HIS A 440 31.18 11.97 -11.53
N SER B 42 21.87 53.20 -15.36
CA SER B 42 20.43 53.23 -14.97
C SER B 42 19.70 51.95 -15.41
N ASP B 43 18.50 51.74 -14.85
CA ASP B 43 17.69 50.56 -15.17
C ASP B 43 17.45 50.45 -16.67
N ALA B 44 17.07 51.55 -17.30
CA ALA B 44 16.84 51.57 -18.74
C ALA B 44 18.09 51.09 -19.49
N GLU B 45 19.25 51.50 -18.99
CA GLU B 45 20.54 51.14 -19.58
C GLU B 45 20.89 49.66 -19.37
N ILE B 46 20.73 49.18 -18.14
CA ILE B 46 21.02 47.78 -17.84
C ILE B 46 20.07 46.87 -18.61
N ILE B 47 18.85 47.34 -18.83
CA ILE B 47 17.83 46.58 -19.56
C ILE B 47 18.20 46.36 -21.03
N GLN B 48 18.72 47.39 -21.70
CA GLN B 48 19.11 47.21 -23.10
C GLN B 48 20.44 46.45 -23.21
N LEU B 49 21.29 46.59 -22.19
CA LEU B 49 22.58 45.92 -22.15
C LEU B 49 22.33 44.41 -22.03
N VAL B 50 21.35 44.05 -21.20
CA VAL B 50 20.97 42.66 -20.97
C VAL B 50 20.24 42.11 -22.20
N ASN B 51 19.35 42.90 -22.78
CA ASN B 51 18.61 42.48 -23.97
C ASN B 51 19.57 42.09 -25.10
N ALA B 52 20.82 42.55 -24.98
CA ALA B 52 21.86 42.20 -25.93
C ALA B 52 22.41 40.87 -25.39
N LYS B 53 21.58 39.83 -25.59
CA LYS B 53 21.82 38.44 -25.19
C LYS B 53 22.86 38.07 -24.13
N HIS B 54 24.12 38.46 -24.38
CA HIS B 54 25.27 38.20 -23.49
C HIS B 54 24.96 37.69 -22.07
N ILE B 55 24.27 38.53 -21.29
CA ILE B 55 23.90 38.21 -19.91
C ILE B 55 22.44 37.75 -19.80
N PRO B 56 22.21 36.58 -19.17
CA PRO B 56 20.86 36.03 -18.98
C PRO B 56 20.27 36.66 -17.73
N ALA B 57 18.94 36.73 -17.67
CA ALA B 57 18.23 37.31 -16.52
C ALA B 57 18.73 36.84 -15.15
N TYR B 58 19.15 35.57 -15.05
CA TYR B 58 19.65 35.03 -13.78
C TYR B 58 21.09 35.39 -13.41
N LYS B 59 21.76 36.11 -14.30
CA LYS B 59 23.13 36.56 -14.07
C LYS B 59 23.12 38.02 -13.63
N LEU B 60 22.02 38.45 -13.01
CA LEU B 60 21.87 39.83 -12.53
C LEU B 60 22.45 40.04 -11.14
N GLU B 61 22.52 38.98 -10.35
CA GLU B 61 23.08 39.07 -9.00
C GLU B 61 24.60 39.05 -9.05
N THR B 62 25.14 38.77 -10.23
CA THR B 62 26.59 38.74 -10.42
C THR B 62 27.08 40.11 -10.91
N LEU B 63 26.33 40.72 -11.81
CA LEU B 63 26.66 42.04 -12.36
C LEU B 63 26.33 43.18 -11.40
N ILE B 64 25.05 43.55 -11.40
CA ILE B 64 24.49 44.61 -10.56
C ILE B 64 24.99 44.55 -9.12
N GLU B 65 25.44 45.68 -8.61
CA GLU B 65 25.98 45.78 -7.27
C GLU B 65 24.95 46.07 -6.18
N THR B 66 23.97 45.18 -6.06
CA THR B 66 22.90 45.25 -5.05
C THR B 66 21.75 44.27 -5.32
N HIS B 67 21.34 43.56 -4.28
CA HIS B 67 20.29 42.56 -4.35
C HIS B 67 18.91 43.02 -4.79
N GLU B 68 18.34 43.99 -4.06
CA GLU B 68 17.00 44.49 -4.38
C GLU B 68 16.86 45.05 -5.80
N ARG B 69 17.90 45.75 -6.30
CA ARG B 69 17.84 46.32 -7.64
C ARG B 69 17.90 45.20 -8.67
N GLY B 70 18.65 44.14 -8.36
CA GLY B 70 18.74 43.01 -9.25
C GLY B 70 17.34 42.44 -9.46
N VAL B 71 16.60 42.35 -8.37
CA VAL B 71 15.23 41.85 -8.40
C VAL B 71 14.33 42.75 -9.26
N SER B 72 14.38 44.06 -9.00
CA SER B 72 13.59 45.03 -9.75
C SER B 72 13.85 44.91 -11.25
N ILE B 73 15.13 44.79 -11.61
CA ILE B 73 15.51 44.64 -13.01
C ILE B 73 15.01 43.32 -13.60
N ARG B 74 15.09 42.25 -12.83
CA ARG B 74 14.59 40.95 -13.32
C ARG B 74 13.08 41.04 -13.57
N ARG B 75 12.36 41.73 -12.68
CA ARG B 75 10.93 41.91 -12.82
C ARG B 75 10.52 42.65 -14.09
N GLN B 76 11.16 43.80 -14.36
CA GLN B 76 10.88 44.63 -15.54
C GLN B 76 11.11 43.81 -16.81
N LEU B 77 12.22 43.06 -16.85
CA LEU B 77 12.52 42.20 -17.99
C LEU B 77 11.45 41.14 -18.20
N LEU B 78 11.01 40.52 -17.10
CA LEU B 78 9.99 39.48 -17.17
C LEU B 78 8.62 40.03 -17.58
N SER B 79 8.28 41.21 -17.07
CA SER B 79 7.00 41.86 -17.37
C SER B 79 6.68 41.99 -18.85
N LYS B 80 7.70 42.20 -19.67
CA LYS B 80 7.52 42.35 -21.11
C LYS B 80 7.34 41.02 -21.85
N LYS B 81 7.58 39.90 -21.16
CA LYS B 81 7.40 38.58 -21.76
C LYS B 81 6.01 38.03 -21.41
N LEU B 82 5.27 38.78 -20.62
CA LEU B 82 3.95 38.38 -20.16
C LEU B 82 2.76 38.86 -20.98
N SER B 83 1.77 37.98 -21.15
CA SER B 83 0.57 38.32 -21.89
C SER B 83 -0.15 39.45 -21.16
N GLU B 84 0.26 39.68 -19.91
CA GLU B 84 -0.29 40.75 -19.05
C GLU B 84 0.91 41.35 -18.31
N PRO B 85 1.61 42.30 -18.94
CA PRO B 85 2.79 43.01 -18.43
C PRO B 85 2.69 43.57 -17.01
N SER B 86 1.47 43.81 -16.55
CA SER B 86 1.27 44.35 -15.21
C SER B 86 0.94 43.30 -14.14
N SER B 87 0.95 42.02 -14.52
CA SER B 87 0.61 40.96 -13.55
C SER B 87 1.41 40.94 -12.25
N LEU B 88 2.66 41.41 -12.28
CA LEU B 88 3.53 41.44 -11.10
C LEU B 88 3.27 42.58 -10.11
N GLN B 89 2.40 43.52 -10.47
CA GLN B 89 2.07 44.67 -9.64
C GLN B 89 1.90 44.37 -8.14
N TYR B 90 1.08 43.39 -7.80
CA TYR B 90 0.85 43.05 -6.39
C TYR B 90 1.77 42.00 -5.74
N LEU B 91 2.81 41.58 -6.45
CA LEU B 91 3.78 40.62 -5.93
C LEU B 91 4.87 41.46 -5.26
N PRO B 92 4.96 41.43 -3.92
CA PRO B 92 5.94 42.20 -3.16
C PRO B 92 7.39 41.81 -3.45
N TYR B 93 8.31 42.72 -3.17
CA TYR B 93 9.74 42.46 -3.39
C TYR B 93 10.64 43.45 -2.64
N ARG B 94 10.07 44.57 -2.22
CA ARG B 94 10.82 45.61 -1.53
C ARG B 94 11.09 45.40 -0.06
N ASP B 95 12.22 45.90 0.39
CA ASP B 95 12.63 45.85 1.79
C ASP B 95 12.72 44.46 2.41
N TYR B 96 13.11 43.48 1.60
CA TYR B 96 13.27 42.11 2.08
C TYR B 96 14.77 41.81 2.14
N ASN B 97 15.18 41.11 3.19
CA ASN B 97 16.58 40.77 3.37
C ASN B 97 17.03 39.63 2.43
N TYR B 98 17.37 39.98 1.20
CA TYR B 98 17.80 39.02 0.20
C TYR B 98 19.20 38.47 0.36
N SER B 99 19.97 39.06 1.27
CA SER B 99 21.35 38.62 1.48
C SER B 99 21.43 37.14 1.83
N LEU B 100 20.54 36.70 2.69
CA LEU B 100 20.47 35.31 3.14
C LEU B 100 19.82 34.35 2.12
N VAL B 101 19.07 34.90 1.17
CA VAL B 101 18.37 34.11 0.15
C VAL B 101 19.20 33.80 -1.10
N MET B 102 19.87 34.82 -1.64
CA MET B 102 20.66 34.66 -2.86
C MET B 102 21.84 33.70 -2.71
N GLY B 103 21.86 32.64 -3.51
CA GLY B 103 22.94 31.67 -3.44
C GLY B 103 22.86 30.69 -2.27
N ALA B 104 21.67 30.49 -1.73
CA ALA B 104 21.46 29.56 -0.62
C ALA B 104 20.06 28.97 -0.57
N CYS B 105 19.05 29.78 -0.91
CA CYS B 105 17.66 29.32 -0.85
C CYS B 105 16.81 29.42 -2.09
N CYS B 106 17.18 30.28 -3.05
CA CYS B 106 16.36 30.46 -4.25
C CYS B 106 17.14 31.16 -5.38
N GLU B 107 16.72 30.93 -6.63
CA GLU B 107 17.37 31.55 -7.78
C GLU B 107 16.35 32.29 -8.62
N ASN B 108 16.82 33.17 -9.51
CA ASN B 108 15.95 33.98 -10.39
C ASN B 108 14.84 34.61 -9.56
N VAL B 109 15.21 35.20 -8.44
CA VAL B 109 14.26 35.79 -7.52
C VAL B 109 13.57 37.02 -8.09
N ILE B 110 12.24 37.03 -8.01
CA ILE B 110 11.44 38.13 -8.51
C ILE B 110 10.57 38.73 -7.42
N GLY B 111 10.87 38.37 -6.19
CA GLY B 111 10.09 38.87 -5.06
C GLY B 111 9.86 37.81 -4.00
N TYR B 112 8.75 37.93 -3.27
CA TYR B 112 8.44 36.97 -2.23
C TYR B 112 6.94 36.82 -2.06
N MET B 113 6.52 35.66 -1.56
CA MET B 113 5.11 35.38 -1.37
C MET B 113 4.75 35.38 0.11
N PRO B 114 3.89 36.33 0.53
CA PRO B 114 3.47 36.41 1.94
C PRO B 114 2.38 35.40 2.28
N ILE B 115 2.63 34.58 3.29
CA ILE B 115 1.65 33.60 3.74
C ILE B 115 1.19 34.04 5.13
N PRO B 116 -0.12 34.27 5.32
CA PRO B 116 -0.58 34.69 6.65
C PRO B 116 -0.13 33.69 7.75
N VAL B 117 0.32 34.22 8.89
CA VAL B 117 0.74 33.39 10.01
C VAL B 117 -0.20 33.60 11.19
N GLY B 118 -0.85 32.53 11.61
CA GLY B 118 -1.77 32.61 12.74
C GLY B 118 -1.13 31.92 13.93
N VAL B 119 -1.73 32.03 15.11
CA VAL B 119 -1.16 31.38 16.28
C VAL B 119 -2.19 30.55 17.01
N ALA B 120 -1.81 29.33 17.37
CA ALA B 120 -2.69 28.42 18.08
C ALA B 120 -2.04 28.05 19.39
N GLY B 121 -2.81 28.11 20.48
CA GLY B 121 -2.27 27.78 21.77
C GLY B 121 -2.95 28.45 22.95
N PRO B 122 -2.42 28.27 24.17
CA PRO B 122 -1.22 27.49 24.45
C PRO B 122 -1.41 25.99 24.27
N LEU B 123 -0.33 25.31 23.89
CA LEU B 123 -0.36 23.86 23.72
C LEU B 123 0.40 23.34 24.93
N CYS B 124 -0.31 22.65 25.81
CA CYS B 124 0.27 22.11 27.03
C CYS B 124 0.87 20.75 26.70
N LEU B 125 2.18 20.73 26.53
CA LEU B 125 2.89 19.53 26.15
C LEU B 125 4.10 19.27 27.03
N ASP B 126 4.13 18.09 27.65
CA ASP B 126 5.22 17.69 28.53
C ASP B 126 5.50 18.75 29.63
N GLU B 127 4.42 19.24 30.23
CA GLU B 127 4.49 20.24 31.30
C GLU B 127 5.01 21.63 30.89
N LYS B 128 4.97 21.92 29.59
CA LYS B 128 5.39 23.23 29.09
C LYS B 128 4.22 23.81 28.30
N GLU B 129 4.32 25.08 27.91
CA GLU B 129 3.28 25.72 27.13
C GLU B 129 3.89 26.29 25.86
N PHE B 130 3.30 25.97 24.72
CA PHE B 130 3.82 26.44 23.46
C PHE B 130 2.77 27.26 22.70
N GLN B 131 3.24 28.32 22.04
CA GLN B 131 2.38 29.18 21.22
C GLN B 131 2.84 28.81 19.81
N VAL B 132 2.02 28.00 19.14
CA VAL B 132 2.36 27.47 17.82
C VAL B 132 2.03 28.32 16.59
N PRO B 133 3.06 28.73 15.85
CA PRO B 133 2.90 29.55 14.63
C PRO B 133 2.43 28.64 13.48
N MET B 134 1.42 29.08 12.74
CA MET B 134 0.86 28.32 11.62
C MET B 134 0.65 29.19 10.38
N ALA B 135 1.43 28.92 9.34
CA ALA B 135 1.35 29.68 8.08
C ALA B 135 0.38 28.97 7.15
N THR B 136 -0.76 29.60 6.90
CA THR B 136 -1.78 28.97 6.07
C THR B 136 -2.74 29.97 5.42
N THR B 137 -3.48 29.50 4.42
CA THR B 137 -4.47 30.33 3.74
C THR B 137 -5.82 29.61 3.77
N GLU B 138 -5.93 28.59 4.62
CA GLU B 138 -7.16 27.83 4.76
C GLU B 138 -7.98 28.30 5.99
N GLY B 139 -9.15 28.89 5.74
CA GLY B 139 -9.99 29.42 6.80
C GLY B 139 -10.45 28.40 7.83
N CYS B 140 -10.39 28.78 9.09
CA CYS B 140 -10.80 27.96 10.23
C CYS B 140 -9.78 26.92 10.69
N LEU B 141 -8.67 26.79 9.96
CA LEU B 141 -7.65 25.83 10.35
C LEU B 141 -7.00 26.23 11.69
N VAL B 142 -6.49 27.45 11.78
CA VAL B 142 -5.88 27.93 13.01
C VAL B 142 -6.91 27.92 14.16
N ALA B 143 -8.13 28.41 13.88
CA ALA B 143 -9.18 28.44 14.90
C ALA B 143 -9.54 27.05 15.41
N SER B 144 -9.78 26.10 14.51
CA SER B 144 -10.12 24.73 14.94
C SER B 144 -8.97 24.10 15.70
N THR B 145 -7.73 24.35 15.27
CA THR B 145 -6.56 23.81 15.96
C THR B 145 -6.44 24.43 17.37
N ASN B 146 -6.76 25.73 17.48
CA ASN B 146 -6.71 26.44 18.76
C ASN B 146 -7.72 25.79 19.72
N ARG B 147 -8.90 25.45 19.22
CA ARG B 147 -9.92 24.81 20.03
C ARG B 147 -9.39 23.45 20.55
N GLY B 148 -8.67 22.74 19.68
CA GLY B 148 -8.14 21.45 20.06
C GLY B 148 -7.16 21.63 21.21
N CYS B 149 -6.34 22.68 21.11
CA CYS B 149 -5.35 22.99 22.14
C CYS B 149 -6.03 23.24 23.49
N ARG B 150 -7.17 23.93 23.45
CA ARG B 150 -7.91 24.25 24.66
C ARG B 150 -8.45 23.00 25.33
N ALA B 151 -8.99 22.06 24.55
CA ALA B 151 -9.51 20.83 25.11
C ALA B 151 -8.39 20.06 25.81
N ILE B 152 -7.20 20.06 25.21
CA ILE B 152 -6.05 19.38 25.80
C ILE B 152 -5.61 20.05 27.11
N GLY B 153 -5.55 21.38 27.08
CA GLY B 153 -5.16 22.16 28.24
C GLY B 153 -6.07 21.89 29.43
N LEU B 154 -7.38 21.91 29.19
CA LEU B 154 -8.38 21.63 30.22
C LEU B 154 -8.38 20.16 30.66
N GLY B 155 -7.63 19.33 29.93
CA GLY B 155 -7.56 17.93 30.25
C GLY B 155 -6.32 17.53 31.01
N GLY B 156 -5.49 18.52 31.35
CA GLY B 156 -4.26 18.25 32.08
C GLY B 156 -3.02 18.16 31.20
N GLY B 157 -3.15 18.52 29.94
CA GLY B 157 -2.01 18.47 29.03
C GLY B 157 -1.71 17.17 28.31
N ALA B 158 -0.77 17.24 27.39
CA ALA B 158 -0.37 16.10 26.58
C ALA B 158 1.06 15.69 26.88
N SER B 159 1.38 14.41 26.66
CA SER B 159 2.73 13.88 26.85
C SER B 159 3.21 13.31 25.53
N SER B 160 4.50 13.44 25.25
CA SER B 160 5.07 12.94 24.01
C SER B 160 6.44 12.31 24.25
N ARG B 161 6.85 11.45 23.34
CA ARG B 161 8.13 10.78 23.39
C ARG B 161 8.69 10.63 21.98
N VAL B 162 9.99 10.81 21.85
CA VAL B 162 10.68 10.62 20.58
C VAL B 162 11.17 9.18 20.66
N LEU B 163 10.67 8.35 19.75
CA LEU B 163 11.00 6.92 19.68
C LEU B 163 12.23 6.60 18.87
N ALA B 164 12.55 7.44 17.88
CA ALA B 164 13.71 7.21 17.03
C ALA B 164 14.10 8.51 16.34
N ASP B 165 15.37 8.59 15.95
CA ASP B 165 15.90 9.79 15.31
C ASP B 165 16.96 9.40 14.31
N GLY B 166 16.71 9.64 13.03
CA GLY B 166 17.70 9.32 12.02
C GLY B 166 17.21 9.58 10.62
N MET B 167 17.86 10.53 9.95
CA MET B 167 17.55 10.87 8.57
C MET B 167 18.15 9.74 7.72
N THR B 168 17.64 9.54 6.51
CA THR B 168 18.15 8.47 5.65
C THR B 168 18.41 8.88 4.22
N ARG B 169 19.23 8.10 3.52
CA ARG B 169 19.52 8.30 2.11
C ARG B 169 19.66 6.88 1.58
N GLY B 170 18.94 6.57 0.50
CA GLY B 170 18.98 5.21 -0.02
C GLY B 170 19.45 5.05 -1.45
N PRO B 171 20.78 5.11 -1.71
CA PRO B 171 21.35 4.96 -3.06
C PRO B 171 21.16 3.59 -3.67
N VAL B 172 21.21 3.52 -4.99
CA VAL B 172 21.14 2.23 -5.67
C VAL B 172 22.47 1.98 -6.39
N VAL B 173 23.10 0.83 -6.09
CA VAL B 173 24.34 0.43 -6.74
C VAL B 173 24.05 -0.86 -7.53
N ARG B 174 24.94 -1.20 -8.46
CA ARG B 174 24.79 -2.40 -9.27
C ARG B 174 26.09 -3.21 -9.33
N LEU B 175 25.94 -4.52 -9.32
CA LEU B 175 27.04 -5.45 -9.40
C LEU B 175 26.79 -6.20 -10.70
N PRO B 176 27.81 -6.91 -11.23
CA PRO B 176 27.64 -7.66 -12.48
C PRO B 176 26.59 -8.77 -12.40
N ARG B 177 26.52 -9.42 -11.24
CA ARG B 177 25.58 -10.52 -11.03
C ARG B 177 24.90 -10.44 -9.65
N ALA B 178 23.75 -11.11 -9.53
CA ALA B 178 23.01 -11.15 -8.27
C ALA B 178 23.85 -11.84 -7.20
N CYS B 179 24.67 -12.81 -7.62
CA CYS B 179 25.56 -13.50 -6.68
C CYS B 179 26.55 -12.52 -6.08
N ASP B 180 26.99 -11.53 -6.86
CA ASP B 180 27.92 -10.51 -6.38
C ASP B 180 27.20 -9.54 -5.44
N SER B 181 25.99 -9.08 -5.83
CA SER B 181 25.26 -8.16 -4.94
C SER B 181 24.94 -8.87 -3.62
N ALA B 182 24.69 -10.17 -3.68
CA ALA B 182 24.42 -10.96 -2.48
C ALA B 182 25.66 -10.95 -1.59
N GLU B 183 26.84 -11.05 -2.22
CA GLU B 183 28.11 -11.04 -1.48
C GLU B 183 28.29 -9.69 -0.79
N VAL B 184 28.02 -8.60 -1.51
CA VAL B 184 28.14 -7.26 -0.92
C VAL B 184 27.20 -7.11 0.29
N LYS B 185 25.96 -7.56 0.14
CA LYS B 185 24.98 -7.46 1.23
C LYS B 185 25.51 -8.21 2.45
N ALA B 186 25.99 -9.44 2.24
CA ALA B 186 26.52 -10.25 3.34
C ALA B 186 27.71 -9.56 3.99
N TRP B 187 28.56 -8.97 3.16
CA TRP B 187 29.74 -8.24 3.63
C TRP B 187 29.34 -7.07 4.51
N LEU B 188 28.36 -6.28 4.05
CA LEU B 188 27.87 -5.12 4.79
C LEU B 188 27.23 -5.54 6.11
N GLU B 189 26.85 -6.81 6.19
CA GLU B 189 26.19 -7.36 7.39
C GLU B 189 27.13 -7.91 8.47
N THR B 190 28.40 -8.10 8.15
CA THR B 190 29.37 -8.57 9.15
C THR B 190 29.78 -7.37 10.00
N SER B 191 30.19 -7.61 11.24
CA SER B 191 30.59 -6.51 12.12
C SER B 191 31.78 -5.74 11.55
N GLU B 192 32.69 -6.45 10.90
CA GLU B 192 33.87 -5.80 10.31
C GLU B 192 33.52 -4.94 9.10
N GLY B 193 32.64 -5.44 8.22
CA GLY B 193 32.24 -4.68 7.05
C GLY B 193 31.53 -3.39 7.43
N PHE B 194 30.63 -3.49 8.40
CA PHE B 194 29.88 -2.33 8.87
C PHE B 194 30.81 -1.29 9.49
N ALA B 195 31.71 -1.75 10.37
CA ALA B 195 32.67 -0.85 11.03
C ALA B 195 33.48 -0.03 10.01
N VAL B 196 33.92 -0.68 8.93
CA VAL B 196 34.69 -0.02 7.90
C VAL B 196 33.87 1.08 7.22
N ILE B 197 32.60 0.77 6.94
CA ILE B 197 31.70 1.73 6.29
C ILE B 197 31.34 2.85 7.25
N LYS B 198 31.08 2.49 8.50
CA LYS B 198 30.74 3.47 9.52
C LYS B 198 31.86 4.48 9.70
N GLU B 199 33.10 3.98 9.70
CA GLU B 199 34.26 4.86 9.87
C GLU B 199 34.33 5.86 8.73
N ALA B 200 34.16 5.38 7.51
CA ALA B 200 34.23 6.21 6.33
C ALA B 200 33.10 7.24 6.31
N PHE B 201 31.91 6.82 6.73
CA PHE B 201 30.73 7.67 6.76
C PHE B 201 30.87 8.77 7.82
N ASP B 202 31.31 8.36 9.01
CA ASP B 202 31.46 9.27 10.12
C ASP B 202 32.60 10.29 10.03
N SER B 203 33.58 10.03 9.16
CA SER B 203 34.71 10.92 8.99
C SER B 203 34.35 12.25 8.31
N THR B 204 33.20 12.27 7.63
CA THR B 204 32.72 13.44 6.90
C THR B 204 32.14 14.61 7.69
N SER B 205 31.77 14.38 8.96
CA SER B 205 31.18 15.45 9.77
C SER B 205 31.11 15.04 11.23
N ARG B 206 30.99 16.02 12.11
CA ARG B 206 30.92 15.76 13.54
C ARG B 206 29.61 15.16 14.00
N PHE B 207 28.56 15.36 13.21
CA PHE B 207 27.25 14.84 13.58
C PHE B 207 26.91 13.53 12.89
N ALA B 208 27.68 13.19 11.86
CA ALA B 208 27.50 11.95 11.11
C ALA B 208 27.81 10.76 11.99
N ARG B 209 26.77 10.07 12.45
CA ARG B 209 26.91 8.89 13.29
C ARG B 209 26.07 7.77 12.65
N LEU B 210 26.67 7.00 11.75
CA LEU B 210 25.96 5.91 11.08
C LEU B 210 25.39 4.93 12.09
N GLN B 211 24.07 4.92 12.22
CA GLN B 211 23.35 4.05 13.15
C GLN B 211 23.23 2.63 12.68
N LYS B 212 22.51 2.45 11.59
CA LYS B 212 22.29 1.13 11.05
C LYS B 212 22.26 1.14 9.53
N LEU B 213 22.20 -0.07 8.98
CA LEU B 213 22.18 -0.24 7.55
C LEU B 213 21.07 -1.22 7.20
N HIS B 214 20.22 -0.82 6.28
CA HIS B 214 19.17 -1.71 5.82
C HIS B 214 19.44 -1.86 4.34
N THR B 215 19.66 -3.08 3.89
CA THR B 215 19.93 -3.33 2.49
C THR B 215 18.86 -4.22 1.91
N SER B 216 18.59 -3.99 0.63
CA SER B 216 17.59 -4.76 -0.08
C SER B 216 18.13 -5.04 -1.47
N ILE B 217 17.95 -6.28 -1.92
CA ILE B 217 18.41 -6.71 -3.21
C ILE B 217 17.29 -6.90 -4.22
N ALA B 218 17.56 -6.51 -5.45
CA ALA B 218 16.62 -6.71 -6.56
C ALA B 218 17.55 -7.16 -7.71
N GLY B 219 17.73 -8.47 -7.79
CA GLY B 219 18.60 -9.04 -8.81
C GLY B 219 20.02 -8.55 -8.58
N ARG B 220 20.62 -7.97 -9.61
CA ARG B 220 22.00 -7.48 -9.45
C ARG B 220 22.06 -6.07 -8.85
N ASN B 221 20.90 -5.51 -8.51
CA ASN B 221 20.84 -4.19 -7.88
C ASN B 221 20.88 -4.36 -6.38
N LEU B 222 21.48 -3.39 -5.69
CA LEU B 222 21.54 -3.41 -4.25
C LEU B 222 21.21 -2.02 -3.77
N TYR B 223 20.13 -1.90 -3.00
CA TYR B 223 19.70 -0.62 -2.42
C TYR B 223 20.20 -0.61 -0.99
N ILE B 224 20.87 0.46 -0.61
CA ILE B 224 21.42 0.56 0.73
C ILE B 224 20.84 1.82 1.39
N ARG B 225 20.18 1.61 2.52
CA ARG B 225 19.56 2.71 3.24
C ARG B 225 20.45 3.10 4.41
N PHE B 226 21.15 4.21 4.26
CA PHE B 226 22.03 4.74 5.32
C PHE B 226 21.18 5.58 6.27
N GLN B 227 21.38 5.39 7.56
CA GLN B 227 20.62 6.15 8.52
C GLN B 227 21.58 6.75 9.54
N SER B 228 21.36 8.02 9.88
CA SER B 228 22.23 8.69 10.83
C SER B 228 21.58 9.92 11.44
N ARG B 229 22.01 10.26 12.64
CA ARG B 229 21.50 11.46 13.28
C ARG B 229 22.22 12.61 12.59
N SER B 230 21.81 13.84 12.85
CA SER B 230 22.43 14.99 12.22
C SER B 230 22.29 16.25 13.07
N GLY B 231 22.54 16.11 14.36
CA GLY B 231 22.40 17.24 15.24
C GLY B 231 21.01 17.83 15.06
N ASP B 232 20.94 19.15 14.94
CA ASP B 232 19.66 19.83 14.78
C ASP B 232 19.29 20.11 13.33
N ALA B 233 20.08 19.59 12.39
CA ALA B 233 19.80 19.77 10.97
C ALA B 233 18.86 18.66 10.48
N MET B 234 18.03 18.97 9.48
CA MET B 234 17.14 17.96 8.89
C MET B 234 18.10 16.87 8.37
N GLY B 235 19.28 17.30 7.96
CA GLY B 235 20.34 16.40 7.53
C GLY B 235 20.48 15.83 6.16
N MET B 236 19.69 16.30 5.20
CA MET B 236 19.75 15.77 3.85
C MET B 236 21.16 15.87 3.27
N ASN B 237 21.68 17.10 3.17
CA ASN B 237 23.01 17.31 2.60
C ASN B 237 24.11 16.57 3.37
N MET B 238 24.05 16.62 4.68
CA MET B 238 25.02 15.94 5.52
C MET B 238 25.04 14.44 5.24
N ILE B 239 23.86 13.81 5.19
CA ILE B 239 23.78 12.38 4.95
C ILE B 239 24.27 12.03 3.56
N SER B 240 24.07 12.94 2.60
CA SER B 240 24.53 12.71 1.23
C SER B 240 26.05 12.63 1.20
N LYS B 241 26.71 13.59 1.84
CA LYS B 241 28.18 13.61 1.92
C LYS B 241 28.67 12.31 2.53
N GLY B 242 28.05 11.92 3.65
CA GLY B 242 28.44 10.69 4.33
C GLY B 242 28.29 9.49 3.40
N THR B 243 27.16 9.43 2.70
CA THR B 243 26.85 8.35 1.77
C THR B 243 27.88 8.26 0.64
N GLU B 244 28.24 9.40 0.04
CA GLU B 244 29.23 9.41 -1.04
C GLU B 244 30.60 8.90 -0.56
N LYS B 245 31.01 9.26 0.66
CA LYS B 245 32.28 8.78 1.21
C LYS B 245 32.21 7.28 1.47
N ALA B 246 31.09 6.83 2.04
CA ALA B 246 30.90 5.42 2.36
C ALA B 246 30.88 4.53 1.13
N LEU B 247 30.20 4.99 0.08
CA LEU B 247 30.14 4.21 -1.14
C LEU B 247 31.52 4.11 -1.80
N SER B 248 32.34 5.16 -1.65
CA SER B 248 33.69 5.17 -2.21
C SER B 248 34.57 4.13 -1.51
N LYS B 249 34.44 4.06 -0.19
CA LYS B 249 35.20 3.10 0.60
C LYS B 249 34.78 1.68 0.19
N LEU B 250 33.49 1.51 -0.07
CA LEU B 250 32.92 0.22 -0.48
C LEU B 250 33.41 -0.18 -1.88
N HIS B 251 33.65 0.81 -2.74
CA HIS B 251 34.13 0.56 -4.10
C HIS B 251 35.55 -0.03 -4.12
N GLU B 252 36.32 0.23 -3.06
CA GLU B 252 37.68 -0.28 -2.97
C GLU B 252 37.66 -1.79 -2.74
N TYR B 253 36.76 -2.26 -1.87
CA TYR B 253 36.62 -3.69 -1.59
C TYR B 253 35.87 -4.43 -2.70
N PHE B 254 35.01 -3.70 -3.42
CA PHE B 254 34.25 -4.29 -4.53
C PHE B 254 34.37 -3.37 -5.74
N PRO B 255 35.52 -3.38 -6.41
CA PRO B 255 35.82 -2.57 -7.59
C PRO B 255 34.84 -2.67 -8.76
N GLU B 256 34.15 -3.80 -8.87
CA GLU B 256 33.18 -3.99 -9.95
C GLU B 256 31.82 -3.30 -9.69
N MET B 257 31.68 -2.71 -8.52
CA MET B 257 30.44 -2.04 -8.16
C MET B 257 30.23 -0.70 -8.87
N GLN B 258 29.07 -0.55 -9.50
CA GLN B 258 28.72 0.68 -10.18
C GLN B 258 27.74 1.46 -9.32
N ILE B 259 28.04 2.72 -9.04
CA ILE B 259 27.14 3.56 -8.28
C ILE B 259 26.21 4.22 -9.28
N LEU B 260 25.00 3.67 -9.38
CA LEU B 260 24.00 4.16 -10.33
C LEU B 260 23.38 5.50 -9.96
N ALA B 261 23.08 5.71 -8.68
CA ALA B 261 22.50 6.97 -8.24
C ALA B 261 22.60 7.11 -6.75
N VAL B 262 23.03 8.28 -6.28
CA VAL B 262 23.18 8.51 -4.86
C VAL B 262 21.85 8.31 -4.14
N SER B 263 20.75 8.47 -4.88
CA SER B 263 19.41 8.20 -4.37
C SER B 263 18.67 7.26 -5.31
N GLY B 264 18.40 6.06 -4.83
CA GLY B 264 17.66 5.09 -5.63
C GLY B 264 16.20 4.98 -5.19
N ASN B 265 15.68 6.03 -4.54
CA ASN B 265 14.28 6.05 -4.05
C ASN B 265 14.01 5.08 -2.89
N TYR B 266 15.06 4.60 -2.25
CA TYR B 266 14.92 3.70 -1.11
C TYR B 266 15.06 4.48 0.19
N CYS B 267 15.14 5.80 0.12
CA CYS B 267 15.28 6.62 1.33
C CYS B 267 14.08 6.49 2.32
N THR B 268 12.85 6.85 1.92
CA THR B 268 12.48 7.39 0.61
C THR B 268 12.16 8.85 0.88
N ASP B 269 12.68 9.74 0.05
CA ASP B 269 12.48 11.17 0.23
C ASP B 269 11.41 11.80 -0.68
N LYS B 270 10.42 12.44 -0.06
CA LYS B 270 9.35 13.14 -0.76
C LYS B 270 8.43 12.35 -1.69
N LYS B 271 8.30 11.05 -1.45
CA LYS B 271 7.39 10.19 -2.22
C LYS B 271 6.78 9.26 -1.18
N PRO B 272 5.50 8.90 -1.33
CA PRO B 272 4.91 7.99 -0.34
C PRO B 272 5.63 6.64 -0.43
N ALA B 273 5.89 6.03 0.71
CA ALA B 273 6.55 4.72 0.71
C ALA B 273 6.32 3.98 2.01
N ALA B 274 6.08 2.68 1.91
CA ALA B 274 5.84 1.90 3.11
C ALA B 274 7.09 1.86 3.99
N ILE B 275 8.27 1.94 3.39
CA ILE B 275 9.51 1.88 4.17
C ILE B 275 9.62 2.97 5.25
N ASN B 276 9.21 4.19 4.95
CA ASN B 276 9.26 5.27 5.95
C ASN B 276 8.26 4.99 7.07
N TRP B 277 7.11 4.43 6.72
CA TRP B 277 6.04 4.12 7.69
C TRP B 277 6.48 3.02 8.64
N ILE B 278 7.08 1.98 8.08
CA ILE B 278 7.49 0.82 8.86
C ILE B 278 8.81 0.97 9.62
N GLU B 279 9.82 1.59 8.98
CA GLU B 279 11.12 1.72 9.62
C GLU B 279 11.40 3.10 10.19
N GLY B 280 10.55 4.08 9.86
CA GLY B 280 10.75 5.43 10.32
C GLY B 280 11.76 6.17 9.45
N ARG B 281 11.74 7.50 9.55
CA ARG B 281 12.67 8.35 8.82
C ARG B 281 12.65 9.69 9.54
N GLY B 282 13.82 10.22 9.90
CA GLY B 282 13.86 11.46 10.65
C GLY B 282 13.45 11.14 12.08
N LYS B 283 12.43 11.83 12.58
CA LYS B 283 11.98 11.57 13.93
C LYS B 283 10.67 10.83 14.05
N SER B 284 10.67 9.75 14.83
CA SER B 284 9.46 8.96 15.08
C SER B 284 8.96 9.47 16.42
N VAL B 285 7.69 9.89 16.45
CA VAL B 285 7.14 10.46 17.65
C VAL B 285 5.75 9.95 17.99
N VAL B 286 5.44 9.91 19.27
CA VAL B 286 4.12 9.51 19.73
C VAL B 286 3.66 10.56 20.73
N CYS B 287 2.38 10.91 20.69
CA CYS B 287 1.81 11.88 21.61
C CYS B 287 0.50 11.31 22.14
N GLU B 288 0.09 11.78 23.31
CA GLU B 288 -1.16 11.32 23.93
C GLU B 288 -1.76 12.33 24.91
N ALA B 289 -3.04 12.15 25.19
CA ALA B 289 -3.76 12.99 26.13
C ALA B 289 -5.09 12.31 26.50
N VAL B 290 -5.67 12.74 27.62
CA VAL B 290 -6.97 12.22 28.05
C VAL B 290 -7.84 13.46 28.22
N ILE B 291 -9.00 13.47 27.57
CA ILE B 291 -9.91 14.60 27.63
C ILE B 291 -11.13 14.22 28.49
N PRO B 292 -11.33 14.93 29.63
CA PRO B 292 -12.45 14.67 30.53
C PRO B 292 -13.77 14.79 29.79
N ALA B 293 -14.71 13.91 30.09
CA ALA B 293 -16.03 13.89 29.44
C ALA B 293 -16.66 15.27 29.37
N LYS B 294 -16.53 16.01 30.47
CA LYS B 294 -17.09 17.35 30.57
C LYS B 294 -16.51 18.26 29.48
N VAL B 295 -15.20 18.18 29.27
CA VAL B 295 -14.54 18.98 28.26
C VAL B 295 -14.96 18.56 26.84
N VAL B 296 -15.14 17.26 26.62
CA VAL B 296 -15.55 16.76 25.32
C VAL B 296 -16.93 17.32 25.01
N ARG B 297 -17.74 17.39 26.06
CA ARG B 297 -19.11 17.86 25.97
C ARG B 297 -19.22 19.37 25.73
N GLU B 298 -18.48 20.14 26.52
CA GLU B 298 -18.55 21.59 26.46
C GLU B 298 -17.63 22.32 25.47
N VAL B 299 -16.41 21.83 25.30
CA VAL B 299 -15.48 22.46 24.38
C VAL B 299 -15.59 21.85 22.97
N LEU B 300 -15.60 20.52 22.88
CA LEU B 300 -15.69 19.83 21.60
C LEU B 300 -17.11 19.60 21.08
N LYS B 301 -18.10 19.92 21.90
CA LYS B 301 -19.52 19.79 21.53
C LYS B 301 -19.99 18.42 21.08
N THR B 302 -19.48 17.37 21.70
CA THR B 302 -19.88 16.01 21.33
C THR B 302 -19.64 15.07 22.53
N THR B 303 -19.65 13.77 22.27
CA THR B 303 -19.42 12.79 23.31
C THR B 303 -18.21 11.91 22.96
N THR B 304 -17.66 11.27 23.99
CA THR B 304 -16.53 10.38 23.79
C THR B 304 -16.93 9.24 22.84
N GLU B 305 -18.10 8.68 23.07
CA GLU B 305 -18.61 7.58 22.27
C GLU B 305 -18.74 7.91 20.76
N ALA B 306 -19.24 9.12 20.47
CA ALA B 306 -19.39 9.55 19.10
C ALA B 306 -18.02 9.76 18.41
N MET B 307 -17.07 10.33 19.15
CA MET B 307 -15.71 10.55 18.65
C MET B 307 -15.05 9.22 18.28
N ILE B 308 -15.16 8.25 19.18
CA ILE B 308 -14.56 6.93 18.99
C ILE B 308 -15.09 6.25 17.73
N GLU B 309 -16.41 6.30 17.57
CA GLU B 309 -17.08 5.70 16.44
C GLU B 309 -16.66 6.36 15.10
N VAL B 310 -16.42 7.67 15.12
CA VAL B 310 -15.97 8.35 13.92
C VAL B 310 -14.50 7.99 13.63
N ASN B 311 -13.66 7.96 14.67
CA ASN B 311 -12.27 7.63 14.51
C ASN B 311 -12.05 6.24 13.91
N ILE B 312 -12.78 5.26 14.42
CA ILE B 312 -12.63 3.90 13.95
C ILE B 312 -13.11 3.74 12.52
N ASN B 313 -14.29 4.27 12.24
CA ASN B 313 -14.84 4.11 10.91
C ASN B 313 -14.31 5.01 9.79
N LYS B 314 -13.68 6.11 10.17
CA LYS B 314 -13.08 7.07 9.23
C LYS B 314 -11.58 6.83 9.13
N ASN B 315 -10.87 7.05 10.24
CA ASN B 315 -9.42 6.92 10.30
C ASN B 315 -8.83 5.51 10.23
N LEU B 316 -9.61 4.49 10.58
CA LEU B 316 -9.11 3.12 10.44
C LEU B 316 -9.79 2.42 9.28
N VAL B 317 -11.09 2.18 9.36
CA VAL B 317 -11.80 1.47 8.29
C VAL B 317 -11.82 2.26 6.97
N GLY B 318 -12.13 3.55 7.02
CA GLY B 318 -12.16 4.37 5.81
C GLY B 318 -10.82 4.38 5.07
N SER B 319 -9.74 4.68 5.80
CA SER B 319 -8.41 4.69 5.22
C SER B 319 -8.06 3.32 4.68
N ALA B 320 -8.55 2.26 5.34
CA ALA B 320 -8.27 0.91 4.87
C ALA B 320 -8.94 0.64 3.55
N MET B 321 -10.22 1.06 3.40
CA MET B 321 -10.98 0.85 2.17
C MET B 321 -10.38 1.66 0.99
N ALA B 322 -9.75 2.78 1.32
CA ALA B 322 -9.12 3.65 0.34
C ALA B 322 -7.74 3.12 -0.08
N GLY B 323 -7.26 2.07 0.60
CA GLY B 323 -5.96 1.51 0.31
C GLY B 323 -4.83 2.44 0.72
N SER B 324 -4.92 3.00 1.92
CA SER B 324 -3.91 3.89 2.43
C SER B 324 -2.75 3.21 3.12
N ILE B 325 -1.54 3.74 2.95
CA ILE B 325 -0.38 3.24 3.67
C ILE B 325 0.06 4.48 4.45
N GLY B 326 -0.10 4.46 5.77
CA GLY B 326 0.32 5.58 6.59
C GLY B 326 -0.64 6.76 6.73
N GLY B 327 -1.81 6.69 6.10
CA GLY B 327 -2.73 7.82 6.20
C GLY B 327 -3.94 7.53 7.05
N TYR B 328 -3.72 7.06 8.29
CA TYR B 328 -4.80 6.70 9.22
C TYR B 328 -5.08 7.85 10.21
N ASN B 329 -5.38 9.00 9.63
CA ASN B 329 -5.63 10.22 10.37
C ASN B 329 -6.61 11.10 9.59
N ALA B 330 -7.08 12.15 10.23
CA ALA B 330 -8.05 13.02 9.58
C ALA B 330 -7.40 14.12 8.76
N HIS B 331 -6.45 14.83 9.34
CA HIS B 331 -5.80 15.90 8.58
C HIS B 331 -4.45 16.36 9.10
N ALA B 332 -3.61 15.40 9.45
CA ALA B 332 -2.27 15.74 9.94
C ALA B 332 -1.51 16.64 8.96
N ALA B 333 -1.69 16.39 7.66
CA ALA B 333 -1.01 17.19 6.65
C ALA B 333 -1.29 18.69 6.77
N ASN B 334 -2.49 19.07 7.21
CA ASN B 334 -2.82 20.50 7.39
C ASN B 334 -1.93 21.16 8.43
N ILE B 335 -1.82 20.52 9.59
CA ILE B 335 -0.97 21.05 10.67
C ILE B 335 0.51 21.00 10.32
N VAL B 336 0.97 19.85 9.83
CA VAL B 336 2.37 19.72 9.45
C VAL B 336 2.78 20.82 8.44
N THR B 337 1.95 21.02 7.43
CA THR B 337 2.25 22.00 6.38
C THR B 337 2.31 23.43 6.90
N ALA B 338 1.31 23.85 7.68
CA ALA B 338 1.26 25.19 8.24
C ALA B 338 2.47 25.47 9.12
N ILE B 339 2.82 24.52 10.00
CA ILE B 339 3.98 24.72 10.86
C ILE B 339 5.26 24.72 10.04
N TYR B 340 5.35 23.81 9.07
CA TYR B 340 6.56 23.72 8.24
C TYR B 340 6.85 25.02 7.51
N ILE B 341 5.83 25.61 6.90
CA ILE B 341 6.00 26.88 6.18
C ILE B 341 6.40 28.01 7.12
N ALA B 342 5.76 28.07 8.30
CA ALA B 342 6.05 29.10 9.29
C ALA B 342 7.45 28.99 9.88
N CYS B 343 7.93 27.76 10.05
CA CYS B 343 9.24 27.52 10.67
C CYS B 343 10.41 27.24 9.73
N GLY B 344 10.24 27.55 8.44
CA GLY B 344 11.34 27.36 7.49
C GLY B 344 11.72 25.93 7.14
N GLN B 345 10.80 24.99 7.33
CA GLN B 345 11.08 23.60 6.97
C GLN B 345 10.87 23.40 5.48
N ASP B 346 11.21 22.23 4.97
CA ASP B 346 11.02 21.95 3.56
C ASP B 346 9.58 21.47 3.44
N ALA B 347 8.69 22.30 2.93
CA ALA B 347 7.28 21.95 2.82
C ALA B 347 6.95 20.72 1.94
N ALA B 348 7.82 20.43 0.96
CA ALA B 348 7.62 19.27 0.10
C ALA B 348 7.73 17.98 0.94
N GLN B 349 8.37 18.07 2.10
CA GLN B 349 8.51 16.90 2.97
C GLN B 349 7.24 16.57 3.75
N ASN B 350 6.18 17.33 3.46
CA ASN B 350 4.88 17.07 4.07
C ASN B 350 4.41 15.69 3.59
N VAL B 351 4.93 15.23 2.45
CA VAL B 351 4.51 13.94 1.90
C VAL B 351 4.71 12.79 2.91
N GLY B 352 5.93 12.59 3.41
CA GLY B 352 6.14 11.54 4.39
C GLY B 352 5.98 12.01 5.83
N SER B 353 6.33 13.27 6.11
CA SER B 353 6.22 13.82 7.46
C SER B 353 4.82 13.78 8.04
N SER B 354 3.83 13.80 7.16
CA SER B 354 2.40 13.72 7.51
C SER B 354 1.91 12.34 7.92
N ASN B 355 2.72 11.30 7.73
CA ASN B 355 2.30 9.94 8.10
C ASN B 355 1.82 9.95 9.56
N CYS B 356 0.65 9.40 9.82
CA CYS B 356 0.12 9.42 11.17
C CYS B 356 -1.03 8.46 11.38
N ILE B 357 -1.04 7.81 12.55
CA ILE B 357 -2.16 6.95 12.92
C ILE B 357 -2.76 7.55 14.21
N THR B 358 -4.01 7.99 14.10
CA THR B 358 -4.73 8.60 15.21
C THR B 358 -5.64 7.55 15.84
N LEU B 359 -5.49 7.35 17.15
CA LEU B 359 -6.28 6.36 17.90
C LEU B 359 -7.06 6.99 19.06
N MET B 360 -8.28 6.52 19.24
CA MET B 360 -9.17 7.02 20.27
C MET B 360 -9.80 5.87 21.02
N GLU B 361 -9.93 6.05 22.33
CA GLU B 361 -10.48 5.02 23.19
C GLU B 361 -11.30 5.64 24.33
N ALA B 362 -12.26 4.87 24.82
CA ALA B 362 -13.10 5.27 25.97
C ALA B 362 -12.16 5.05 27.17
N SER B 363 -12.23 5.95 28.15
CA SER B 363 -11.37 5.86 29.33
C SER B 363 -12.12 6.38 30.56
N GLY B 364 -11.55 6.13 31.74
CA GLY B 364 -12.16 6.61 32.96
C GLY B 364 -13.09 5.69 33.72
N PRO B 365 -13.51 6.13 34.92
CA PRO B 365 -14.39 5.45 35.86
C PRO B 365 -15.65 4.93 35.20
N THR B 366 -16.23 5.77 34.34
CA THR B 366 -17.46 5.42 33.64
C THR B 366 -17.33 5.22 32.13
N ASN B 367 -16.09 5.22 31.63
CA ASN B 367 -15.82 5.06 30.20
C ASN B 367 -16.32 6.24 29.39
N GLU B 368 -16.42 7.41 30.01
CA GLU B 368 -16.89 8.57 29.30
C GLU B 368 -15.82 9.57 28.94
N ASP B 369 -14.58 9.28 29.34
CA ASP B 369 -13.45 10.15 29.04
C ASP B 369 -12.78 9.69 27.73
N LEU B 370 -12.11 10.62 27.06
CA LEU B 370 -11.50 10.33 25.77
C LEU B 370 -9.99 10.20 25.75
N TYR B 371 -9.49 9.00 25.53
CA TYR B 371 -8.06 8.80 25.41
C TYR B 371 -7.73 8.97 23.91
N ILE B 372 -6.71 9.76 23.60
CA ILE B 372 -6.31 9.97 22.21
C ILE B 372 -4.81 9.95 22.06
N SER B 373 -4.35 9.29 21.00
CA SER B 373 -2.91 9.23 20.69
C SER B 373 -2.70 9.41 19.17
N CYS B 374 -1.57 10.01 18.83
CA CYS B 374 -1.14 10.21 17.45
C CYS B 374 0.28 9.71 17.41
N THR B 375 0.55 8.82 16.44
CA THR B 375 1.89 8.26 16.25
C THR B 375 2.35 8.64 14.86
N MET B 376 3.48 9.35 14.79
CA MET B 376 4.04 9.84 13.55
C MET B 376 5.47 9.33 13.44
N PRO B 377 5.66 8.28 12.65
CA PRO B 377 6.94 7.62 12.42
C PRO B 377 7.99 8.32 11.59
N SER B 378 7.60 9.34 10.83
CA SER B 378 8.57 9.97 9.93
C SER B 378 8.53 11.48 9.75
N ILE B 379 8.70 12.21 10.85
CA ILE B 379 8.70 13.67 10.83
C ILE B 379 10.11 14.12 10.41
N GLU B 380 10.23 14.67 9.20
CA GLU B 380 11.53 15.15 8.68
C GLU B 380 11.62 16.63 9.03
N ILE B 381 12.49 16.94 9.97
CA ILE B 381 12.57 18.29 10.48
C ILE B 381 13.98 18.73 10.94
N GLY B 382 14.13 20.04 11.08
CA GLY B 382 15.40 20.61 11.51
C GLY B 382 15.23 22.06 11.96
N THR B 383 16.17 22.54 12.78
CA THR B 383 16.14 23.90 13.28
C THR B 383 17.37 24.69 12.83
N VAL B 384 18.21 24.03 12.02
CA VAL B 384 19.42 24.64 11.47
C VAL B 384 19.47 24.33 9.98
N GLY B 385 19.90 25.30 9.18
CA GLY B 385 20.00 25.09 7.73
C GLY B 385 18.73 25.30 6.92
N GLY B 386 18.90 25.31 5.60
CA GLY B 386 17.77 25.51 4.70
C GLY B 386 17.07 26.84 4.95
N GLY B 387 15.74 26.77 5.02
CA GLY B 387 14.94 27.95 5.26
C GLY B 387 15.01 28.47 6.67
N THR B 388 15.54 27.67 7.60
CA THR B 388 15.63 28.14 8.98
C THR B 388 16.74 29.17 9.15
N ASN B 389 17.52 29.40 8.09
CA ASN B 389 18.60 30.40 8.11
C ASN B 389 18.07 31.82 7.88
N LEU B 390 16.80 31.93 7.47
CA LEU B 390 16.19 33.23 7.21
C LEU B 390 15.58 33.81 8.48
N LEU B 391 15.64 35.12 8.63
CA LEU B 391 15.14 35.78 9.84
C LEU B 391 13.66 35.60 10.19
N PRO B 392 12.74 35.83 9.22
CA PRO B 392 11.32 35.66 9.56
C PRO B 392 11.00 34.25 10.08
N GLN B 393 11.55 33.22 9.43
CA GLN B 393 11.30 31.87 9.92
C GLN B 393 11.99 31.61 11.26
N GLN B 394 13.10 32.29 11.50
CA GLN B 394 13.82 32.14 12.78
C GLN B 394 12.96 32.72 13.91
N ALA B 395 12.15 33.71 13.58
CA ALA B 395 11.27 34.33 14.57
C ALA B 395 10.23 33.33 15.05
N CYS B 396 9.66 32.56 14.11
CA CYS B 396 8.66 31.55 14.47
C CYS B 396 9.32 30.42 15.27
N LEU B 397 10.55 30.07 14.90
CA LEU B 397 11.30 29.05 15.64
C LEU B 397 11.63 29.54 17.09
N GLN B 398 11.98 30.82 17.21
CA GLN B 398 12.30 31.43 18.52
C GLN B 398 11.07 31.45 19.38
N MET B 399 9.94 31.72 18.75
CA MET B 399 8.64 31.75 19.41
C MET B 399 8.41 30.42 20.14
N LEU B 400 8.94 29.34 19.56
CA LEU B 400 8.81 28.00 20.15
C LEU B 400 10.00 27.64 21.03
N GLY B 401 11.05 28.48 20.98
CA GLY B 401 12.24 28.24 21.78
C GLY B 401 13.16 27.16 21.25
N VAL B 402 13.10 26.91 19.94
CA VAL B 402 13.93 25.87 19.32
C VAL B 402 14.79 26.33 18.15
N GLN B 403 14.99 27.64 18.02
CA GLN B 403 15.79 28.16 16.91
C GLN B 403 17.27 27.77 16.97
N GLY B 404 17.83 27.39 15.82
CA GLY B 404 19.23 27.02 15.74
C GLY B 404 19.69 25.82 16.55
N ALA B 405 21.01 25.70 16.67
CA ALA B 405 21.62 24.59 17.40
C ALA B 405 21.41 24.65 18.91
N CYS B 406 21.24 23.48 19.52
CA CYS B 406 21.12 23.39 20.97
C CYS B 406 22.55 23.07 21.35
N LYS B 407 23.32 24.10 21.74
CA LYS B 407 24.73 23.95 22.06
C LYS B 407 25.10 22.89 23.08
N ASP B 408 24.35 22.83 24.19
CA ASP B 408 24.64 21.86 25.23
C ASP B 408 24.14 20.44 24.96
N ASN B 409 23.17 20.30 24.05
CA ASN B 409 22.60 18.99 23.72
C ASN B 409 22.16 18.94 22.24
N PRO B 410 23.12 18.73 21.32
CA PRO B 410 22.87 18.66 19.87
C PRO B 410 21.74 17.74 19.44
N GLY B 411 20.79 18.32 18.70
CA GLY B 411 19.63 17.59 18.21
C GLY B 411 18.38 17.82 19.03
N GLU B 412 18.54 18.27 20.26
CA GLU B 412 17.42 18.50 21.17
C GLU B 412 16.39 19.53 20.67
N ASN B 413 16.85 20.56 19.97
CA ASN B 413 15.93 21.58 19.44
C ASN B 413 15.04 20.93 18.36
N ALA B 414 15.65 20.16 17.46
CA ALA B 414 14.92 19.48 16.39
C ALA B 414 13.94 18.47 16.97
N ARG B 415 14.35 17.76 18.02
CA ARG B 415 13.49 16.79 18.66
C ARG B 415 12.31 17.49 19.30
N GLN B 416 12.59 18.63 19.96
CA GLN B 416 11.53 19.40 20.61
C GLN B 416 10.53 19.87 19.54
N LEU B 417 11.04 20.32 18.40
CA LEU B 417 10.15 20.78 17.32
C LEU B 417 9.27 19.61 16.82
N ALA B 418 9.85 18.42 16.67
CA ALA B 418 9.07 17.25 16.23
C ALA B 418 7.97 16.94 17.25
N ARG B 419 8.29 17.06 18.55
CA ARG B 419 7.28 16.79 19.58
C ARG B 419 6.15 17.80 19.46
N ILE B 420 6.51 19.06 19.21
CA ILE B 420 5.52 20.13 19.09
C ILE B 420 4.61 19.87 17.88
N VAL B 421 5.20 19.39 16.79
CA VAL B 421 4.42 19.08 15.60
C VAL B 421 3.45 17.95 15.91
N CYS B 422 3.93 16.91 16.56
CA CYS B 422 3.06 15.78 16.88
C CYS B 422 1.92 16.17 17.83
N GLY B 423 2.21 17.05 18.79
CA GLY B 423 1.18 17.51 19.72
C GLY B 423 0.13 18.41 19.05
N THR B 424 0.60 19.29 18.17
CA THR B 424 -0.31 20.18 17.46
C THR B 424 -1.20 19.34 16.52
N VAL B 425 -0.62 18.31 15.87
CA VAL B 425 -1.42 17.44 14.99
C VAL B 425 -2.52 16.81 15.85
N MET B 426 -2.16 16.36 17.06
CA MET B 426 -3.15 15.73 17.94
C MET B 426 -4.26 16.72 18.29
N ALA B 427 -3.90 17.97 18.56
CA ALA B 427 -4.92 18.99 18.82
C ALA B 427 -5.79 19.18 17.55
N GLY B 428 -5.16 19.15 16.39
CA GLY B 428 -5.92 19.30 15.14
C GLY B 428 -6.89 18.15 14.91
N GLU B 429 -6.44 16.93 15.19
CA GLU B 429 -7.27 15.73 15.04
C GLU B 429 -8.45 15.74 16.00
N LEU B 430 -8.22 16.17 17.24
CA LEU B 430 -9.28 16.26 18.26
C LEU B 430 -10.41 17.16 17.78
N SER B 431 -10.03 18.37 17.37
CA SER B 431 -10.99 19.38 16.93
C SER B 431 -11.78 19.01 15.68
N LEU B 432 -11.10 18.61 14.63
CA LEU B 432 -11.80 18.23 13.40
C LEU B 432 -12.67 17.01 13.64
N MET B 433 -12.18 16.02 14.38
CA MET B 433 -13.01 14.82 14.61
C MET B 433 -14.29 15.17 15.41
N ALA B 434 -14.17 16.08 16.39
CA ALA B 434 -15.34 16.50 17.20
C ALA B 434 -16.36 17.14 16.27
N ALA B 435 -15.90 18.03 15.37
CA ALA B 435 -16.80 18.66 14.42
C ALA B 435 -17.49 17.65 13.51
N LEU B 436 -16.74 16.67 13.01
CA LEU B 436 -17.34 15.64 12.15
C LEU B 436 -18.31 14.80 12.95
N ALA B 437 -17.94 14.48 14.19
CA ALA B 437 -18.78 13.67 15.07
C ALA B 437 -20.08 14.37 15.44
N ALA B 438 -20.02 15.70 15.59
CA ALA B 438 -21.20 16.50 15.93
C ALA B 438 -22.10 16.73 14.71
N GLY B 439 -21.57 16.57 13.50
CA GLY B 439 -22.39 16.77 12.31
C GLY B 439 -22.05 18.02 11.52
N PRO C 21 -30.22 -55.81 12.65
CA PRO C 21 -29.88 -54.56 13.38
C PRO C 21 -30.20 -54.63 14.87
N ARG C 22 -29.24 -55.16 15.64
CA ARG C 22 -29.35 -55.32 17.09
C ARG C 22 -29.82 -54.07 17.83
N PRO C 23 -30.33 -54.24 19.07
CA PRO C 23 -30.82 -53.13 19.91
C PRO C 23 -29.68 -52.26 20.42
N ASN C 24 -29.97 -51.00 20.70
CA ASN C 24 -28.97 -50.07 21.20
C ASN C 24 -28.32 -50.47 22.52
N GLU C 25 -29.14 -50.60 23.58
CA GLU C 25 -28.63 -50.97 24.88
C GLU C 25 -28.29 -52.47 24.95
N GLU C 26 -27.30 -52.85 24.14
CA GLU C 26 -26.80 -54.22 24.03
C GLU C 26 -25.39 -53.99 23.49
N CYS C 27 -25.34 -53.14 22.46
CA CYS C 27 -24.11 -52.77 21.78
C CYS C 27 -23.26 -51.87 22.70
N LEU C 28 -22.14 -52.45 23.13
CA LEU C 28 -21.13 -51.82 24.01
C LEU C 28 -19.92 -52.76 23.95
N GLN C 29 -19.99 -53.70 23.01
CA GLN C 29 -18.99 -54.72 22.77
C GLN C 29 -18.00 -54.31 21.65
N LEU C 41 -19.95 -55.29 16.85
CA LEU C 41 -21.18 -54.66 16.40
C LEU C 41 -21.01 -54.01 15.02
N SER C 42 -22.11 -53.95 14.27
CA SER C 42 -22.11 -53.41 12.90
C SER C 42 -22.10 -51.88 12.73
N ASP C 43 -21.94 -51.43 11.47
CA ASP C 43 -21.92 -50.01 11.12
C ASP C 43 -23.20 -49.32 11.58
N ALA C 44 -24.34 -49.86 11.14
CA ALA C 44 -25.65 -49.31 11.50
C ALA C 44 -25.84 -49.23 13.01
N GLU C 45 -25.07 -50.02 13.75
CA GLU C 45 -25.14 -50.04 15.22
C GLU C 45 -24.42 -48.83 15.80
N ILE C 46 -23.33 -48.44 15.16
CA ILE C 46 -22.57 -47.27 15.60
C ILE C 46 -23.46 -46.07 15.33
N ILE C 47 -24.03 -46.04 14.12
CA ILE C 47 -24.93 -44.97 13.68
C ILE C 47 -26.05 -44.80 14.70
N GLN C 48 -26.68 -45.91 15.08
CA GLN C 48 -27.78 -45.90 16.04
C GLN C 48 -27.40 -45.26 17.38
N LEU C 49 -26.21 -45.60 17.88
CA LEU C 49 -25.71 -45.08 19.16
C LEU C 49 -25.40 -43.59 19.08
N VAL C 50 -24.69 -43.19 18.03
CA VAL C 50 -24.30 -41.80 17.80
C VAL C 50 -25.53 -40.89 17.66
N ASN C 51 -26.47 -41.28 16.80
CA ASN C 51 -27.69 -40.51 16.59
C ASN C 51 -28.58 -40.46 17.83
N ALA C 52 -28.38 -41.41 18.74
CA ALA C 52 -29.17 -41.49 19.97
C ALA C 52 -28.64 -40.62 21.12
N LYS C 53 -27.34 -40.71 21.38
CA LYS C 53 -26.72 -39.94 22.46
C LYS C 53 -26.17 -38.60 21.97
N HIS C 54 -26.34 -38.33 20.68
CA HIS C 54 -25.85 -37.11 20.05
C HIS C 54 -24.32 -36.98 20.24
N ILE C 55 -23.62 -38.11 20.06
CA ILE C 55 -22.17 -38.13 20.19
C ILE C 55 -21.61 -37.52 18.90
N PRO C 56 -20.77 -36.47 19.04
CA PRO C 56 -20.16 -35.77 17.90
C PRO C 56 -19.29 -36.66 17.02
N ALA C 57 -19.37 -36.44 15.70
CA ALA C 57 -18.63 -37.21 14.72
C ALA C 57 -17.11 -37.31 14.93
N TYR C 58 -16.49 -36.24 15.43
CA TYR C 58 -15.04 -36.26 15.65
C TYR C 58 -14.61 -37.24 16.72
N LYS C 59 -15.56 -37.71 17.51
CA LYS C 59 -15.30 -38.68 18.56
C LYS C 59 -15.07 -40.07 17.99
N LEU C 60 -15.58 -40.30 16.77
CA LEU C 60 -15.46 -41.60 16.10
C LEU C 60 -14.04 -42.14 16.03
N GLU C 61 -13.06 -41.27 16.28
CA GLU C 61 -11.65 -41.65 16.28
C GLU C 61 -11.35 -42.40 17.56
N THR C 62 -11.78 -41.83 18.68
CA THR C 62 -11.57 -42.43 20.00
C THR C 62 -12.60 -43.53 20.31
N LEU C 63 -13.79 -43.38 19.76
CA LEU C 63 -14.86 -44.35 19.98
C LEU C 63 -14.49 -45.71 19.41
N ILE C 64 -14.29 -45.78 18.09
CA ILE C 64 -13.91 -47.04 17.43
C ILE C 64 -12.46 -47.39 17.79
N GLU C 65 -11.94 -48.44 17.17
CA GLU C 65 -10.58 -48.91 17.42
C GLU C 65 -9.68 -48.68 16.20
N THR C 66 -10.25 -48.74 15.00
CA THR C 66 -9.51 -48.54 13.75
C THR C 66 -9.59 -47.06 13.28
N HIS C 67 -9.09 -46.77 12.08
CA HIS C 67 -9.09 -45.41 11.53
C HIS C 67 -9.98 -45.25 10.30
N GLU C 68 -9.77 -46.11 9.30
CA GLU C 68 -10.55 -46.06 8.07
C GLU C 68 -12.05 -46.28 8.31
N ARG C 69 -12.40 -47.04 9.35
CA ARG C 69 -13.81 -47.34 9.64
C ARG C 69 -14.48 -46.15 10.32
N GLY C 70 -13.69 -45.35 11.03
CA GLY C 70 -14.21 -44.16 11.67
C GLY C 70 -14.55 -43.15 10.57
N VAL C 71 -13.76 -43.14 9.51
CA VAL C 71 -13.96 -42.26 8.37
C VAL C 71 -15.21 -42.69 7.62
N SER C 72 -15.33 -44.00 7.35
CA SER C 72 -16.48 -44.54 6.62
C SER C 72 -17.80 -44.25 7.32
N ILE C 73 -17.79 -44.28 8.64
CA ILE C 73 -18.99 -44.01 9.43
C ILE C 73 -19.36 -42.52 9.41
N ARG C 74 -18.34 -41.65 9.44
CA ARG C 74 -18.60 -40.21 9.39
C ARG C 74 -19.27 -39.86 8.06
N ARG C 75 -18.80 -40.48 6.98
CA ARG C 75 -19.37 -40.23 5.67
C ARG C 75 -20.83 -40.63 5.62
N GLN C 76 -21.12 -41.85 6.12
CA GLN C 76 -22.49 -42.35 6.14
C GLN C 76 -23.39 -41.42 6.94
N LEU C 77 -22.89 -40.93 8.08
CA LEU C 77 -23.63 -40.00 8.92
C LEU C 77 -23.88 -38.70 8.15
N LEU C 78 -22.83 -38.18 7.50
CA LEU C 78 -22.93 -36.93 6.74
C LEU C 78 -23.87 -37.05 5.55
N SER C 79 -23.83 -38.19 4.88
CA SER C 79 -24.65 -38.42 3.69
C SER C 79 -26.14 -38.17 3.88
N LYS C 80 -26.64 -38.39 5.10
CA LYS C 80 -28.05 -38.16 5.42
C LYS C 80 -28.40 -36.70 5.68
N LYS C 81 -27.36 -35.88 5.81
CA LYS C 81 -27.54 -34.45 6.04
C LYS C 81 -27.34 -33.64 4.75
N LEU C 82 -27.33 -34.34 3.62
CA LEU C 82 -27.15 -33.69 2.32
C LEU C 82 -28.37 -33.82 1.40
N SER C 83 -28.57 -32.80 0.57
CA SER C 83 -29.67 -32.77 -0.38
C SER C 83 -29.51 -33.86 -1.45
N GLU C 84 -28.28 -34.35 -1.64
CA GLU C 84 -28.00 -35.41 -2.59
C GLU C 84 -27.03 -36.32 -1.83
N PRO C 85 -27.55 -37.31 -1.08
CA PRO C 85 -26.78 -38.26 -0.28
C PRO C 85 -25.71 -39.02 -1.06
N SER C 86 -25.82 -38.98 -2.39
CA SER C 86 -24.87 -39.65 -3.26
C SER C 86 -23.67 -38.74 -3.61
N SER C 87 -23.57 -37.59 -2.95
CA SER C 87 -22.50 -36.61 -3.19
C SER C 87 -21.09 -37.13 -3.04
N LEU C 88 -20.84 -37.80 -1.91
CA LEU C 88 -19.54 -38.37 -1.57
C LEU C 88 -19.11 -39.62 -2.34
N GLN C 89 -19.89 -40.05 -3.32
CA GLN C 89 -19.54 -41.25 -4.08
C GLN C 89 -18.16 -41.21 -4.71
N TYR C 90 -17.81 -40.08 -5.33
CA TYR C 90 -16.51 -39.97 -5.97
C TYR C 90 -15.37 -39.34 -5.18
N LEU C 91 -15.61 -39.11 -3.88
CA LEU C 91 -14.58 -38.57 -2.98
C LEU C 91 -13.92 -39.79 -2.32
N PRO C 92 -12.70 -40.14 -2.75
CA PRO C 92 -11.97 -41.28 -2.18
C PRO C 92 -11.64 -41.16 -0.69
N TYR C 93 -11.54 -42.30 -0.01
CA TYR C 93 -11.22 -42.36 1.41
C TYR C 93 -10.50 -43.67 1.74
N ARG C 94 -10.64 -44.66 0.86
CA ARG C 94 -10.03 -45.97 1.07
C ARG C 94 -8.54 -46.10 0.78
N ASP C 95 -7.91 -46.99 1.56
CA ASP C 95 -6.49 -47.32 1.43
C ASP C 95 -5.51 -46.19 1.72
N TYR C 96 -5.99 -45.16 2.42
CA TYR C 96 -5.16 -44.02 2.78
C TYR C 96 -4.61 -44.22 4.19
N ASN C 97 -3.43 -43.67 4.42
CA ASN C 97 -2.76 -43.77 5.70
C ASN C 97 -3.22 -42.67 6.68
N TYR C 98 -4.35 -42.89 7.35
CA TYR C 98 -4.91 -41.91 8.30
C TYR C 98 -4.20 -41.79 9.65
N SER C 99 -3.27 -42.70 9.94
CA SER C 99 -2.57 -42.65 11.22
C SER C 99 -1.74 -41.39 11.38
N LEU C 100 -1.12 -40.97 10.28
CA LEU C 100 -0.29 -39.76 10.26
C LEU C 100 -1.16 -38.48 10.34
N VAL C 101 -2.33 -38.51 9.71
CA VAL C 101 -3.26 -37.39 9.70
C VAL C 101 -3.93 -37.11 11.05
N MET C 102 -4.66 -38.09 11.58
CA MET C 102 -5.37 -37.96 12.86
C MET C 102 -4.59 -37.34 14.02
N GLY C 103 -5.18 -36.30 14.61
CA GLY C 103 -4.52 -35.63 15.72
C GLY C 103 -3.30 -34.82 15.32
N ALA C 104 -3.11 -34.59 14.03
CA ALA C 104 -1.95 -33.83 13.57
C ALA C 104 -2.17 -32.90 12.37
N CYS C 105 -2.93 -33.34 11.37
CA CYS C 105 -3.14 -32.55 10.18
C CYS C 105 -4.56 -32.18 9.78
N CYS C 106 -5.57 -32.90 10.28
CA CYS C 106 -6.95 -32.62 9.89
C CYS C 106 -7.97 -33.28 10.84
N GLU C 107 -9.18 -32.72 10.91
CA GLU C 107 -10.24 -33.25 11.76
C GLU C 107 -11.48 -33.52 10.92
N ASN C 108 -12.43 -34.28 11.48
CA ASN C 108 -13.68 -34.66 10.82
C ASN C 108 -13.38 -35.12 9.41
N VAL C 109 -12.39 -35.99 9.27
CA VAL C 109 -11.97 -36.48 7.98
C VAL C 109 -13.01 -37.35 7.29
N ILE C 110 -13.31 -37.03 6.03
CA ILE C 110 -14.29 -37.75 5.25
C ILE C 110 -13.69 -38.30 3.97
N GLY C 111 -12.35 -38.27 3.89
CA GLY C 111 -11.66 -38.77 2.71
C GLY C 111 -10.45 -37.92 2.37
N TYR C 112 -10.08 -37.90 1.09
CA TYR C 112 -8.95 -37.10 0.65
C TYR C 112 -9.18 -36.61 -0.78
N MET C 113 -8.54 -35.48 -1.11
CA MET C 113 -8.67 -34.89 -2.43
C MET C 113 -7.39 -35.09 -3.25
N PRO C 114 -7.49 -35.82 -4.37
CA PRO C 114 -6.33 -36.08 -5.22
C PRO C 114 -6.04 -34.91 -6.16
N ILE C 115 -4.81 -34.39 -6.10
CA ILE C 115 -4.41 -33.28 -6.97
C ILE C 115 -3.35 -33.85 -7.92
N PRO C 116 -3.59 -33.77 -9.24
CA PRO C 116 -2.60 -34.30 -10.18
C PRO C 116 -1.22 -33.70 -9.93
N VAL C 117 -0.18 -34.52 -9.98
CA VAL C 117 1.20 -34.06 -9.79
C VAL C 117 1.97 -34.27 -11.09
N GLY C 118 2.47 -33.17 -11.65
CA GLY C 118 3.25 -33.22 -12.88
C GLY C 118 4.70 -32.96 -12.53
N VAL C 119 5.61 -33.14 -13.50
CA VAL C 119 7.02 -32.90 -13.23
C VAL C 119 7.65 -31.98 -14.28
N ALA C 120 8.39 -30.99 -13.80
CA ALA C 120 9.05 -30.04 -14.68
C ALA C 120 10.55 -30.13 -14.43
N GLY C 121 11.32 -30.19 -15.51
CA GLY C 121 12.76 -30.28 -15.36
C GLY C 121 13.48 -30.98 -16.50
N PRO C 122 14.80 -31.16 -16.38
CA PRO C 122 15.60 -30.79 -15.20
C PRO C 122 15.78 -29.29 -15.03
N LEU C 123 15.91 -28.87 -13.78
CA LEU C 123 16.14 -27.46 -13.47
C LEU C 123 17.58 -27.39 -13.08
N CYS C 124 18.38 -26.73 -13.90
CA CYS C 124 19.81 -26.60 -13.65
C CYS C 124 20.03 -25.40 -12.73
N LEU C 125 20.24 -25.71 -11.47
CA LEU C 125 20.41 -24.68 -10.46
C LEU C 125 21.62 -24.92 -9.58
N ASP C 126 22.50 -23.93 -9.53
CA ASP C 126 23.72 -24.02 -8.72
C ASP C 126 24.52 -25.31 -9.02
N GLU C 127 24.65 -25.61 -10.31
CA GLU C 127 25.40 -26.77 -10.79
C GLU C 127 24.80 -28.14 -10.45
N LYS C 128 23.51 -28.16 -10.09
CA LYS C 128 22.82 -29.41 -9.79
C LYS C 128 21.62 -29.50 -10.72
N GLU C 129 20.97 -30.65 -10.76
CA GLU C 129 19.78 -30.82 -11.58
C GLU C 129 18.62 -31.27 -10.71
N PHE C 130 17.48 -30.58 -10.82
CA PHE C 130 16.32 -30.92 -10.02
C PHE C 130 15.12 -31.28 -10.88
N GLN C 131 14.38 -32.29 -10.44
CA GLN C 131 13.15 -32.71 -11.13
C GLN C 131 12.06 -32.19 -10.18
N VAL C 132 11.42 -31.10 -10.57
CA VAL C 132 10.42 -30.43 -9.74
C VAL C 132 8.98 -30.90 -9.79
N PRO C 133 8.47 -31.42 -8.67
CA PRO C 133 7.09 -31.91 -8.58
C PRO C 133 6.14 -30.70 -8.45
N MET C 134 5.06 -30.72 -9.23
CA MET C 134 4.07 -29.64 -9.24
C MET C 134 2.64 -30.16 -9.19
N ALA C 135 1.95 -29.89 -8.08
CA ALA C 135 0.57 -30.35 -7.89
C ALA C 135 -0.36 -29.26 -8.36
N THR C 136 -1.07 -29.49 -9.46
CA THR C 136 -1.94 -28.47 -10.00
C THR C 136 -3.07 -29.03 -10.86
N THR C 137 -4.09 -28.20 -11.14
CA THR C 137 -5.19 -28.59 -12.01
C THR C 137 -5.34 -27.57 -13.12
N GLU C 138 -4.32 -26.73 -13.30
CA GLU C 138 -4.33 -25.72 -14.36
C GLU C 138 -3.54 -26.19 -15.58
N GLY C 139 -4.24 -26.41 -16.70
CA GLY C 139 -3.61 -26.89 -17.91
C GLY C 139 -2.53 -25.98 -18.48
N CYS C 140 -1.44 -26.61 -18.93
CA CYS C 140 -0.27 -25.95 -19.53
C CYS C 140 0.70 -25.34 -18.54
N LEU C 141 0.36 -25.36 -17.25
CA LEU C 141 1.25 -24.78 -16.25
C LEU C 141 2.55 -25.58 -16.17
N VAL C 142 2.44 -26.91 -15.96
CA VAL C 142 3.62 -27.76 -15.89
C VAL C 142 4.42 -27.69 -17.21
N ALA C 143 3.71 -27.79 -18.34
CA ALA C 143 4.35 -27.74 -19.66
C ALA C 143 5.11 -26.44 -19.88
N SER C 144 4.47 -25.29 -19.63
CA SER C 144 5.14 -24.00 -19.83
C SER C 144 6.32 -23.85 -18.89
N THR C 145 6.18 -24.34 -17.65
CA THR C 145 7.28 -24.25 -16.69
C THR C 145 8.45 -25.14 -17.15
N ASN C 146 8.12 -26.29 -17.74
CA ASN C 146 9.13 -27.23 -18.25
C ASN C 146 9.92 -26.54 -19.35
N ARG C 147 9.22 -25.85 -20.23
CA ARG C 147 9.88 -25.11 -21.31
C ARG C 147 10.85 -24.09 -20.74
N GLY C 148 10.43 -23.41 -19.66
CA GLY C 148 11.27 -22.43 -19.03
C GLY C 148 12.54 -23.06 -18.52
N CYS C 149 12.40 -24.25 -17.95
CA CYS C 149 13.54 -24.99 -17.43
C CYS C 149 14.54 -25.32 -18.54
N ARG C 150 14.01 -25.68 -19.72
CA ARG C 150 14.85 -26.03 -20.85
C ARG C 150 15.65 -24.81 -21.34
N ALA C 151 15.02 -23.65 -21.41
CA ALA C 151 15.72 -22.44 -21.84
C ALA C 151 16.88 -22.13 -20.89
N ILE C 152 16.66 -22.33 -19.59
CA ILE C 152 17.71 -22.10 -18.59
C ILE C 152 18.84 -23.12 -18.73
N GLY C 153 18.47 -24.39 -18.92
CA GLY C 153 19.44 -25.47 -19.09
C GLY C 153 20.39 -25.18 -20.26
N LEU C 154 19.81 -24.83 -21.41
CA LEU C 154 20.54 -24.50 -22.62
C LEU C 154 21.33 -23.19 -22.49
N GLY C 155 21.10 -22.47 -21.39
CA GLY C 155 21.78 -21.20 -21.15
C GLY C 155 22.91 -21.31 -20.15
N GLY C 156 23.21 -22.52 -19.71
CA GLY C 156 24.29 -22.70 -18.74
C GLY C 156 23.84 -22.78 -17.30
N GLY C 157 22.53 -22.86 -17.08
CA GLY C 157 22.01 -22.96 -15.72
C GLY C 157 21.77 -21.65 -14.98
N ALA C 158 21.18 -21.79 -13.79
CA ALA C 158 20.84 -20.66 -12.95
C ALA C 158 21.61 -20.72 -11.64
N SER C 159 21.80 -19.54 -11.02
CA SER C 159 22.50 -19.43 -9.74
C SER C 159 21.55 -18.76 -8.76
N SER C 160 21.63 -19.16 -7.50
CA SER C 160 20.77 -18.61 -6.48
C SER C 160 21.53 -18.43 -5.18
N ARG C 161 21.01 -17.53 -4.34
CA ARG C 161 21.59 -17.24 -3.04
C ARG C 161 20.48 -16.98 -2.02
N VAL C 162 20.68 -17.45 -0.81
CA VAL C 162 19.74 -17.21 0.26
C VAL C 162 20.32 -16.00 0.97
N LEU C 163 19.55 -14.91 0.98
CA LEU C 163 19.98 -13.64 1.58
C LEU C 163 19.66 -13.50 3.05
N ALA C 164 18.60 -14.19 3.50
CA ALA C 164 18.18 -14.11 4.89
C ALA C 164 17.32 -15.31 5.23
N ASP C 165 17.27 -15.65 6.51
CA ASP C 165 16.50 -16.78 6.97
C ASP C 165 15.97 -16.50 8.36
N GLY C 166 14.65 -16.41 8.49
CA GLY C 166 14.07 -16.15 9.80
C GLY C 166 12.56 -16.01 9.77
N MET C 167 11.87 -16.94 10.42
CA MET C 167 10.42 -16.91 10.51
C MET C 167 10.10 -15.85 11.57
N THR C 168 8.90 -15.26 11.50
CA THR C 168 8.53 -14.24 12.47
C THR C 168 7.17 -14.45 13.11
N ARG C 169 6.94 -13.76 14.23
CA ARG C 169 5.66 -13.76 14.92
C ARG C 169 5.58 -12.36 15.50
N GLY C 170 4.47 -11.66 15.25
CA GLY C 170 4.37 -10.28 15.72
C GLY C 170 3.21 -9.96 16.63
N PRO C 171 3.31 -10.32 17.94
CA PRO C 171 2.25 -10.07 18.91
C PRO C 171 2.00 -8.60 19.19
N VAL C 172 0.82 -8.31 19.72
CA VAL C 172 0.51 -6.94 20.13
C VAL C 172 0.27 -6.91 21.65
N VAL C 173 1.03 -6.06 22.33
CA VAL C 173 0.86 -5.86 23.77
C VAL C 173 0.40 -4.42 24.00
N ARG C 174 -0.14 -4.17 25.19
CA ARG C 174 -0.61 -2.83 25.55
C ARG C 174 -0.10 -2.42 26.92
N LEU C 175 0.23 -1.13 27.03
CA LEU C 175 0.69 -0.52 28.26
C LEU C 175 -0.40 0.50 28.60
N PRO C 176 -0.42 1.02 29.84
CA PRO C 176 -1.46 2.00 30.22
C PRO C 176 -1.38 3.32 29.42
N ARG C 177 -0.16 3.73 29.09
CA ARG C 177 0.09 4.97 28.37
C ARG C 177 1.16 4.80 27.29
N ALA C 178 1.15 5.70 26.31
CA ALA C 178 2.13 5.66 25.23
C ALA C 178 3.52 5.85 25.80
N CYS C 179 3.64 6.69 26.84
CA CYS C 179 4.94 6.93 27.50
C CYS C 179 5.53 5.63 28.04
N ASP C 180 4.65 4.74 28.51
CA ASP C 180 5.07 3.44 29.04
C ASP C 180 5.47 2.52 27.89
N SER C 181 4.65 2.47 26.85
CA SER C 181 4.99 1.63 25.70
C SER C 181 6.33 2.10 25.09
N ALA C 182 6.58 3.41 25.12
CA ALA C 182 7.84 3.95 24.59
C ALA C 182 9.00 3.46 25.48
N GLU C 183 8.75 3.41 26.79
CA GLU C 183 9.77 2.95 27.74
C GLU C 183 10.09 1.48 27.43
N VAL C 184 9.05 0.68 27.17
CA VAL C 184 9.27 -0.72 26.85
C VAL C 184 10.08 -0.87 25.56
N LYS C 185 9.76 -0.06 24.55
CA LYS C 185 10.47 -0.11 23.27
C LYS C 185 11.94 0.22 23.50
N ALA C 186 12.22 1.30 24.24
CA ALA C 186 13.60 1.70 24.52
C ALA C 186 14.35 0.60 25.28
N TRP C 187 13.66 -0.01 26.24
CA TRP C 187 14.23 -1.09 27.04
C TRP C 187 14.61 -2.28 26.17
N LEU C 188 13.72 -2.65 25.25
CA LEU C 188 13.95 -3.78 24.35
C LEU C 188 15.07 -3.50 23.37
N GLU C 189 15.41 -2.24 23.19
CA GLU C 189 16.48 -1.87 22.26
C GLU C 189 17.89 -1.84 22.85
N THR C 190 18.00 -1.93 24.17
CA THR C 190 19.30 -1.97 24.85
C THR C 190 19.86 -3.38 24.66
N SER C 191 21.20 -3.52 24.67
CA SER C 191 21.81 -4.84 24.51
C SER C 191 21.44 -5.74 25.69
N GLU C 192 21.28 -5.14 26.88
CA GLU C 192 20.90 -5.90 28.07
C GLU C 192 19.47 -6.42 27.96
N GLY C 193 18.52 -5.51 27.75
CA GLY C 193 17.12 -5.91 27.63
C GLY C 193 16.92 -6.99 26.58
N PHE C 194 17.63 -6.86 25.47
CA PHE C 194 17.54 -7.84 24.40
C PHE C 194 18.04 -9.22 24.84
N ALA C 195 19.23 -9.26 25.45
CA ALA C 195 19.86 -10.50 25.91
C ALA C 195 18.93 -11.34 26.77
N VAL C 196 18.29 -10.69 27.74
CA VAL C 196 17.37 -11.40 28.60
C VAL C 196 16.17 -11.91 27.82
N ILE C 197 15.74 -11.18 26.79
CA ILE C 197 14.60 -11.61 25.97
C ILE C 197 15.05 -12.79 25.12
N LYS C 198 16.22 -12.66 24.51
CA LYS C 198 16.79 -13.72 23.68
C LYS C 198 16.97 -15.01 24.47
N GLU C 199 17.26 -14.87 25.76
CA GLU C 199 17.47 -16.03 26.61
C GLU C 199 16.18 -16.78 26.83
N ALA C 200 15.18 -16.08 27.38
CA ALA C 200 13.88 -16.68 27.63
C ALA C 200 13.32 -17.32 26.37
N PHE C 201 13.55 -16.67 25.23
CA PHE C 201 13.08 -17.15 23.94
C PHE C 201 13.82 -18.42 23.50
N ASP C 202 15.14 -18.39 23.61
CA ASP C 202 15.98 -19.52 23.19
C ASP C 202 15.83 -20.79 24.01
N SER C 203 15.49 -20.64 25.28
CA SER C 203 15.36 -21.77 26.21
C SER C 203 14.16 -22.67 25.96
N THR C 204 13.43 -22.43 24.87
CA THR C 204 12.24 -23.22 24.57
C THR C 204 12.46 -24.30 23.51
N SER C 205 13.56 -24.17 22.75
CA SER C 205 13.83 -25.12 21.69
C SER C 205 15.31 -25.16 21.33
N ARG C 206 15.71 -26.25 20.67
CA ARG C 206 17.09 -26.44 20.24
C ARG C 206 17.41 -25.39 19.17
N PHE C 207 16.50 -25.26 18.21
CA PHE C 207 16.67 -24.34 17.08
C PHE C 207 16.20 -22.91 17.30
N ALA C 208 15.49 -22.67 18.40
CA ALA C 208 14.99 -21.34 18.71
C ALA C 208 16.13 -20.36 18.96
N ARG C 209 16.61 -19.72 17.92
CA ARG C 209 17.69 -18.76 18.07
C ARG C 209 17.27 -17.36 17.58
N LEU C 210 16.86 -16.53 18.54
CA LEU C 210 16.39 -15.17 18.28
C LEU C 210 17.42 -14.21 17.69
N GLN C 211 17.05 -13.59 16.56
CA GLN C 211 17.89 -12.61 15.89
C GLN C 211 17.31 -11.26 16.30
N LYS C 212 17.36 -10.29 15.41
CA LYS C 212 16.82 -8.96 15.66
C LYS C 212 15.37 -8.94 16.19
N LEU C 213 15.01 -7.77 16.71
CA LEU C 213 13.68 -7.45 17.22
C LEU C 213 13.29 -6.15 16.50
N HIS C 214 12.10 -6.13 15.92
CA HIS C 214 11.63 -4.92 15.27
C HIS C 214 10.36 -4.55 16.02
N THR C 215 10.36 -3.38 16.64
CA THR C 215 9.19 -2.93 17.38
C THR C 215 8.56 -1.71 16.75
N SER C 216 7.25 -1.64 16.89
CA SER C 216 6.52 -0.51 16.36
C SER C 216 5.46 -0.10 17.36
N ILE C 217 5.35 1.20 17.53
CA ILE C 217 4.38 1.76 18.46
C ILE C 217 3.18 2.41 17.77
N ALA C 218 2.00 2.20 18.36
CA ALA C 218 0.77 2.85 17.90
C ALA C 218 0.11 3.29 19.22
N GLY C 219 0.46 4.49 19.66
CA GLY C 219 -0.09 5.01 20.92
C GLY C 219 0.37 4.10 22.07
N ARG C 220 -0.57 3.62 22.88
CA ARG C 220 -0.18 2.76 23.98
C ARG C 220 0.03 1.29 23.58
N ASN C 221 -0.13 0.98 22.29
CA ASN C 221 0.09 -0.36 21.77
C ASN C 221 1.55 -0.51 21.34
N LEU C 222 2.09 -1.71 21.49
CA LEU C 222 3.45 -1.99 21.07
C LEU C 222 3.41 -3.31 20.34
N TYR C 223 3.84 -3.30 19.09
CA TYR C 223 3.88 -4.47 18.25
C TYR C 223 5.36 -4.89 18.23
N ILE C 224 5.60 -6.15 18.55
CA ILE C 224 6.95 -6.70 18.62
C ILE C 224 7.09 -7.84 17.66
N ARG C 225 8.00 -7.68 16.69
CA ARG C 225 8.22 -8.68 15.67
C ARG C 225 9.45 -9.52 16.02
N PHE C 226 9.21 -10.74 16.51
CA PHE C 226 10.28 -11.67 16.86
C PHE C 226 10.69 -12.40 15.59
N GLN C 227 11.99 -12.49 15.33
CA GLN C 227 12.49 -13.20 14.15
C GLN C 227 13.54 -14.21 14.58
N SER C 228 13.41 -15.45 14.10
CA SER C 228 14.34 -16.48 14.47
C SER C 228 14.38 -17.61 13.47
N ARG C 229 15.54 -18.27 13.40
CA ARG C 229 15.71 -19.42 12.52
C ARG C 229 15.00 -20.55 13.21
N SER C 230 14.80 -21.66 12.51
CA SER C 230 14.06 -22.77 13.09
C SER C 230 14.45 -24.11 12.45
N GLY C 231 15.75 -24.30 12.27
CA GLY C 231 16.24 -25.52 11.65
C GLY C 231 15.58 -25.70 10.29
N ASP C 232 15.06 -26.90 10.03
CA ASP C 232 14.40 -27.17 8.77
C ASP C 232 12.88 -27.02 8.83
N ALA C 233 12.36 -26.58 9.97
CA ALA C 233 10.93 -26.41 10.12
C ALA C 233 10.51 -25.02 9.67
N MET C 234 9.30 -24.89 9.14
CA MET C 234 8.77 -23.59 8.71
C MET C 234 8.83 -22.67 9.94
N GLY C 235 8.56 -23.20 11.13
CA GLY C 235 8.70 -22.40 12.34
C GLY C 235 7.56 -21.77 13.15
N MET C 236 6.32 -21.80 12.66
CA MET C 236 5.22 -21.17 13.42
C MET C 236 5.10 -21.59 14.88
N ASN C 237 4.84 -22.87 15.14
CA ASN C 237 4.70 -23.36 16.52
C ASN C 237 5.93 -23.08 17.37
N MET C 238 7.10 -23.39 16.83
CA MET C 238 8.37 -23.16 17.52
C MET C 238 8.52 -21.71 18.00
N ILE C 239 8.35 -20.77 17.07
CA ILE C 239 8.45 -19.35 17.37
C ILE C 239 7.31 -18.85 18.26
N SER C 240 6.14 -19.45 18.12
CA SER C 240 5.01 -19.05 18.98
C SER C 240 5.37 -19.38 20.42
N LYS C 241 6.03 -20.53 20.63
CA LYS C 241 6.45 -20.98 21.97
C LYS C 241 7.48 -20.02 22.56
N GLY C 242 8.49 -19.67 21.77
CA GLY C 242 9.51 -18.73 22.21
C GLY C 242 8.90 -17.39 22.57
N THR C 243 8.00 -16.89 21.70
CA THR C 243 7.29 -15.63 21.88
C THR C 243 6.52 -15.65 23.21
N GLU C 244 5.84 -16.76 23.49
CA GLU C 244 5.08 -16.91 24.73
C GLU C 244 5.99 -16.76 25.93
N LYS C 245 7.14 -17.42 25.91
CA LYS C 245 8.08 -17.36 27.02
C LYS C 245 8.84 -16.04 27.10
N ALA C 246 9.02 -15.39 25.96
CA ALA C 246 9.69 -14.10 25.94
C ALA C 246 8.74 -13.05 26.52
N LEU C 247 7.47 -13.12 26.15
CA LEU C 247 6.47 -12.16 26.65
C LEU C 247 6.25 -12.37 28.15
N SER C 248 6.27 -13.63 28.58
CA SER C 248 6.13 -13.94 30.00
C SER C 248 7.29 -13.28 30.75
N LYS C 249 8.49 -13.37 30.17
CA LYS C 249 9.67 -12.77 30.74
C LYS C 249 9.55 -11.25 30.79
N LEU C 250 9.08 -10.64 29.69
CA LEU C 250 8.92 -9.18 29.62
C LEU C 250 7.90 -8.68 30.65
N HIS C 251 6.91 -9.50 30.95
CA HIS C 251 5.86 -9.14 31.92
C HIS C 251 6.43 -9.00 33.34
N GLU C 252 7.61 -9.59 33.59
CA GLU C 252 8.27 -9.51 34.90
C GLU C 252 8.85 -8.09 35.08
N TYR C 253 9.40 -7.53 34.00
CA TYR C 253 9.96 -6.19 34.06
C TYR C 253 8.84 -5.15 33.95
N PHE C 254 7.74 -5.54 33.31
CA PHE C 254 6.61 -4.63 33.13
C PHE C 254 5.29 -5.29 33.51
N PRO C 255 5.03 -5.35 34.83
CA PRO C 255 3.81 -5.95 35.36
C PRO C 255 2.54 -5.27 34.84
N GLU C 256 2.67 -4.04 34.37
CA GLU C 256 1.48 -3.36 33.85
C GLU C 256 1.16 -3.71 32.38
N MET C 257 2.05 -4.46 31.75
CA MET C 257 1.87 -4.85 30.36
C MET C 257 0.81 -5.92 30.16
N GLN C 258 -0.12 -5.64 29.25
CA GLN C 258 -1.19 -6.57 28.91
C GLN C 258 -0.87 -7.22 27.56
N ILE C 259 -0.87 -8.55 27.51
CA ILE C 259 -0.62 -9.26 26.27
C ILE C 259 -1.98 -9.44 25.61
N LEU C 260 -2.26 -8.58 24.64
CA LEU C 260 -3.53 -8.60 23.93
C LEU C 260 -3.71 -9.79 22.98
N ALA C 261 -2.66 -10.14 22.24
CA ALA C 261 -2.77 -11.28 21.33
C ALA C 261 -1.38 -11.72 20.90
N VAL C 262 -1.16 -13.03 20.94
CA VAL C 262 0.15 -13.57 20.56
C VAL C 262 0.51 -13.16 19.12
N SER C 263 -0.51 -12.87 18.32
CA SER C 263 -0.32 -12.36 16.95
C SER C 263 -1.16 -11.12 16.76
N GLY C 264 -0.48 -9.99 16.56
CA GLY C 264 -1.14 -8.72 16.32
C GLY C 264 -1.07 -8.32 14.85
N ASN C 265 -0.93 -9.30 13.97
CA ASN C 265 -0.86 -9.06 12.51
C ASN C 265 0.40 -8.30 12.06
N TYR C 266 1.40 -8.25 12.94
CA TYR C 266 2.65 -7.59 12.61
C TYR C 266 3.70 -8.60 12.15
N CYS C 267 3.31 -9.86 11.97
CA CYS C 267 4.25 -10.89 11.58
C CYS C 267 4.87 -10.67 10.17
N THR C 268 4.07 -10.61 9.09
CA THR C 268 2.61 -10.76 9.09
C THR C 268 2.38 -12.11 8.44
N ASP C 269 1.52 -12.93 9.02
CA ASP C 269 1.25 -14.26 8.50
C ASP C 269 -0.05 -14.41 7.67
N LYS C 270 0.09 -14.88 6.44
CA LYS C 270 -1.04 -15.11 5.53
C LYS C 270 -1.95 -13.94 5.11
N LYS C 271 -1.42 -12.73 5.18
CA LYS C 271 -2.15 -11.52 4.74
C LYS C 271 -1.10 -10.67 4.02
N PRO C 272 -1.49 -9.98 2.93
CA PRO C 272 -0.48 -9.16 2.25
C PRO C 272 -0.02 -8.06 3.20
N ALA C 273 1.28 -7.76 3.19
CA ALA C 273 1.81 -6.70 4.05
C ALA C 273 3.15 -6.20 3.54
N ALA C 274 3.33 -4.89 3.57
CA ALA C 274 4.57 -4.30 3.14
C ALA C 274 5.74 -4.76 4.01
N ILE C 275 5.47 -5.03 5.29
CA ILE C 275 6.56 -5.47 6.20
C ILE C 275 7.31 -6.75 5.76
N ASN C 276 6.60 -7.73 5.20
CA ASN C 276 7.24 -8.95 4.73
C ASN C 276 8.08 -8.65 3.50
N TRP C 277 7.58 -7.76 2.64
CA TRP C 277 8.26 -7.36 1.42
C TRP C 277 9.56 -6.60 1.73
N ILE C 278 9.49 -5.66 2.66
CA ILE C 278 10.63 -4.85 3.00
C ILE C 278 11.66 -5.47 3.96
N GLU C 279 11.18 -6.18 4.98
CA GLU C 279 12.08 -6.78 5.95
C GLU C 279 12.31 -8.29 5.76
N GLY C 280 11.53 -8.91 4.88
CA GLY C 280 11.64 -10.34 4.66
C GLY C 280 10.93 -11.14 5.75
N ARG C 281 10.66 -12.40 5.43
CA ARG C 281 10.01 -13.32 6.38
C ARG C 281 10.33 -14.71 5.87
N GLY C 282 10.80 -15.58 6.74
CA GLY C 282 11.17 -16.92 6.30
C GLY C 282 12.47 -16.79 5.51
N LYS C 283 12.48 -17.26 4.28
CA LYS C 283 13.68 -17.17 3.46
C LYS C 283 13.63 -16.15 2.34
N SER C 284 14.63 -15.27 2.31
CA SER C 284 14.75 -14.28 1.25
C SER C 284 15.73 -14.88 0.25
N VAL C 285 15.31 -14.96 -1.00
CA VAL C 285 16.11 -15.59 -2.02
C VAL C 285 16.18 -14.79 -3.30
N VAL C 286 17.30 -14.92 -4.02
CA VAL C 286 17.48 -14.28 -5.31
C VAL C 286 18.00 -15.36 -6.26
N CYS C 287 17.51 -15.32 -7.48
CA CYS C 287 17.91 -16.29 -8.50
C CYS C 287 18.21 -15.52 -9.77
N GLU C 288 19.07 -16.08 -10.62
CA GLU C 288 19.44 -15.42 -11.90
C GLU C 288 19.93 -16.40 -12.96
N ALA C 289 19.86 -15.98 -14.21
CA ALA C 289 20.32 -16.76 -15.36
C ALA C 289 20.46 -15.84 -16.57
N VAL C 290 21.23 -16.29 -17.56
CA VAL C 290 21.41 -15.55 -18.81
C VAL C 290 21.00 -16.53 -19.89
N ILE C 291 20.09 -16.10 -20.76
CA ILE C 291 19.60 -16.94 -21.85
C ILE C 291 20.15 -16.44 -23.18
N PRO C 292 20.96 -17.27 -23.88
CA PRO C 292 21.55 -16.92 -25.17
C PRO C 292 20.47 -16.52 -26.18
N ALA C 293 20.76 -15.49 -26.98
CA ALA C 293 19.82 -15.01 -27.99
C ALA C 293 19.23 -16.12 -28.82
N LYS C 294 20.08 -17.09 -29.17
CA LYS C 294 19.65 -18.23 -29.97
C LYS C 294 18.55 -19.02 -29.26
N VAL C 295 18.75 -19.26 -27.96
CA VAL C 295 17.77 -20.00 -27.17
C VAL C 295 16.47 -19.21 -27.02
N VAL C 296 16.56 -17.89 -26.86
CA VAL C 296 15.36 -17.07 -26.72
C VAL C 296 14.55 -17.17 -28.01
N ARG C 297 15.28 -17.20 -29.11
CA ARG C 297 14.70 -17.28 -30.45
C ARG C 297 14.06 -18.63 -30.76
N GLU C 298 14.79 -19.71 -30.47
CA GLU C 298 14.34 -21.06 -30.78
C GLU C 298 13.49 -21.80 -29.76
N VAL C 299 13.78 -21.62 -28.48
CA VAL C 299 13.02 -22.28 -27.44
C VAL C 299 11.84 -21.41 -26.96
N LEU C 300 12.11 -20.13 -26.70
CA LEU C 300 11.07 -19.20 -26.22
C LEU C 300 10.27 -18.51 -27.32
N LYS C 301 10.68 -18.71 -28.58
CA LYS C 301 9.98 -18.14 -29.73
C LYS C 301 9.81 -16.63 -29.76
N THR C 302 10.80 -15.90 -29.28
CA THR C 302 10.71 -14.45 -29.28
C THR C 302 12.12 -13.85 -29.27
N THR C 303 12.23 -12.58 -28.95
CA THR C 303 13.52 -11.90 -28.88
C THR C 303 13.77 -11.31 -27.50
N THR C 304 15.03 -11.05 -27.20
CA THR C 304 15.39 -10.47 -25.92
C THR C 304 14.73 -9.10 -25.75
N GLU C 305 14.75 -8.30 -26.81
CA GLU C 305 14.17 -6.97 -26.81
C GLU C 305 12.65 -6.96 -26.49
N ALA C 306 11.90 -7.91 -27.07
CA ALA C 306 10.47 -7.97 -26.83
C ALA C 306 10.18 -8.41 -25.37
N MET C 307 10.95 -9.37 -24.87
CA MET C 307 10.81 -9.84 -23.49
C MET C 307 11.00 -8.68 -22.51
N ILE C 308 12.08 -7.92 -22.72
CA ILE C 308 12.41 -6.79 -21.86
C ILE C 308 11.30 -5.75 -21.81
N GLU C 309 10.76 -5.45 -22.99
CA GLU C 309 9.70 -4.48 -23.13
C GLU C 309 8.42 -4.94 -22.42
N VAL C 310 8.14 -6.25 -22.45
CA VAL C 310 6.96 -6.78 -21.78
C VAL C 310 7.19 -6.76 -20.28
N ASN C 311 8.38 -7.15 -19.84
CA ASN C 311 8.69 -7.18 -18.42
C ASN C 311 8.57 -5.81 -17.75
N ILE C 312 9.12 -4.80 -18.39
CA ILE C 312 9.07 -3.44 -17.85
C ILE C 312 7.66 -2.89 -17.80
N ASN C 313 6.92 -3.01 -18.90
CA ASN C 313 5.58 -2.46 -18.95
C ASN C 313 4.45 -3.24 -18.28
N LYS C 314 4.69 -4.54 -18.01
CA LYS C 314 3.73 -5.40 -17.35
C LYS C 314 4.12 -5.55 -15.88
N ASN C 315 5.27 -6.18 -15.63
CA ASN C 315 5.75 -6.43 -14.27
C ASN C 315 6.19 -5.23 -13.44
N LEU C 316 6.60 -4.14 -14.10
CA LEU C 316 6.99 -2.96 -13.33
C LEU C 316 5.90 -1.88 -13.43
N VAL C 317 5.68 -1.34 -14.62
CA VAL C 317 4.71 -0.28 -14.77
C VAL C 317 3.27 -0.75 -14.51
N GLY C 318 2.88 -1.89 -15.07
CA GLY C 318 1.55 -2.42 -14.86
C GLY C 318 1.22 -2.67 -13.38
N SER C 319 2.12 -3.33 -12.68
CA SER C 319 1.94 -3.61 -11.25
C SER C 319 1.91 -2.29 -10.48
N ALA C 320 2.67 -1.30 -10.95
CA ALA C 320 2.67 0.01 -10.30
C ALA C 320 1.29 0.68 -10.46
N MET C 321 0.74 0.67 -11.68
CA MET C 321 -0.57 1.29 -11.94
C MET C 321 -1.69 0.60 -11.13
N ALA C 322 -1.52 -0.69 -10.86
CA ALA C 322 -2.51 -1.48 -10.13
C ALA C 322 -2.39 -1.25 -8.62
N GLY C 323 -1.34 -0.55 -8.20
CA GLY C 323 -1.10 -0.30 -6.79
C GLY C 323 -0.66 -1.54 -6.06
N SER C 324 0.28 -2.27 -6.65
CA SER C 324 0.79 -3.51 -6.05
C SER C 324 1.90 -3.29 -5.07
N ILE C 325 1.92 -4.10 -4.00
CA ILE C 325 3.02 -4.07 -3.05
C ILE C 325 3.56 -5.50 -3.14
N GLY C 326 4.74 -5.68 -3.74
CA GLY C 326 5.33 -7.01 -3.82
C GLY C 326 4.89 -7.91 -4.95
N GLY C 327 4.00 -7.41 -5.82
CA GLY C 327 3.53 -8.23 -6.92
C GLY C 327 4.10 -7.81 -8.28
N TYR C 328 5.42 -7.65 -8.35
CA TYR C 328 6.10 -7.24 -9.59
C TYR C 328 6.61 -8.46 -10.39
N ASN C 329 5.67 -9.36 -10.70
CA ASN C 329 5.97 -10.58 -11.41
C ASN C 329 4.75 -11.00 -12.24
N ALA C 330 4.93 -12.00 -13.08
CA ALA C 330 3.84 -12.44 -13.93
C ALA C 330 2.96 -13.49 -13.26
N HIS C 331 3.56 -14.51 -12.69
CA HIS C 331 2.76 -15.54 -12.07
C HIS C 331 3.50 -16.43 -11.09
N ALA C 332 4.28 -15.82 -10.23
CA ALA C 332 5.01 -16.58 -9.23
C ALA C 332 4.08 -17.45 -8.39
N ALA C 333 2.89 -16.92 -8.07
CA ALA C 333 1.93 -17.64 -7.26
C ALA C 333 1.59 -19.03 -7.84
N ASN C 334 1.50 -19.15 -9.16
CA ASN C 334 1.22 -20.44 -9.80
C ASN C 334 2.26 -21.52 -9.44
N ILE C 335 3.54 -21.17 -9.54
CA ILE C 335 4.62 -22.10 -9.25
C ILE C 335 4.71 -22.36 -7.77
N VAL C 336 4.71 -21.30 -6.97
CA VAL C 336 4.78 -21.47 -5.53
C VAL C 336 3.66 -22.41 -5.01
N THR C 337 2.45 -22.20 -5.51
CA THR C 337 1.32 -23.00 -5.06
C THR C 337 1.45 -24.48 -5.43
N ALA C 338 1.77 -24.74 -6.70
CA ALA C 338 1.91 -26.11 -7.19
C ALA C 338 3.00 -26.86 -6.42
N ILE C 339 4.13 -26.20 -6.16
CA ILE C 339 5.18 -26.88 -5.41
C ILE C 339 4.78 -27.07 -3.96
N TYR C 340 4.17 -26.04 -3.37
CA TYR C 340 3.74 -26.12 -1.97
C TYR C 340 2.78 -27.29 -1.73
N ILE C 341 1.80 -27.47 -2.61
CA ILE C 341 0.84 -28.55 -2.44
C ILE C 341 1.51 -29.93 -2.59
N ALA C 342 2.39 -30.05 -3.58
CA ALA C 342 3.11 -31.29 -3.82
C ALA C 342 4.08 -31.66 -2.70
N CYS C 343 4.67 -30.65 -2.06
CA CYS C 343 5.66 -30.88 -1.02
C CYS C 343 5.19 -30.74 0.42
N GLY C 344 3.87 -30.75 0.62
CA GLY C 344 3.34 -30.68 1.97
C GLY C 344 3.52 -29.37 2.71
N GLN C 345 3.68 -28.27 1.98
CA GLN C 345 3.80 -26.96 2.63
C GLN C 345 2.41 -26.44 2.98
N ASP C 346 2.34 -25.32 3.67
CA ASP C 346 1.06 -24.72 4.00
C ASP C 346 0.70 -23.85 2.80
N ALA C 347 -0.25 -24.31 1.98
CA ALA C 347 -0.64 -23.57 0.79
C ALA C 347 -1.20 -22.16 1.02
N ALA C 348 -1.77 -21.91 2.19
CA ALA C 348 -2.32 -20.60 2.49
C ALA C 348 -1.19 -19.57 2.55
N GLN C 349 0.04 -20.05 2.77
CA GLN C 349 1.19 -19.16 2.81
C GLN C 349 1.64 -18.66 1.44
N ASN C 350 0.91 -19.06 0.41
CA ASN C 350 1.16 -18.59 -0.92
C ASN C 350 0.97 -17.06 -0.95
N VAL C 351 0.17 -16.54 -0.01
CA VAL C 351 -0.10 -15.11 0.04
C VAL C 351 1.21 -14.28 0.10
N GLY C 352 2.02 -14.49 1.13
CA GLY C 352 3.27 -13.77 1.21
C GLY C 352 4.45 -14.44 0.48
N SER C 353 4.47 -15.76 0.46
CA SER C 353 5.53 -16.53 -0.19
C SER C 353 5.70 -16.21 -1.65
N SER C 354 4.61 -15.81 -2.29
CA SER C 354 4.57 -15.43 -3.70
C SER C 354 5.19 -14.08 -4.02
N ASN C 355 5.51 -13.28 -3.00
CA ASN C 355 6.10 -11.97 -3.27
C ASN C 355 7.32 -12.15 -4.20
N CYS C 356 7.39 -11.36 -5.26
CA CYS C 356 8.47 -11.49 -6.22
C CYS C 356 8.62 -10.31 -7.17
N ILE C 357 9.87 -9.92 -7.41
CA ILE C 357 10.15 -8.89 -8.41
C ILE C 357 11.01 -9.54 -9.51
N THR C 358 10.44 -9.62 -10.71
CA THR C 358 11.11 -10.21 -11.85
C THR C 358 11.75 -9.11 -12.71
N LEU C 359 13.06 -9.21 -12.94
CA LEU C 359 13.79 -8.22 -13.73
C LEU C 359 14.50 -8.84 -14.95
N MET C 360 14.46 -8.11 -16.05
CA MET C 360 15.06 -8.55 -17.30
C MET C 360 15.87 -7.44 -17.95
N GLU C 361 17.02 -7.79 -18.49
CA GLU C 361 17.85 -6.80 -19.18
C GLU C 361 18.75 -7.41 -20.24
N ALA C 362 19.11 -6.57 -21.21
CA ALA C 362 19.98 -6.97 -22.32
C ALA C 362 21.36 -7.27 -21.77
N SER C 363 21.94 -8.39 -22.20
CA SER C 363 23.26 -8.83 -21.76
C SER C 363 24.11 -9.34 -22.93
N GLY C 364 25.40 -9.58 -22.67
CA GLY C 364 26.30 -10.10 -23.69
C GLY C 364 27.10 -9.11 -24.53
N PRO C 365 27.95 -9.62 -25.45
CA PRO C 365 28.81 -8.86 -26.38
C PRO C 365 27.97 -8.01 -27.32
N THR C 366 27.00 -8.67 -27.93
CA THR C 366 26.07 -8.06 -28.88
C THR C 366 24.85 -7.42 -28.18
N ASN C 367 24.74 -7.62 -26.86
CA ASN C 367 23.63 -7.07 -26.07
C ASN C 367 22.32 -7.66 -26.60
N GLU C 368 22.35 -8.94 -26.97
CA GLU C 368 21.17 -9.64 -27.50
C GLU C 368 20.79 -10.82 -26.63
N ASP C 369 21.60 -11.07 -25.59
CA ASP C 369 21.32 -12.16 -24.66
C ASP C 369 20.41 -11.63 -23.51
N LEU C 370 19.56 -12.51 -22.97
CA LEU C 370 18.61 -12.14 -21.93
C LEU C 370 19.04 -12.41 -20.48
N TYR C 371 19.29 -11.35 -19.72
CA TYR C 371 19.62 -11.54 -18.30
C TYR C 371 18.28 -11.48 -17.55
N ILE C 372 18.05 -12.43 -16.64
CA ILE C 372 16.82 -12.47 -15.87
C ILE C 372 17.08 -12.80 -14.42
N SER C 373 16.41 -12.09 -13.51
CA SER C 373 16.53 -12.35 -12.09
C SER C 373 15.14 -12.29 -11.41
N CYS C 374 14.97 -13.09 -10.35
CA CYS C 374 13.74 -13.11 -9.56
C CYS C 374 14.22 -13.00 -8.14
N THR C 375 13.64 -12.06 -7.40
CA THR C 375 13.98 -11.84 -6.00
C THR C 375 12.71 -12.04 -5.18
N MET C 376 12.78 -13.00 -4.26
CA MET C 376 11.65 -13.38 -3.41
C MET C 376 12.07 -13.26 -1.96
N PRO C 377 11.67 -12.15 -1.33
CA PRO C 377 11.98 -11.82 0.05
C PRO C 377 11.31 -12.58 1.16
N SER C 378 10.23 -13.31 0.84
CA SER C 378 9.49 -13.98 1.93
C SER C 378 8.90 -15.36 1.67
N ILE C 379 9.78 -16.32 1.32
CA ILE C 379 9.37 -17.69 1.06
C ILE C 379 9.25 -18.41 2.42
N GLU C 380 8.01 -18.71 2.82
CA GLU C 380 7.76 -19.40 4.10
C GLU C 380 7.70 -20.88 3.78
N ILE C 381 8.73 -21.60 4.24
CA ILE C 381 8.87 -23.00 3.87
C ILE C 381 9.56 -23.87 4.93
N GLY C 382 9.41 -25.18 4.77
CA GLY C 382 10.01 -26.14 5.70
C GLY C 382 9.98 -27.55 5.13
N THR C 383 10.86 -28.39 5.65
CA THR C 383 10.95 -29.78 5.20
C THR C 383 10.65 -30.76 6.34
N VAL C 384 10.32 -30.21 7.51
CA VAL C 384 9.97 -31.00 8.68
C VAL C 384 8.67 -30.43 9.27
N GLY C 385 7.79 -31.30 9.75
CA GLY C 385 6.54 -30.85 10.36
C GLY C 385 5.38 -30.57 9.42
N GLY C 386 4.19 -30.42 10.01
CA GLY C 386 2.99 -30.15 9.25
C GLY C 386 2.72 -31.24 8.22
N GLY C 387 2.39 -30.80 7.00
CA GLY C 387 2.11 -31.73 5.93
C GLY C 387 3.30 -32.52 5.43
N THR C 388 4.51 -32.09 5.77
CA THR C 388 5.69 -32.82 5.32
C THR C 388 5.88 -34.11 6.10
N ASN C 389 5.04 -34.34 7.11
CA ASN C 389 5.09 -35.56 7.92
C ASN C 389 4.35 -36.73 7.24
N LEU C 390 3.61 -36.42 6.17
CA LEU C 390 2.85 -37.43 5.44
C LEU C 390 3.71 -38.08 4.35
N LEU C 391 3.51 -39.36 4.10
CA LEU C 391 4.31 -40.08 3.11
C LEU C 391 4.28 -39.59 1.68
N PRO C 392 3.07 -39.37 1.09
CA PRO C 392 3.05 -38.90 -0.29
C PRO C 392 3.82 -37.57 -0.50
N GLN C 393 3.67 -36.63 0.43
CA GLN C 393 4.39 -35.38 0.29
C GLN C 393 5.88 -35.57 0.55
N GLN C 394 6.24 -36.56 1.37
CA GLN C 394 7.64 -36.86 1.65
C GLN C 394 8.30 -37.39 0.37
N ALA C 395 7.52 -38.07 -0.46
CA ALA C 395 8.03 -38.62 -1.73
C ALA C 395 8.47 -37.48 -2.65
N CYS C 396 7.64 -36.44 -2.74
CA CYS C 396 7.96 -35.29 -3.58
C CYS C 396 9.18 -34.55 -3.02
N LEU C 397 9.29 -34.47 -1.69
CA LEU C 397 10.44 -33.84 -1.05
C LEU C 397 11.73 -34.67 -1.30
N GLN C 398 11.60 -36.00 -1.26
CA GLN C 398 12.74 -36.90 -1.49
C GLN C 398 13.18 -36.75 -2.93
N MET C 399 12.21 -36.61 -3.82
CA MET C 399 12.46 -36.42 -5.24
C MET C 399 13.43 -35.25 -5.45
N LEU C 400 13.36 -34.26 -4.56
CA LEU C 400 14.21 -33.08 -4.62
C LEU C 400 15.45 -33.22 -3.74
N GLY C 401 15.45 -34.26 -2.91
CA GLY C 401 16.57 -34.52 -2.02
C GLY C 401 16.61 -33.63 -0.80
N VAL C 402 15.45 -33.14 -0.36
CA VAL C 402 15.39 -32.25 0.79
C VAL C 402 14.42 -32.68 1.90
N GLN C 403 14.02 -33.95 1.90
CA GLN C 403 13.08 -34.43 2.90
C GLN C 403 13.64 -34.48 4.32
N GLY C 404 12.82 -34.03 5.26
CA GLY C 404 13.21 -34.03 6.66
C GLY C 404 14.38 -33.16 7.07
N ALA C 405 14.80 -33.36 8.30
CA ALA C 405 15.90 -32.61 8.90
C ALA C 405 17.25 -32.91 8.27
N CYS C 406 18.11 -31.90 8.28
CA CYS C 406 19.45 -32.05 7.77
C CYS C 406 20.31 -32.19 9.02
N LYS C 407 20.66 -33.43 9.31
CA LYS C 407 21.46 -33.81 10.48
C LYS C 407 22.69 -32.93 10.78
N ASP C 408 23.63 -32.90 9.83
CA ASP C 408 24.86 -32.13 10.00
C ASP C 408 24.77 -30.62 9.81
N ASN C 409 23.85 -30.16 8.96
CA ASN C 409 23.70 -28.73 8.70
C ASN C 409 22.23 -28.29 8.78
N PRO C 410 21.67 -28.19 10.00
CA PRO C 410 20.28 -27.80 10.27
C PRO C 410 19.80 -26.59 9.48
N GLY C 411 18.68 -26.75 8.78
CA GLY C 411 18.11 -25.68 7.99
C GLY C 411 18.47 -25.75 6.51
N GLU C 412 19.55 -26.45 6.20
CA GLU C 412 20.00 -26.56 4.82
C GLU C 412 19.00 -27.15 3.85
N ASN C 413 18.21 -28.12 4.29
CA ASN C 413 17.19 -28.73 3.41
C ASN C 413 16.11 -27.68 3.08
N ALA C 414 15.67 -26.95 4.09
CA ALA C 414 14.64 -25.91 3.90
C ALA C 414 15.19 -24.80 2.99
N ARG C 415 16.46 -24.44 3.18
CA ARG C 415 17.09 -23.41 2.34
C ARG C 415 17.17 -23.89 0.91
N GLN C 416 17.53 -25.17 0.73
CA GLN C 416 17.65 -25.75 -0.61
C GLN C 416 16.29 -25.73 -1.27
N LEU C 417 15.24 -26.06 -0.51
CA LEU C 417 13.88 -26.04 -1.07
C LEU C 417 13.48 -24.62 -1.50
N ALA C 418 13.83 -23.62 -0.69
CA ALA C 418 13.52 -22.23 -1.04
C ALA C 418 14.24 -21.83 -2.34
N ARG C 419 15.50 -22.26 -2.49
CA ARG C 419 16.25 -21.95 -3.71
C ARG C 419 15.57 -22.60 -4.90
N ILE C 420 15.14 -23.85 -4.72
CA ILE C 420 14.44 -24.57 -5.80
C ILE C 420 13.16 -23.84 -6.21
N VAL C 421 12.41 -23.37 -5.22
CA VAL C 421 11.18 -22.62 -5.50
C VAL C 421 11.51 -21.35 -6.29
N CYS C 422 12.52 -20.60 -5.83
CA CYS C 422 12.88 -19.37 -6.55
C CYS C 422 13.33 -19.64 -7.99
N GLY C 423 14.07 -20.73 -8.20
CA GLY C 423 14.52 -21.09 -9.54
C GLY C 423 13.40 -21.53 -10.46
N THR C 424 12.47 -22.31 -9.91
CA THR C 424 11.32 -22.76 -10.71
C THR C 424 10.43 -21.56 -11.06
N VAL C 425 10.26 -20.63 -10.13
CA VAL C 425 9.45 -19.41 -10.40
C VAL C 425 10.13 -18.70 -11.58
N MET C 426 11.46 -18.55 -11.54
CA MET C 426 12.17 -17.89 -12.63
C MET C 426 11.93 -18.61 -13.96
N ALA C 427 11.92 -19.94 -13.96
CA ALA C 427 11.63 -20.69 -15.19
C ALA C 427 10.19 -20.37 -15.62
N GLY C 428 9.28 -20.32 -14.64
CA GLY C 428 7.89 -20.01 -14.96
C GLY C 428 7.73 -18.62 -15.57
N GLU C 429 8.44 -17.63 -15.01
CA GLU C 429 8.40 -16.25 -15.51
C GLU C 429 8.96 -16.15 -16.93
N LEU C 430 10.06 -16.85 -17.19
CA LEU C 430 10.68 -16.86 -18.52
C LEU C 430 9.70 -17.32 -19.59
N SER C 431 9.10 -18.48 -19.33
CA SER C 431 8.16 -19.10 -20.26
C SER C 431 6.91 -18.29 -20.53
N LEU C 432 6.20 -17.91 -19.46
CA LEU C 432 4.98 -17.11 -19.64
C LEU C 432 5.29 -15.77 -20.29
N MET C 433 6.36 -15.09 -19.88
CA MET C 433 6.67 -13.81 -20.51
C MET C 433 6.98 -13.95 -22.01
N ALA C 434 7.67 -15.03 -22.38
CA ALA C 434 7.99 -15.29 -23.80
C ALA C 434 6.69 -15.41 -24.58
N ALA C 435 5.73 -16.15 -24.01
CA ALA C 435 4.44 -16.33 -24.67
C ALA C 435 3.66 -15.02 -24.83
N LEU C 436 3.80 -14.11 -23.86
CA LEU C 436 3.11 -12.83 -23.96
C LEU C 436 3.81 -11.93 -24.97
N ALA C 437 5.15 -12.01 -25.01
CA ALA C 437 5.97 -11.21 -25.93
C ALA C 437 5.69 -11.58 -27.39
N ALA C 438 5.70 -12.87 -27.68
CA ALA C 438 5.45 -13.39 -29.02
C ALA C 438 4.06 -12.98 -29.50
N GLY C 439 3.13 -12.89 -28.55
CA GLY C 439 1.76 -12.53 -28.87
C GLY C 439 0.91 -13.76 -29.11
N LEU D 41 4.32 -55.54 -26.23
CA LEU D 41 5.61 -54.96 -25.76
C LEU D 41 5.63 -54.82 -24.25
N SER D 42 6.80 -55.03 -23.65
CA SER D 42 6.95 -54.89 -22.20
C SER D 42 7.09 -53.40 -21.87
N ASP D 43 7.60 -53.11 -20.69
CA ASP D 43 7.82 -51.74 -20.26
C ASP D 43 9.27 -51.34 -20.55
N ALA D 44 10.19 -52.26 -20.27
CA ALA D 44 11.62 -52.04 -20.51
C ALA D 44 11.88 -51.93 -22.01
N GLU D 45 10.92 -52.42 -22.80
CA GLU D 45 11.01 -52.36 -24.25
C GLU D 45 10.63 -50.96 -24.73
N ILE D 46 9.52 -50.43 -24.21
CA ILE D 46 9.08 -49.09 -24.58
C ILE D 46 10.06 -48.05 -24.03
N ILE D 47 10.59 -48.32 -22.84
CA ILE D 47 11.56 -47.42 -22.21
C ILE D 47 12.78 -47.30 -23.12
N GLN D 48 13.31 -48.44 -23.56
CA GLN D 48 14.48 -48.49 -24.45
C GLN D 48 14.24 -47.77 -25.77
N LEU D 49 12.99 -47.80 -26.23
CA LEU D 49 12.60 -47.15 -27.47
C LEU D 49 12.58 -45.62 -27.29
N VAL D 50 12.16 -45.18 -26.09
CA VAL D 50 12.09 -43.75 -25.79
C VAL D 50 13.48 -43.15 -25.71
N ASN D 51 14.38 -43.84 -24.99
CA ASN D 51 15.77 -43.41 -24.84
C ASN D 51 16.33 -43.18 -26.24
N ALA D 52 16.32 -44.24 -27.04
CA ALA D 52 16.82 -44.20 -28.41
C ALA D 52 15.69 -43.94 -29.40
N LEU D 60 3.52 -39.71 -24.30
CA LEU D 60 3.34 -41.13 -23.98
C LEU D 60 1.90 -41.60 -24.10
N GLU D 61 0.97 -40.85 -23.52
CA GLU D 61 -0.45 -41.19 -23.58
C GLU D 61 -0.94 -41.26 -25.03
N THR D 62 -0.11 -40.75 -25.94
CA THR D 62 -0.41 -40.74 -27.37
C THR D 62 -0.07 -42.08 -28.01
N LEU D 63 1.11 -42.61 -27.67
CA LEU D 63 1.59 -43.88 -28.20
C LEU D 63 0.92 -45.08 -27.51
N ILE D 64 1.19 -45.26 -26.21
CA ILE D 64 0.62 -46.36 -25.43
C ILE D 64 -0.92 -46.31 -25.42
N GLU D 65 -1.54 -47.45 -25.10
CA GLU D 65 -2.99 -47.58 -25.07
C GLU D 65 -3.65 -47.22 -23.71
N THR D 66 -3.18 -47.83 -22.63
CA THR D 66 -3.73 -47.56 -21.29
C THR D 66 -3.24 -46.22 -20.72
N HIS D 67 -4.10 -45.55 -19.96
CA HIS D 67 -3.73 -44.27 -19.36
C HIS D 67 -2.83 -44.47 -18.13
N GLU D 68 -3.21 -45.39 -17.25
CA GLU D 68 -2.45 -45.70 -16.04
C GLU D 68 -1.04 -46.23 -16.33
N ARG D 69 -0.89 -46.91 -17.46
CA ARG D 69 0.38 -47.48 -17.88
C ARG D 69 1.38 -46.40 -18.30
N GLY D 70 0.88 -45.40 -19.03
CA GLY D 70 1.71 -44.30 -19.48
C GLY D 70 2.33 -43.55 -18.30
N VAL D 71 1.59 -43.48 -17.20
CA VAL D 71 2.06 -42.81 -16.00
C VAL D 71 3.13 -43.69 -15.37
N SER D 72 2.91 -45.00 -15.34
CA SER D 72 3.86 -45.95 -14.78
C SER D 72 5.19 -45.81 -15.52
N ILE D 73 5.11 -45.76 -16.85
CA ILE D 73 6.31 -45.60 -17.67
C ILE D 73 7.04 -44.30 -17.32
N ARG D 74 6.32 -43.18 -17.35
CA ARG D 74 6.92 -41.90 -17.04
C ARG D 74 7.59 -41.92 -15.67
N ARG D 75 6.96 -42.59 -14.72
CA ARG D 75 7.52 -42.71 -13.37
C ARG D 75 8.83 -43.50 -13.39
N GLN D 76 8.93 -44.48 -14.28
CA GLN D 76 10.13 -45.29 -14.37
C GLN D 76 11.23 -44.50 -15.12
N LEU D 77 10.84 -43.79 -16.16
CA LEU D 77 11.74 -42.94 -16.94
C LEU D 77 12.35 -41.85 -16.06
N LEU D 78 11.51 -41.23 -15.23
CA LEU D 78 11.94 -40.18 -14.30
C LEU D 78 12.76 -40.75 -13.16
N SER D 79 12.38 -41.95 -12.72
CA SER D 79 13.04 -42.66 -11.62
C SER D 79 14.57 -42.75 -11.76
N LYS D 80 15.02 -42.89 -13.01
CA LYS D 80 16.43 -43.02 -13.35
C LYS D 80 17.26 -41.74 -13.22
N LYS D 81 16.58 -40.59 -13.16
CA LYS D 81 17.27 -39.30 -13.04
C LYS D 81 17.37 -38.80 -11.61
N LEU D 82 16.72 -39.49 -10.67
CA LEU D 82 16.73 -39.06 -9.27
C LEU D 82 17.84 -39.70 -8.46
N SER D 83 18.28 -39.01 -7.41
CA SER D 83 19.33 -39.55 -6.55
C SER D 83 18.73 -40.44 -5.46
N GLU D 84 17.41 -40.61 -5.54
CA GLU D 84 16.64 -41.46 -4.64
C GLU D 84 15.48 -42.01 -5.47
N PRO D 85 15.76 -42.95 -6.39
CA PRO D 85 14.76 -43.56 -7.26
C PRO D 85 13.61 -44.25 -6.54
N SER D 86 13.84 -44.62 -5.28
CA SER D 86 12.82 -45.28 -4.46
C SER D 86 11.81 -44.30 -3.84
N SER D 87 12.14 -43.00 -3.86
CA SER D 87 11.27 -41.96 -3.31
C SER D 87 9.84 -41.99 -3.83
N LEU D 88 9.69 -42.31 -5.12
CA LEU D 88 8.40 -42.38 -5.79
C LEU D 88 7.47 -43.52 -5.36
N GLN D 89 7.96 -44.41 -4.49
CA GLN D 89 7.14 -45.54 -4.05
C GLN D 89 5.94 -45.12 -3.22
N TYR D 90 6.07 -44.02 -2.49
CA TYR D 90 4.95 -43.56 -1.69
C TYR D 90 4.06 -42.51 -2.32
N LEU D 91 4.32 -42.20 -3.59
CA LEU D 91 3.50 -41.25 -4.34
C LEU D 91 2.48 -42.12 -5.09
N PRO D 92 1.19 -42.00 -4.76
CA PRO D 92 0.10 -42.76 -5.38
C PRO D 92 -0.07 -42.47 -6.86
N TYR D 93 -0.66 -43.41 -7.60
CA TYR D 93 -0.90 -43.22 -9.03
C TYR D 93 -1.96 -44.15 -9.63
N ARG D 94 -2.21 -45.27 -8.98
CA ARG D 94 -3.20 -46.25 -9.46
C ARG D 94 -4.63 -45.95 -9.04
N ASP D 95 -5.58 -46.51 -9.79
CA ASP D 95 -7.01 -46.35 -9.54
C ASP D 95 -7.50 -44.90 -9.59
N TYR D 96 -6.90 -44.13 -10.48
CA TYR D 96 -7.28 -42.73 -10.66
C TYR D 96 -7.50 -42.54 -12.16
N ASN D 97 -8.64 -41.97 -12.54
CA ASN D 97 -8.92 -41.78 -13.95
C ASN D 97 -8.29 -40.52 -14.56
N TYR D 98 -7.15 -40.74 -15.18
CA TYR D 98 -6.38 -39.69 -15.83
C TYR D 98 -7.03 -39.16 -17.12
N SER D 99 -8.17 -39.73 -17.47
CA SER D 99 -8.89 -39.34 -18.69
C SER D 99 -9.27 -37.86 -18.68
N LEU D 100 -9.82 -37.43 -17.54
CA LEU D 100 -10.26 -36.05 -17.36
C LEU D 100 -9.10 -35.07 -17.17
N VAL D 101 -7.97 -35.60 -16.70
CA VAL D 101 -6.75 -34.83 -16.47
C VAL D 101 -5.90 -34.58 -17.73
N MET D 102 -5.57 -35.63 -18.47
CA MET D 102 -4.75 -35.50 -19.68
C MET D 102 -5.36 -34.52 -20.67
N GLY D 103 -4.52 -33.60 -21.14
CA GLY D 103 -4.94 -32.58 -22.09
C GLY D 103 -5.90 -31.55 -21.53
N ALA D 104 -5.91 -31.36 -20.21
CA ALA D 104 -6.83 -30.39 -19.63
C ALA D 104 -6.41 -29.76 -18.31
N CYS D 105 -5.82 -30.55 -17.43
CA CYS D 105 -5.44 -30.05 -16.11
C CYS D 105 -3.97 -30.15 -15.69
N CYS D 106 -3.21 -31.06 -16.30
CA CYS D 106 -1.81 -31.27 -15.91
C CYS D 106 -0.99 -32.01 -16.99
N GLU D 107 0.33 -31.81 -17.01
CA GLU D 107 1.21 -32.49 -17.96
C GLU D 107 2.31 -33.22 -17.21
N ASN D 108 3.01 -34.13 -17.90
CA ASN D 108 4.09 -34.93 -17.32
C ASN D 108 3.65 -35.51 -15.99
N VAL D 109 2.44 -36.06 -15.97
CA VAL D 109 1.85 -36.62 -14.76
C VAL D 109 2.58 -37.85 -14.24
N ILE D 110 2.95 -37.82 -12.97
CA ILE D 110 3.66 -38.92 -12.33
C ILE D 110 2.90 -39.47 -11.13
N GLY D 111 1.63 -39.09 -11.03
CA GLY D 111 0.80 -39.53 -9.93
C GLY D 111 -0.13 -38.45 -9.41
N TYR D 112 -0.47 -38.52 -8.13
CA TYR D 112 -1.35 -37.52 -7.54
C TYR D 112 -1.02 -37.32 -6.08
N MET D 113 -1.34 -36.13 -5.55
CA MET D 113 -1.08 -35.82 -4.15
C MET D 113 -2.38 -35.78 -3.35
N PRO D 114 -2.51 -36.68 -2.36
CA PRO D 114 -3.72 -36.72 -1.53
C PRO D 114 -3.67 -35.69 -0.43
N ILE D 115 -4.69 -34.84 -0.35
CA ILE D 115 -4.78 -33.80 0.68
C ILE D 115 -5.98 -34.19 1.55
N PRO D 116 -5.77 -34.39 2.86
CA PRO D 116 -6.89 -34.76 3.72
C PRO D 116 -8.05 -33.75 3.61
N VAL D 117 -9.28 -34.26 3.54
CA VAL D 117 -10.46 -33.42 3.47
C VAL D 117 -11.29 -33.57 4.76
N GLY D 118 -11.45 -32.47 5.49
CA GLY D 118 -12.23 -32.47 6.72
C GLY D 118 -13.55 -31.78 6.44
N VAL D 119 -14.49 -31.83 7.40
CA VAL D 119 -15.78 -31.18 7.19
C VAL D 119 -16.15 -30.31 8.38
N ALA D 120 -16.56 -29.08 8.09
CA ALA D 120 -16.95 -28.14 9.12
C ALA D 120 -18.39 -27.74 8.90
N GLY D 121 -19.18 -27.77 9.96
CA GLY D 121 -20.59 -27.42 9.84
C GLY D 121 -21.49 -28.03 10.89
N PRO D 122 -22.81 -27.83 10.76
CA PRO D 122 -23.45 -27.06 9.68
C PRO D 122 -23.19 -25.57 9.75
N LEU D 123 -23.15 -24.93 8.58
CA LEU D 123 -22.96 -23.50 8.51
C LEU D 123 -24.33 -22.95 8.17
N CYS D 124 -24.92 -22.22 9.10
CA CYS D 124 -26.24 -21.65 8.90
C CYS D 124 -26.09 -20.31 8.20
N LEU D 125 -26.37 -20.34 6.90
CA LEU D 125 -26.22 -19.15 6.06
C LEU D 125 -27.43 -18.91 5.19
N ASP D 126 -27.98 -17.71 5.31
CA ASP D 126 -29.16 -17.33 4.54
C ASP D 126 -30.30 -18.36 4.64
N GLU D 127 -30.55 -18.81 5.87
CA GLU D 127 -31.60 -19.79 6.18
C GLU D 127 -31.40 -21.19 5.61
N LYS D 128 -30.17 -21.52 5.25
CA LYS D 128 -29.86 -22.86 4.74
C LYS D 128 -28.76 -23.43 5.62
N GLU D 129 -28.44 -24.70 5.43
CA GLU D 129 -27.37 -25.33 6.20
C GLU D 129 -26.38 -25.95 5.24
N PHE D 130 -25.10 -25.64 5.43
CA PHE D 130 -24.07 -26.17 4.55
C PHE D 130 -23.03 -26.97 5.32
N GLN D 131 -22.58 -28.07 4.72
CA GLN D 131 -21.55 -28.93 5.31
C GLN D 131 -20.33 -28.62 4.43
N VAL D 132 -19.42 -27.80 4.96
CA VAL D 132 -18.26 -27.31 4.21
C VAL D 132 -17.01 -28.18 4.16
N PRO D 133 -16.64 -28.64 2.95
CA PRO D 133 -15.44 -29.48 2.75
C PRO D 133 -14.20 -28.59 2.80
N MET D 134 -13.18 -29.04 3.56
CA MET D 134 -11.93 -28.30 3.71
C MET D 134 -10.70 -29.20 3.55
N ALA D 135 -9.95 -28.97 2.47
CA ALA D 135 -8.76 -29.76 2.18
C ALA D 135 -7.56 -29.06 2.79
N THR D 136 -6.97 -29.65 3.83
CA THR D 136 -5.85 -29.02 4.50
C THR D 136 -4.95 -30.02 5.24
N THR D 137 -3.75 -29.56 5.61
CA THR D 137 -2.83 -30.41 6.38
C THR D 137 -2.43 -29.64 7.64
N GLU D 138 -3.15 -28.59 7.96
CA GLU D 138 -2.88 -27.79 9.16
C GLU D 138 -3.80 -28.21 10.32
N GLY D 139 -3.21 -28.79 11.35
CA GLY D 139 -3.98 -29.26 12.50
C GLY D 139 -4.77 -28.19 13.23
N CYS D 140 -6.00 -28.55 13.61
CA CYS D 140 -6.94 -27.68 14.33
C CYS D 140 -7.69 -26.67 13.47
N LEU D 141 -7.36 -26.59 12.18
CA LEU D 141 -8.02 -25.64 11.30
C LEU D 141 -9.49 -26.00 11.11
N VAL D 142 -9.75 -27.24 10.71
CA VAL D 142 -11.12 -27.70 10.53
C VAL D 142 -11.88 -27.63 11.86
N ALA D 143 -11.25 -28.09 12.95
CA ALA D 143 -11.87 -28.07 14.28
C ALA D 143 -12.24 -26.67 14.74
N SER D 144 -11.29 -25.72 14.66
CA SER D 144 -11.57 -24.35 15.07
C SER D 144 -12.64 -23.73 14.19
N THR D 145 -12.63 -24.04 12.89
CA THR D 145 -13.63 -23.50 11.98
C THR D 145 -15.02 -24.06 12.33
N ASN D 146 -15.05 -25.34 12.70
CA ASN D 146 -16.30 -26.02 13.08
C ASN D 146 -16.88 -25.32 14.30
N ARG D 147 -16.02 -24.98 15.26
CA ARG D 147 -16.47 -24.28 16.46
C ARG D 147 -17.11 -22.94 16.08
N GLY D 148 -16.49 -22.25 15.12
CA GLY D 148 -17.01 -20.96 14.68
C GLY D 148 -18.39 -21.12 14.10
N CYS D 149 -18.58 -22.21 13.33
CA CYS D 149 -19.87 -22.51 12.74
C CYS D 149 -20.95 -22.71 13.82
N ARG D 150 -20.56 -23.37 14.92
CA ARG D 150 -21.49 -23.64 16.00
C ARG D 150 -21.93 -22.35 16.67
N ALA D 151 -20.99 -21.44 16.91
CA ALA D 151 -21.32 -20.17 17.53
C ALA D 151 -22.32 -19.41 16.67
N ILE D 152 -22.15 -19.46 15.36
CA ILE D 152 -23.06 -18.78 14.43
C ILE D 152 -24.46 -19.44 14.44
N GLY D 153 -24.49 -20.78 14.39
CA GLY D 153 -25.74 -21.51 14.40
C GLY D 153 -26.56 -21.19 15.64
N LEU D 154 -25.88 -21.11 16.79
CA LEU D 154 -26.54 -20.78 18.03
C LEU D 154 -27.01 -19.33 18.06
N GLY D 155 -26.42 -18.50 17.19
CA GLY D 155 -26.77 -17.09 17.14
C GLY D 155 -27.90 -16.78 16.17
N GLY D 156 -28.51 -17.81 15.60
CA GLY D 156 -29.59 -17.56 14.65
C GLY D 156 -29.14 -17.50 13.21
N GLY D 157 -27.88 -17.90 12.94
CA GLY D 157 -27.38 -17.90 11.58
C GLY D 157 -26.77 -16.62 11.01
N ALA D 158 -26.17 -16.78 9.84
CA ALA D 158 -25.52 -15.66 9.17
C ALA D 158 -26.24 -15.26 7.89
N SER D 159 -26.10 -13.99 7.51
CA SER D 159 -26.71 -13.48 6.27
C SER D 159 -25.60 -12.95 5.36
N SER D 160 -25.77 -13.15 4.06
CA SER D 160 -24.76 -12.70 3.10
C SER D 160 -25.40 -12.10 1.87
N ARG D 161 -24.63 -11.29 1.17
CA ARG D 161 -25.07 -10.63 -0.06
C ARG D 161 -23.90 -10.52 -1.05
N VAL D 162 -24.20 -10.75 -2.31
CA VAL D 162 -23.21 -10.61 -3.35
C VAL D 162 -23.42 -9.18 -3.85
N LEU D 163 -22.38 -8.37 -3.71
CA LEU D 163 -22.39 -6.96 -4.08
C LEU D 163 -22.00 -6.68 -5.53
N ALA D 164 -21.17 -7.55 -6.10
CA ALA D 164 -20.70 -7.37 -7.48
C ALA D 164 -20.20 -8.70 -8.02
N ASP D 165 -20.26 -8.83 -9.33
CA ASP D 165 -19.83 -10.06 -10.00
C ASP D 165 -19.21 -9.74 -11.35
N GLY D 166 -17.91 -9.99 -11.47
CA GLY D 166 -17.26 -9.73 -12.73
C GLY D 166 -15.77 -10.01 -12.73
N MET D 167 -15.37 -11.02 -13.51
CA MET D 167 -13.97 -11.37 -13.63
C MET D 167 -13.33 -10.27 -14.53
N THR D 168 -12.03 -10.07 -14.41
CA THR D 168 -11.36 -9.05 -15.22
C THR D 168 -10.10 -9.54 -15.91
N ARG D 169 -9.65 -8.77 -16.91
CA ARG D 169 -8.41 -9.02 -17.63
C ARG D 169 -7.93 -7.62 -17.97
N GLY D 170 -6.66 -7.32 -17.65
CA GLY D 170 -6.17 -5.97 -17.89
C GLY D 170 -4.94 -5.84 -18.79
N PRO D 171 -5.10 -5.98 -20.12
CA PRO D 171 -4.00 -5.88 -21.09
C PRO D 171 -3.34 -4.50 -21.14
N VAL D 172 -2.10 -4.48 -21.60
CA VAL D 172 -1.40 -3.22 -21.80
C VAL D 172 -1.14 -3.02 -23.29
N VAL D 173 -1.61 -1.89 -23.83
CA VAL D 173 -1.39 -1.53 -25.22
C VAL D 173 -0.52 -0.26 -25.24
N ARG D 174 0.09 0.03 -26.39
CA ARG D 174 0.93 1.22 -26.55
C ARG D 174 0.59 1.98 -27.82
N LEU D 175 0.63 3.31 -27.69
CA LEU D 175 0.39 4.21 -28.81
C LEU D 175 1.73 4.94 -29.01
N PRO D 176 1.92 5.61 -30.17
CA PRO D 176 3.18 6.32 -30.42
C PRO D 176 3.45 7.45 -29.43
N ARG D 177 2.40 8.17 -29.06
CA ARG D 177 2.49 9.28 -28.13
C ARG D 177 1.40 9.27 -27.03
N ALA D 178 1.67 9.96 -25.93
CA ALA D 178 0.72 10.05 -24.82
C ALA D 178 -0.56 10.73 -25.30
N CYS D 179 -0.41 11.67 -26.24
CA CYS D 179 -1.57 12.36 -26.81
C CYS D 179 -2.47 11.39 -27.54
N ASP D 180 -1.88 10.36 -28.17
CA ASP D 180 -2.67 9.34 -28.87
C ASP D 180 -3.35 8.41 -27.83
N SER D 181 -2.60 7.95 -26.84
CA SER D 181 -3.20 7.08 -25.81
C SER D 181 -4.36 7.84 -25.11
N ALA D 182 -4.19 9.14 -24.92
CA ALA D 182 -5.24 9.96 -24.32
C ALA D 182 -6.48 9.95 -25.23
N GLU D 183 -6.25 10.01 -26.53
CA GLU D 183 -7.34 9.99 -27.51
C GLU D 183 -8.09 8.64 -27.42
N VAL D 184 -7.33 7.54 -27.35
CA VAL D 184 -7.95 6.23 -27.25
C VAL D 184 -8.80 6.12 -25.97
N LYS D 185 -8.27 6.61 -24.86
CA LYS D 185 -8.98 6.58 -23.58
C LYS D 185 -10.28 7.35 -23.71
N ALA D 186 -10.22 8.56 -24.29
CA ALA D 186 -11.41 9.38 -24.45
C ALA D 186 -12.46 8.68 -25.31
N TRP D 187 -12.00 7.99 -26.34
CA TRP D 187 -12.92 7.30 -27.22
C TRP D 187 -13.56 6.14 -26.49
N LEU D 188 -12.77 5.43 -25.69
CA LEU D 188 -13.25 4.27 -24.95
C LEU D 188 -14.29 4.64 -23.91
N GLU D 189 -14.28 5.90 -23.48
CA GLU D 189 -15.22 6.39 -22.49
C GLU D 189 -16.54 6.95 -23.07
N THR D 190 -16.64 7.09 -24.39
CA THR D 190 -17.88 7.58 -25.01
C THR D 190 -18.87 6.42 -25.02
N SER D 191 -20.15 6.72 -25.14
CA SER D 191 -21.14 5.66 -25.17
C SER D 191 -21.01 4.84 -26.46
N GLU D 192 -20.69 5.50 -27.57
CA GLU D 192 -20.54 4.78 -28.84
C GLU D 192 -19.32 3.85 -28.85
N GLY D 193 -18.18 4.36 -28.35
CA GLY D 193 -16.97 3.57 -28.29
C GLY D 193 -17.15 2.33 -27.42
N PHE D 194 -17.79 2.51 -26.27
CA PHE D 194 -17.99 1.37 -25.38
C PHE D 194 -18.90 0.35 -26.06
N ALA D 195 -19.94 0.86 -26.72
CA ALA D 195 -20.92 0.03 -27.43
C ALA D 195 -20.23 -0.88 -28.45
N VAL D 196 -19.31 -0.32 -29.27
CA VAL D 196 -18.63 -1.15 -30.26
C VAL D 196 -17.70 -2.20 -29.62
N ILE D 197 -16.92 -1.78 -28.62
CA ILE D 197 -16.02 -2.73 -27.94
C ILE D 197 -16.85 -3.85 -27.28
N LYS D 198 -17.97 -3.46 -26.66
CA LYS D 198 -18.90 -4.41 -26.01
C LYS D 198 -19.46 -5.41 -27.03
N GLU D 199 -19.89 -4.91 -28.18
CA GLU D 199 -20.42 -5.76 -29.27
C GLU D 199 -19.36 -6.77 -29.65
N ALA D 200 -18.13 -6.32 -29.82
CA ALA D 200 -17.03 -7.20 -30.19
C ALA D 200 -16.72 -8.23 -29.09
N PHE D 201 -16.63 -7.76 -27.84
CA PHE D 201 -16.32 -8.62 -26.70
C PHE D 201 -17.42 -9.68 -26.54
N ASP D 202 -18.66 -9.24 -26.47
CA ASP D 202 -19.78 -10.16 -26.26
C ASP D 202 -20.06 -11.16 -27.39
N SER D 203 -19.51 -10.91 -28.57
CA SER D 203 -19.73 -11.81 -29.71
C SER D 203 -18.96 -13.13 -29.60
N THR D 204 -18.00 -13.19 -28.67
CA THR D 204 -17.16 -14.38 -28.49
C THR D 204 -17.72 -15.55 -27.71
N SER D 205 -18.79 -15.32 -26.96
CA SER D 205 -19.38 -16.38 -26.15
C SER D 205 -20.76 -15.98 -25.67
N ARG D 206 -21.57 -16.99 -25.35
CA ARG D 206 -22.93 -16.76 -24.87
C ARG D 206 -22.93 -16.13 -23.49
N PHE D 207 -21.94 -16.48 -22.66
CA PHE D 207 -21.87 -15.94 -21.30
C PHE D 207 -21.11 -14.61 -21.17
N ALA D 208 -20.15 -14.37 -22.04
CA ALA D 208 -19.36 -13.14 -22.02
C ALA D 208 -20.22 -11.91 -22.18
N ARG D 209 -20.38 -11.17 -21.09
CA ARG D 209 -21.16 -9.95 -21.12
C ARG D 209 -20.33 -8.85 -20.45
N LEU D 210 -19.87 -7.89 -21.27
CA LEU D 210 -19.05 -6.78 -20.81
C LEU D 210 -19.84 -5.75 -20.02
N GLN D 211 -19.37 -5.51 -18.80
CA GLN D 211 -20.01 -4.57 -17.90
C GLN D 211 -19.51 -3.16 -17.99
N LYS D 212 -18.23 -2.99 -17.71
CA LYS D 212 -17.62 -1.68 -17.71
C LYS D 212 -16.17 -1.73 -18.15
N LEU D 213 -15.60 -0.54 -18.27
CA LEU D 213 -14.23 -0.42 -18.69
C LEU D 213 -13.53 0.58 -17.78
N HIS D 214 -12.39 0.17 -17.25
CA HIS D 214 -11.61 1.07 -16.43
C HIS D 214 -10.28 1.19 -17.16
N THR D 215 -9.92 2.40 -17.57
CA THR D 215 -8.67 2.60 -18.27
C THR D 215 -7.75 3.48 -17.49
N SER D 216 -6.47 3.19 -17.61
CA SER D 216 -5.46 3.97 -16.92
C SER D 216 -4.29 4.22 -17.89
N ILE D 217 -3.76 5.43 -17.84
CA ILE D 217 -2.68 5.83 -18.69
C ILE D 217 -1.36 5.99 -17.95
N ALA D 218 -0.28 5.57 -18.61
CA ALA D 218 1.08 5.76 -18.08
C ALA D 218 1.86 6.21 -19.33
N GLY D 219 1.85 7.51 -19.58
CA GLY D 219 2.52 8.05 -20.75
C GLY D 219 1.87 7.51 -22.01
N ARG D 220 2.65 6.91 -22.89
CA ARG D 220 2.07 6.37 -24.12
C ARG D 220 1.42 4.98 -23.95
N ASN D 221 1.49 4.45 -22.73
CA ASN D 221 0.89 3.15 -22.42
C ASN D 221 -0.56 3.36 -21.99
N LEU D 222 -1.41 2.40 -22.31
CA LEU D 222 -2.81 2.45 -21.92
C LEU D 222 -3.18 1.08 -21.40
N TYR D 223 -3.58 1.02 -20.13
CA TYR D 223 -3.99 -0.24 -19.50
C TYR D 223 -5.52 -0.20 -19.51
N ILE D 224 -6.11 -1.28 -20.02
CA ILE D 224 -7.56 -1.39 -20.13
C ILE D 224 -8.02 -2.59 -19.32
N ARG D 225 -8.88 -2.33 -18.34
CA ARG D 225 -9.41 -3.40 -17.48
C ARG D 225 -10.81 -3.76 -17.94
N PHE D 226 -10.93 -4.91 -18.61
CA PHE D 226 -12.20 -5.43 -19.09
C PHE D 226 -12.84 -6.23 -17.95
N GLN D 227 -14.11 -5.96 -17.65
CA GLN D 227 -14.80 -6.68 -16.60
C GLN D 227 -16.09 -7.27 -17.14
N SER D 228 -16.29 -8.56 -16.91
CA SER D 228 -17.47 -9.21 -17.42
C SER D 228 -17.89 -10.41 -16.57
N ARG D 229 -19.19 -10.73 -16.59
CA ARG D 229 -19.69 -11.91 -15.89
C ARG D 229 -19.30 -13.07 -16.77
N SER D 230 -19.45 -14.29 -16.27
CA SER D 230 -19.04 -15.47 -17.03
C SER D 230 -19.82 -16.71 -16.61
N GLY D 231 -21.12 -16.54 -16.39
CA GLY D 231 -21.94 -17.67 -15.96
C GLY D 231 -21.37 -18.24 -14.67
N ASP D 232 -21.22 -19.55 -14.62
CA ASP D 232 -20.69 -20.21 -13.44
C ASP D 232 -19.20 -20.51 -13.52
N ALA D 233 -18.55 -20.05 -14.59
CA ALA D 233 -17.11 -20.26 -14.76
C ALA D 233 -16.33 -19.13 -14.07
N MET D 234 -15.15 -19.44 -13.56
CA MET D 234 -14.30 -18.42 -12.92
C MET D 234 -14.06 -17.36 -14.03
N GLY D 235 -14.07 -17.83 -15.26
CA GLY D 235 -13.98 -16.97 -16.43
C GLY D 235 -12.69 -16.43 -16.99
N MET D 236 -11.54 -16.92 -16.54
CA MET D 236 -10.27 -16.43 -17.06
C MET D 236 -10.17 -16.61 -18.58
N ASN D 237 -10.24 -17.85 -19.05
CA ASN D 237 -10.15 -18.11 -20.50
C ASN D 237 -11.20 -17.38 -21.32
N MET D 238 -12.43 -17.37 -20.83
CA MET D 238 -13.52 -16.71 -21.52
C MET D 238 -13.25 -15.20 -21.68
N ILE D 239 -12.83 -14.55 -20.61
CA ILE D 239 -12.54 -13.11 -20.66
C ILE D 239 -11.36 -12.82 -21.59
N SER D 240 -10.39 -13.73 -21.65
CA SER D 240 -9.23 -13.57 -22.53
C SER D 240 -9.66 -13.56 -23.99
N LYS D 241 -10.51 -14.50 -24.36
CA LYS D 241 -11.04 -14.55 -25.74
C LYS D 241 -11.77 -13.25 -26.06
N GLY D 242 -12.62 -12.81 -25.14
CA GLY D 242 -13.36 -11.58 -25.34
C GLY D 242 -12.42 -10.39 -25.51
N THR D 243 -11.39 -10.34 -24.67
CA THR D 243 -10.40 -9.27 -24.69
C THR D 243 -9.66 -9.23 -26.02
N GLU D 244 -9.24 -10.40 -26.52
CA GLU D 244 -8.53 -10.47 -27.79
C GLU D 244 -9.40 -9.95 -28.94
N LYS D 245 -10.68 -10.33 -28.96
CA LYS D 245 -11.59 -9.87 -30.01
C LYS D 245 -11.80 -8.35 -29.91
N ALA D 246 -11.94 -7.85 -28.68
CA ALA D 246 -12.15 -6.43 -28.45
C ALA D 246 -10.94 -5.59 -28.85
N LEU D 247 -9.75 -6.04 -28.49
CA LEU D 247 -8.52 -5.31 -28.84
C LEU D 247 -8.31 -5.25 -30.37
N SER D 248 -8.64 -6.36 -31.04
CA SER D 248 -8.57 -6.48 -32.48
C SER D 248 -9.46 -5.39 -33.10
N LYS D 249 -10.69 -5.27 -32.58
CA LYS D 249 -11.64 -4.28 -33.06
C LYS D 249 -11.13 -2.87 -32.80
N LEU D 250 -10.56 -2.66 -31.61
CA LEU D 250 -10.02 -1.36 -31.23
C LEU D 250 -8.91 -0.97 -32.19
N HIS D 251 -8.10 -1.96 -32.57
CA HIS D 251 -6.99 -1.76 -33.49
C HIS D 251 -7.50 -1.23 -34.86
N GLU D 252 -8.69 -1.64 -35.28
CA GLU D 252 -9.27 -1.16 -36.54
C GLU D 252 -9.55 0.34 -36.47
N TYR D 253 -9.85 0.86 -35.28
CA TYR D 253 -10.10 2.29 -35.11
C TYR D 253 -8.83 3.07 -34.89
N PHE D 254 -7.81 2.39 -34.36
CA PHE D 254 -6.51 3.00 -34.09
C PHE D 254 -5.43 2.05 -34.54
N PRO D 255 -5.13 2.03 -35.86
CA PRO D 255 -4.12 1.17 -36.50
C PRO D 255 -2.71 1.27 -35.95
N GLU D 256 -2.38 2.40 -35.35
CA GLU D 256 -1.04 2.58 -34.78
C GLU D 256 -0.86 1.95 -33.40
N MET D 257 -1.93 1.38 -32.87
CA MET D 257 -1.89 0.75 -31.55
C MET D 257 -1.18 -0.59 -31.54
N GLN D 258 -0.24 -0.73 -30.62
CA GLN D 258 0.49 -1.97 -30.46
C GLN D 258 -0.03 -2.70 -29.22
N ILE D 259 -0.40 -3.96 -29.39
CA ILE D 259 -0.86 -4.77 -28.27
C ILE D 259 0.38 -5.42 -27.68
N LEU D 260 0.86 -4.86 -26.58
CA LEU D 260 2.05 -5.35 -25.92
C LEU D 260 1.88 -6.67 -25.17
N ALA D 261 0.77 -6.83 -24.47
CA ALA D 261 0.51 -8.08 -23.74
C ALA D 261 -0.96 -8.18 -23.37
N VAL D 262 -1.55 -9.33 -23.60
CA VAL D 262 -2.96 -9.54 -23.30
C VAL D 262 -3.22 -9.28 -21.80
N SER D 263 -2.18 -9.43 -20.98
CA SER D 263 -2.24 -9.09 -19.57
C SER D 263 -1.08 -8.18 -19.19
N GLY D 264 -1.41 -6.95 -18.79
CA GLY D 264 -0.43 -5.97 -18.37
C GLY D 264 -0.40 -5.80 -16.86
N ASN D 265 -0.84 -6.82 -16.13
CA ASN D 265 -0.87 -6.81 -14.66
C ASN D 265 -1.86 -5.81 -14.06
N TYR D 266 -2.79 -5.32 -14.88
CA TYR D 266 -3.80 -4.39 -14.42
C TYR D 266 -5.11 -5.14 -14.11
N CYS D 267 -5.10 -6.48 -14.19
CA CYS D 267 -6.33 -7.26 -13.93
C CYS D 267 -6.87 -7.08 -12.48
N THR D 268 -6.11 -7.41 -11.43
CA THR D 268 -4.76 -7.98 -11.45
C THR D 268 -4.92 -9.43 -11.03
N ASP D 269 -4.32 -10.35 -11.77
CA ASP D 269 -4.44 -11.77 -11.48
C ASP D 269 -3.26 -12.40 -10.71
N LYS D 270 -3.57 -13.02 -9.57
CA LYS D 270 -2.58 -13.70 -8.73
C LYS D 270 -1.40 -12.92 -8.15
N LYS D 271 -1.54 -11.60 -8.03
CA LYS D 271 -0.52 -10.75 -7.42
C LYS D 271 -1.30 -9.76 -6.55
N PRO D 272 -0.76 -9.39 -5.38
CA PRO D 272 -1.50 -8.44 -4.54
C PRO D 272 -1.60 -7.11 -5.30
N ALA D 273 -2.74 -6.43 -5.20
CA ALA D 273 -2.92 -5.15 -5.87
C ALA D 273 -4.08 -4.38 -5.26
N ALA D 274 -3.91 -3.09 -5.09
CA ALA D 274 -4.95 -2.24 -4.54
C ALA D 274 -6.16 -2.20 -5.46
N ILE D 275 -5.96 -2.37 -6.77
CA ILE D 275 -7.08 -2.32 -7.69
C ILE D 275 -8.17 -3.37 -7.43
N ASN D 276 -7.78 -4.60 -7.11
CA ASN D 276 -8.76 -5.65 -6.78
C ASN D 276 -9.53 -5.31 -5.48
N TRP D 277 -8.81 -4.75 -4.51
CA TRP D 277 -9.39 -4.36 -3.23
C TRP D 277 -10.40 -3.24 -3.39
N ILE D 278 -10.04 -2.22 -4.16
CA ILE D 278 -10.89 -1.07 -4.34
C ILE D 278 -12.02 -1.22 -5.36
N GLU D 279 -11.76 -1.88 -6.48
CA GLU D 279 -12.78 -2.04 -7.51
C GLU D 279 -13.42 -3.42 -7.56
N GLY D 280 -12.85 -4.36 -6.82
CA GLY D 280 -13.38 -5.72 -6.82
C GLY D 280 -12.89 -6.49 -8.04
N ARG D 281 -13.00 -7.81 -7.94
CA ARG D 281 -12.64 -8.72 -9.01
C ARG D 281 -13.34 -10.03 -8.73
N GLY D 282 -14.05 -10.57 -9.71
CA GLY D 282 -14.79 -11.80 -9.48
C GLY D 282 -16.02 -11.41 -8.64
N LYS D 283 -16.20 -12.07 -7.51
CA LYS D 283 -17.32 -11.77 -6.65
C LYS D 283 -17.00 -11.00 -5.39
N SER D 284 -17.70 -9.89 -5.20
CA SER D 284 -17.55 -9.07 -3.99
C SER D 284 -18.69 -9.53 -3.08
N VAL D 285 -18.35 -9.90 -1.86
CA VAL D 285 -19.33 -10.45 -0.93
C VAL D 285 -19.18 -9.90 0.48
N VAL D 286 -20.32 -9.79 1.16
CA VAL D 286 -20.35 -9.34 2.55
C VAL D 286 -21.17 -10.36 3.35
N CYS D 287 -20.71 -10.67 4.55
CA CYS D 287 -21.37 -11.62 5.41
C CYS D 287 -21.46 -11.03 6.81
N GLU D 288 -22.49 -11.43 7.57
CA GLU D 288 -22.69 -10.92 8.92
C GLU D 288 -23.46 -11.87 9.83
N ALA D 289 -23.30 -11.67 11.14
CA ALA D 289 -23.98 -12.47 12.16
C ALA D 289 -23.88 -11.76 13.50
N VAL D 290 -24.77 -12.12 14.42
CA VAL D 290 -24.76 -11.56 15.77
C VAL D 290 -24.68 -12.78 16.70
N ILE D 291 -23.71 -12.78 17.58
CA ILE D 291 -23.52 -13.89 18.50
C ILE D 291 -23.94 -13.44 19.90
N PRO D 292 -24.95 -14.10 20.48
CA PRO D 292 -25.48 -13.80 21.82
C PRO D 292 -24.36 -13.88 22.83
N ALA D 293 -24.39 -12.96 23.79
CA ALA D 293 -23.39 -12.88 24.85
C ALA D 293 -23.11 -14.24 25.49
N LYS D 294 -24.16 -15.02 25.72
CA LYS D 294 -24.08 -16.35 26.32
C LYS D 294 -23.23 -17.29 25.47
N VAL D 295 -23.47 -17.28 24.16
CA VAL D 295 -22.72 -18.13 23.24
C VAL D 295 -21.23 -17.73 23.18
N VAL D 296 -20.95 -16.43 23.23
CA VAL D 296 -19.56 -15.96 23.21
C VAL D 296 -18.85 -16.48 24.44
N ARG D 297 -19.58 -16.49 25.54
CA ARG D 297 -19.08 -16.94 26.83
C ARG D 297 -18.86 -18.45 26.90
N GLU D 298 -19.86 -19.22 26.48
CA GLU D 298 -19.81 -20.68 26.56
C GLU D 298 -19.18 -21.46 25.42
N VAL D 299 -19.38 -21.00 24.19
CA VAL D 299 -18.81 -21.69 23.04
C VAL D 299 -17.43 -21.11 22.69
N LEU D 300 -17.32 -19.79 22.63
CA LEU D 300 -16.06 -19.12 22.28
C LEU D 300 -15.11 -18.86 23.46
N LYS D 301 -15.58 -19.14 24.67
CA LYS D 301 -14.79 -19.00 25.90
C LYS D 301 -14.19 -17.62 26.15
N THR D 302 -14.93 -16.56 25.82
CA THR D 302 -14.42 -15.21 26.03
C THR D 302 -15.60 -14.25 26.16
N THR D 303 -15.33 -12.95 26.02
CA THR D 303 -16.39 -11.94 26.10
C THR D 303 -16.43 -11.11 24.84
N THR D 304 -17.55 -10.43 24.61
CA THR D 304 -17.70 -9.58 23.46
C THR D 304 -16.67 -8.46 23.49
N GLU D 305 -16.50 -7.85 24.65
CA GLU D 305 -15.55 -6.76 24.84
C GLU D 305 -14.09 -7.14 24.50
N ALA D 306 -13.67 -8.34 24.90
CA ALA D 306 -12.31 -8.78 24.61
C ALA D 306 -12.11 -9.04 23.10
N MET D 307 -13.10 -9.65 22.46
CA MET D 307 -13.08 -9.93 21.03
C MET D 307 -12.93 -8.63 20.23
N ILE D 308 -13.71 -7.62 20.61
CA ILE D 308 -13.71 -6.33 19.95
C ILE D 308 -12.34 -5.66 20.05
N GLU D 309 -11.77 -5.70 21.24
CA GLU D 309 -10.48 -5.11 21.50
C GLU D 309 -9.36 -5.80 20.70
N VAL D 310 -9.48 -7.12 20.50
CA VAL D 310 -8.48 -7.84 19.74
C VAL D 310 -8.66 -7.53 18.24
N ASN D 311 -9.91 -7.50 17.79
CA ASN D 311 -10.19 -7.21 16.39
C ASN D 311 -9.67 -5.83 15.94
N ILE D 312 -9.93 -4.82 16.77
CA ILE D 312 -9.48 -3.49 16.45
C ILE D 312 -7.96 -3.35 16.43
N ASN D 313 -7.31 -3.87 17.47
CA ASN D 313 -5.87 -3.72 17.57
C ASN D 313 -5.01 -4.68 16.76
N LYS D 314 -5.60 -5.77 16.32
CA LYS D 314 -4.91 -6.77 15.50
C LYS D 314 -5.28 -6.57 14.04
N ASN D 315 -6.55 -6.78 13.72
CA ASN D 315 -7.05 -6.69 12.35
C ASN D 315 -7.11 -5.28 11.72
N LEU D 316 -7.21 -4.23 12.54
CA LEU D 316 -7.22 -2.89 11.98
C LEU D 316 -5.90 -2.21 12.22
N VAL D 317 -5.57 -1.92 13.48
CA VAL D 317 -4.31 -1.23 13.79
C VAL D 317 -3.07 -2.05 13.43
N GLY D 318 -3.06 -3.34 13.79
CA GLY D 318 -1.91 -4.17 13.45
C GLY D 318 -1.63 -4.24 11.95
N SER D 319 -2.66 -4.55 11.17
CA SER D 319 -2.54 -4.62 9.73
C SER D 319 -2.09 -3.26 9.18
N ALA D 320 -2.59 -2.17 9.79
CA ALA D 320 -2.17 -0.82 9.36
C ALA D 320 -0.67 -0.60 9.59
N MET D 321 -0.17 -0.96 10.77
CA MET D 321 1.26 -0.80 11.11
C MET D 321 2.16 -1.64 10.19
N ALA D 322 1.63 -2.77 9.72
CA ALA D 322 2.34 -3.68 8.84
C ALA D 322 2.34 -3.21 7.39
N GLY D 323 1.55 -2.17 7.11
CA GLY D 323 1.44 -1.65 5.75
C GLY D 323 0.67 -2.58 4.84
N SER D 324 -0.45 -3.09 5.33
CA SER D 324 -1.29 -4.02 4.57
C SER D 324 -2.31 -3.37 3.66
N ILE D 325 -2.51 -3.96 2.49
CA ILE D 325 -3.54 -3.47 1.58
C ILE D 325 -4.47 -4.67 1.46
N GLY D 326 -5.66 -4.58 2.03
CA GLY D 326 -6.62 -5.69 1.91
C GLY D 326 -6.45 -6.85 2.90
N GLY D 327 -5.49 -6.75 3.82
CA GLY D 327 -5.29 -7.85 4.77
C GLY D 327 -5.72 -7.50 6.17
N TYR D 328 -6.97 -7.03 6.32
CA TYR D 328 -7.50 -6.62 7.63
C TYR D 328 -8.37 -7.74 8.24
N ASN D 329 -7.73 -8.90 8.39
CA ASN D 329 -8.40 -10.07 8.89
C ASN D 329 -7.35 -10.95 9.61
N ALA D 330 -7.83 -11.99 10.28
CA ALA D 330 -6.93 -12.84 11.03
C ALA D 330 -6.35 -13.98 10.20
N HIS D 331 -7.21 -14.69 9.47
CA HIS D 331 -6.72 -15.81 8.67
C HIS D 331 -7.67 -16.28 7.59
N ALA D 332 -8.25 -15.35 6.85
CA ALA D 332 -9.14 -15.71 5.76
C ALA D 332 -8.45 -16.65 4.77
N ALA D 333 -7.15 -16.42 4.52
CA ALA D 333 -6.40 -17.27 3.58
C ALA D 333 -6.48 -18.76 3.92
N ASN D 334 -6.49 -19.10 5.21
CA ASN D 334 -6.61 -20.53 5.61
C ASN D 334 -7.90 -21.16 5.12
N ILE D 335 -9.02 -20.48 5.33
CA ILE D 335 -10.31 -21.01 4.91
C ILE D 335 -10.45 -21.01 3.41
N VAL D 336 -10.13 -19.89 2.77
CA VAL D 336 -10.22 -19.80 1.33
C VAL D 336 -9.39 -20.94 0.67
N THR D 337 -8.17 -21.14 1.14
CA THR D 337 -7.31 -22.15 0.55
C THR D 337 -7.86 -23.57 0.69
N ALA D 338 -8.28 -23.93 1.91
CA ALA D 338 -8.81 -25.26 2.18
C ALA D 338 -10.04 -25.54 1.32
N ILE D 339 -10.95 -24.57 1.22
CA ILE D 339 -12.13 -24.79 0.38
C ILE D 339 -11.78 -24.86 -1.09
N TYR D 340 -10.88 -23.98 -1.52
CA TYR D 340 -10.46 -23.93 -2.92
C TYR D 340 -9.86 -25.26 -3.37
N ILE D 341 -8.99 -25.84 -2.55
CA ILE D 341 -8.38 -27.13 -2.91
C ILE D 341 -9.42 -28.24 -2.95
N ALA D 342 -10.30 -28.27 -1.97
CA ALA D 342 -11.36 -29.28 -1.91
C ALA D 342 -12.35 -29.17 -3.07
N CYS D 343 -12.65 -27.95 -3.51
CA CYS D 343 -13.62 -27.73 -4.56
C CYS D 343 -13.10 -27.52 -5.96
N GLY D 344 -11.84 -27.88 -6.20
CA GLY D 344 -11.27 -27.75 -7.54
C GLY D 344 -11.05 -26.34 -8.07
N GLN D 345 -10.90 -25.36 -7.19
CA GLN D 345 -10.64 -23.99 -7.63
C GLN D 345 -9.15 -23.84 -7.90
N ASP D 346 -8.77 -22.69 -8.44
CA ASP D 346 -7.36 -22.42 -8.68
C ASP D 346 -6.83 -21.90 -7.35
N ALA D 347 -6.02 -22.71 -6.65
CA ALA D 347 -5.48 -22.33 -5.36
C ALA D 347 -4.54 -21.13 -5.36
N ALA D 348 -3.89 -20.88 -6.50
CA ALA D 348 -2.97 -19.75 -6.61
C ALA D 348 -3.76 -18.44 -6.47
N GLN D 349 -5.07 -18.50 -6.75
CA GLN D 349 -5.91 -17.31 -6.63
C GLN D 349 -6.24 -16.92 -5.19
N ASN D 350 -5.67 -17.66 -4.24
CA ASN D 350 -5.83 -17.36 -2.84
C ASN D 350 -5.20 -15.98 -2.57
N VAL D 351 -4.25 -15.57 -3.42
CA VAL D 351 -3.59 -14.28 -3.26
C VAL D 351 -4.59 -13.12 -3.18
N GLY D 352 -5.43 -12.94 -4.21
CA GLY D 352 -6.42 -11.88 -4.14
C GLY D 352 -7.75 -12.30 -3.48
N SER D 353 -8.16 -13.54 -3.70
CA SER D 353 -9.40 -14.07 -3.15
C SER D 353 -9.51 -13.95 -1.64
N SER D 354 -8.37 -13.96 -0.97
CA SER D 354 -8.26 -13.85 0.48
C SER D 354 -8.45 -12.44 1.01
N ASN D 355 -8.54 -11.44 0.14
CA ASN D 355 -8.72 -10.08 0.63
C ASN D 355 -9.97 -10.05 1.54
N CYS D 356 -9.83 -9.44 2.72
CA CYS D 356 -10.93 -9.40 3.66
C CYS D 356 -10.76 -8.39 4.77
N ILE D 357 -11.86 -7.71 5.11
CA ILE D 357 -11.84 -6.82 6.27
C ILE D 357 -12.89 -7.37 7.28
N THR D 358 -12.40 -7.79 8.44
CA THR D 358 -13.21 -8.34 9.51
C THR D 358 -13.54 -7.26 10.54
N LEU D 359 -14.83 -7.02 10.77
CA LEU D 359 -15.27 -6.00 11.73
C LEU D 359 -16.13 -6.57 12.86
N MET D 360 -15.91 -6.06 14.06
CA MET D 360 -16.65 -6.50 15.24
C MET D 360 -17.11 -5.34 16.08
N GLU D 361 -18.35 -5.40 16.56
CA GLU D 361 -18.87 -4.35 17.42
C GLU D 361 -19.91 -4.87 18.44
N ALA D 362 -20.08 -4.11 19.51
CA ALA D 362 -21.04 -4.42 20.56
C ALA D 362 -22.44 -4.22 19.98
N SER D 363 -23.31 -5.18 20.26
CA SER D 363 -24.68 -5.15 19.78
C SER D 363 -25.68 -5.59 20.90
N GLY D 364 -26.98 -5.39 20.63
CA GLY D 364 -28.01 -5.79 21.57
C GLY D 364 -28.49 -4.76 22.59
N PRO D 365 -29.47 -5.15 23.44
CA PRO D 365 -30.10 -4.35 24.49
C PRO D 365 -29.08 -3.86 25.53
N THR D 366 -28.26 -4.77 26.04
CA THR D 366 -27.24 -4.42 27.02
C THR D 366 -25.84 -4.18 26.42
N ASN D 367 -25.76 -4.25 25.08
CA ASN D 367 -24.49 -4.05 24.37
C ASN D 367 -23.46 -5.12 24.73
N GLU D 368 -23.93 -6.34 24.92
CA GLU D 368 -23.04 -7.44 25.28
C GLU D 368 -22.98 -8.51 24.21
N ASP D 369 -23.82 -8.36 23.17
CA ASP D 369 -23.83 -9.32 22.06
C ASP D 369 -22.80 -8.87 21.00
N LEU D 370 -22.21 -9.86 20.32
CA LEU D 370 -21.17 -9.61 19.32
C LEU D 370 -21.63 -9.54 17.87
N TYR D 371 -21.55 -8.33 17.29
CA TYR D 371 -21.87 -8.19 15.87
C TYR D 371 -20.56 -8.40 15.10
N ILE D 372 -20.60 -9.23 14.05
CA ILE D 372 -19.40 -9.49 13.26
C ILE D 372 -19.73 -9.50 11.76
N SER D 373 -18.86 -8.85 10.97
CA SER D 373 -19.01 -8.86 9.52
C SER D 373 -17.65 -9.08 8.85
N CYS D 374 -17.69 -9.74 7.68
CA CYS D 374 -16.51 -9.98 6.84
C CYS D 374 -16.92 -9.52 5.45
N THR D 375 -16.08 -8.67 4.85
CA THR D 375 -16.31 -8.15 3.53
C THR D 375 -15.12 -8.56 2.64
N MET D 376 -15.42 -9.32 1.60
CA MET D 376 -14.43 -9.86 0.69
C MET D 376 -14.76 -9.40 -0.73
N PRO D 377 -14.06 -8.36 -1.18
CA PRO D 377 -14.23 -7.73 -2.50
C PRO D 377 -13.77 -8.48 -3.73
N SER D 378 -12.93 -9.51 -3.55
CA SER D 378 -12.42 -10.19 -4.72
C SER D 378 -12.26 -11.72 -4.69
N ILE D 379 -13.38 -12.42 -4.51
CA ILE D 379 -13.39 -13.88 -4.47
C ILE D 379 -13.43 -14.38 -5.92
N GLU D 380 -12.34 -14.99 -6.40
CA GLU D 380 -12.27 -15.48 -7.78
C GLU D 380 -12.64 -16.95 -7.71
N ILE D 381 -13.82 -17.27 -8.24
CA ILE D 381 -14.35 -18.60 -8.10
C ILE D 381 -15.23 -19.07 -9.25
N GLY D 382 -15.42 -20.39 -9.32
CA GLY D 382 -16.23 -20.98 -10.36
C GLY D 382 -16.65 -22.41 -10.01
N THR D 383 -17.72 -22.88 -10.65
CA THR D 383 -18.21 -24.24 -10.43
C THR D 383 -18.18 -25.09 -11.70
N VAL D 384 -17.70 -24.54 -12.81
CA VAL D 384 -17.53 -25.28 -14.06
C VAL D 384 -16.13 -24.94 -14.62
N GLY D 385 -15.49 -25.90 -15.27
CA GLY D 385 -14.17 -25.70 -15.86
C GLY D 385 -13.01 -25.88 -14.89
N GLY D 386 -11.82 -26.12 -15.45
CA GLY D 386 -10.65 -26.30 -14.61
C GLY D 386 -10.73 -27.54 -13.75
N GLY D 387 -10.27 -27.40 -12.50
CA GLY D 387 -10.30 -28.52 -11.58
C GLY D 387 -11.70 -28.98 -11.19
N THR D 388 -12.73 -28.16 -11.47
CA THR D 388 -14.08 -28.57 -11.12
C THR D 388 -14.61 -29.62 -12.10
N ASN D 389 -13.85 -29.91 -13.14
CA ASN D 389 -14.23 -30.92 -14.14
C ASN D 389 -13.86 -32.33 -13.67
N LEU D 390 -13.09 -32.43 -12.59
CA LEU D 390 -12.65 -33.71 -12.06
C LEU D 390 -13.68 -34.24 -11.05
N LEU D 391 -13.87 -35.56 -11.01
CA LEU D 391 -14.86 -36.17 -10.15
C LEU D 391 -14.72 -35.95 -8.64
N PRO D 392 -13.54 -36.19 -8.06
CA PRO D 392 -13.41 -35.96 -6.62
C PRO D 392 -13.78 -34.52 -6.20
N GLN D 393 -13.33 -33.52 -6.96
CA GLN D 393 -13.66 -32.14 -6.60
C GLN D 393 -15.15 -31.86 -6.85
N GLN D 394 -15.74 -32.57 -7.81
CA GLN D 394 -17.17 -32.40 -8.09
C GLN D 394 -17.98 -32.93 -6.90
N ALA D 395 -17.43 -33.92 -6.19
CA ALA D 395 -18.12 -34.49 -5.03
C ALA D 395 -18.22 -33.45 -3.93
N CYS D 396 -17.13 -32.70 -3.70
CA CYS D 396 -17.15 -31.66 -2.69
C CYS D 396 -18.09 -30.53 -3.10
N LEU D 397 -18.13 -30.21 -4.39
CA LEU D 397 -19.05 -29.18 -4.90
C LEU D 397 -20.54 -29.64 -4.75
N GLN D 398 -20.79 -30.94 -5.00
CA GLN D 398 -22.14 -31.51 -4.88
C GLN D 398 -22.57 -31.48 -3.43
N MET D 399 -21.61 -31.73 -2.55
CA MET D 399 -21.84 -31.70 -1.11
C MET D 399 -22.43 -30.36 -0.70
N LEU D 400 -22.06 -29.30 -1.41
CA LEU D 400 -22.54 -27.95 -1.14
C LEU D 400 -23.74 -27.61 -2.02
N GLY D 401 -24.02 -28.47 -3.00
CA GLY D 401 -25.15 -28.26 -3.91
C GLY D 401 -24.91 -27.21 -4.97
N VAL D 402 -23.66 -27.00 -5.35
CA VAL D 402 -23.30 -25.98 -6.34
C VAL D 402 -22.46 -26.49 -7.50
N GLN D 403 -22.47 -27.79 -7.75
CA GLN D 403 -21.67 -28.36 -8.83
C GLN D 403 -22.18 -28.03 -10.22
N GLY D 404 -21.25 -27.78 -11.13
CA GLY D 404 -21.61 -27.49 -12.50
C GLY D 404 -22.37 -26.21 -12.71
N ALA D 405 -22.94 -26.09 -13.90
CA ALA D 405 -23.70 -24.92 -14.27
C ALA D 405 -25.07 -24.91 -13.64
N CYS D 406 -25.58 -23.70 -13.41
CA CYS D 406 -26.92 -23.56 -12.90
C CYS D 406 -27.63 -23.25 -14.21
N LYS D 407 -28.21 -24.28 -14.80
CA LYS D 407 -28.91 -24.17 -16.08
C LYS D 407 -29.96 -23.06 -16.06
N ASP D 408 -30.75 -23.01 -14.98
CA ASP D 408 -31.78 -21.98 -14.87
C ASP D 408 -31.25 -20.55 -14.82
N ASN D 409 -30.31 -20.28 -13.92
CA ASN D 409 -29.73 -18.95 -13.77
C ASN D 409 -28.20 -19.01 -13.67
N PRO D 410 -27.50 -18.92 -14.82
CA PRO D 410 -26.04 -18.97 -14.92
C PRO D 410 -25.33 -18.02 -13.99
N GLY D 411 -24.45 -18.57 -13.16
CA GLY D 411 -23.72 -17.76 -12.21
C GLY D 411 -24.20 -17.95 -10.79
N GLU D 412 -25.44 -18.44 -10.63
CA GLU D 412 -26.00 -18.62 -9.30
C GLU D 412 -25.20 -19.64 -8.46
N ASN D 413 -24.75 -20.72 -9.08
CA ASN D 413 -23.97 -21.72 -8.35
C ASN D 413 -22.64 -21.10 -7.86
N ALA D 414 -21.97 -20.36 -8.76
CA ALA D 414 -20.71 -19.71 -8.41
C ALA D 414 -20.94 -18.64 -7.34
N ARG D 415 -22.05 -17.91 -7.44
CA ARG D 415 -22.36 -16.90 -6.44
C ARG D 415 -22.62 -17.56 -5.09
N GLN D 416 -23.35 -18.67 -5.11
CA GLN D 416 -23.65 -19.40 -3.88
C GLN D 416 -22.34 -19.89 -3.25
N LEU D 417 -21.42 -20.36 -4.08
CA LEU D 417 -20.13 -20.84 -3.56
C LEU D 417 -19.35 -19.66 -2.92
N ALA D 418 -19.38 -18.49 -3.56
CA ALA D 418 -18.70 -17.31 -3.00
C ALA D 418 -19.32 -16.94 -1.64
N ARG D 419 -20.65 -17.02 -1.53
CA ARG D 419 -21.30 -16.71 -0.26
C ARG D 419 -20.86 -17.71 0.80
N ILE D 420 -20.77 -18.99 0.42
CA ILE D 420 -20.35 -20.03 1.34
C ILE D 420 -18.92 -19.77 1.83
N VAL D 421 -18.04 -19.37 0.91
CA VAL D 421 -16.67 -19.07 1.29
C VAL D 421 -16.64 -17.89 2.26
N CYS D 422 -17.39 -16.84 1.97
CA CYS D 422 -17.39 -15.68 2.87
C CYS D 422 -17.92 -16.02 4.26
N GLY D 423 -18.96 -16.86 4.32
CA GLY D 423 -19.53 -17.27 5.60
C GLY D 423 -18.58 -18.16 6.40
N THR D 424 -17.91 -19.09 5.72
CA THR D 424 -16.96 -19.97 6.39
C THR D 424 -15.77 -19.14 6.92
N VAL D 425 -15.29 -18.18 6.13
CA VAL D 425 -14.20 -17.30 6.59
C VAL D 425 -14.68 -16.61 7.89
N MET D 426 -15.92 -16.10 7.88
CA MET D 426 -16.43 -15.43 9.08
C MET D 426 -16.45 -16.42 10.28
N ALA D 427 -16.84 -17.67 10.06
CA ALA D 427 -16.78 -18.64 11.16
C ALA D 427 -15.32 -18.83 11.61
N GLY D 428 -14.39 -18.87 10.63
CA GLY D 428 -12.98 -19.02 10.96
C GLY D 428 -12.44 -17.85 11.76
N GLU D 429 -12.82 -16.63 11.39
CA GLU D 429 -12.40 -15.40 12.09
C GLU D 429 -12.95 -15.37 13.52
N LEU D 430 -14.20 -15.78 13.69
CA LEU D 430 -14.83 -15.81 15.02
C LEU D 430 -14.03 -16.69 15.98
N SER D 431 -13.80 -17.92 15.55
CA SER D 431 -13.10 -18.93 16.34
C SER D 431 -11.67 -18.58 16.70
N LEU D 432 -10.86 -18.24 15.69
CA LEU D 432 -9.46 -17.86 15.95
C LEU D 432 -9.40 -16.59 16.82
N MET D 433 -10.22 -15.58 16.55
CA MET D 433 -10.17 -14.37 17.37
C MET D 433 -10.54 -14.67 18.85
N ALA D 434 -11.51 -15.56 19.06
CA ALA D 434 -11.94 -15.93 20.42
C ALA D 434 -10.74 -16.55 21.15
N ALA D 435 -10.03 -17.43 20.45
CA ALA D 435 -8.85 -18.07 21.02
C ALA D 435 -7.75 -17.07 21.37
N LEU D 436 -7.60 -16.02 20.57
CA LEU D 436 -6.56 -15.01 20.85
C LEU D 436 -7.01 -14.10 21.98
N ALA D 437 -8.30 -13.78 22.03
CA ALA D 437 -8.84 -12.93 23.09
C ALA D 437 -8.74 -13.63 24.45
N ALA D 438 -8.91 -14.96 24.44
CA ALA D 438 -8.82 -15.76 25.67
C ALA D 438 -7.37 -15.96 26.10
N GLY D 439 -6.52 -16.39 25.17
CA GLY D 439 -5.12 -16.64 25.47
C GLY D 439 -4.64 -18.02 25.05
PB ADP E . -17.77 28.65 22.54
O1B ADP E . -18.07 30.09 22.99
O2B ADP E . -16.36 28.15 23.04
O3B ADP E . -18.88 27.66 22.90
PA ADP E . -16.73 29.40 19.87
O1A ADP E . -16.91 30.88 20.04
O2A ADP E . -17.03 28.88 18.51
O3A ADP E . -17.65 28.57 20.96
O5' ADP E . -15.24 29.03 20.33
C5' ADP E . -14.76 27.65 20.31
C4' ADP E . -13.27 27.58 20.50
O4' ADP E . -12.70 27.68 19.12
C3' ADP E . -12.65 28.75 21.27
O3' ADP E . -12.39 28.37 22.63
C2' ADP E . -11.27 28.99 20.54
O2' ADP E . -10.19 28.16 21.07
C1' ADP E . -11.53 28.51 19.11
N9 ADP E . -11.85 29.67 18.15
C8 ADP E . -13.04 29.97 17.66
N7 ADP E . -13.01 30.99 16.88
C5 ADP E . -11.67 31.38 16.88
C6 ADP E . -10.94 32.43 16.22
N6 ADP E . -11.52 33.35 15.38
N1 ADP E . -9.62 32.50 16.46
C2 ADP E . -9.05 31.62 17.27
N3 ADP E . -9.64 30.62 17.91
C4 ADP E . -10.96 30.55 17.67
PB ADP F . 26.55 25.51 -19.15
O1B ADP F . 25.29 25.35 -20.01
O2B ADP F . 27.55 24.32 -19.31
O3B ADP F . 27.24 26.86 -19.34
PA ADP F . 25.37 26.52 -16.62
O1A ADP F . 26.01 27.89 -16.71
O2A ADP F . 25.29 25.94 -15.27
O3A ADP F . 26.17 25.47 -17.61
O5' ADP F . 23.91 26.64 -17.32
C5' ADP F . 23.07 25.45 -17.42
C4' ADP F . 21.58 25.78 -17.41
O4' ADP F . 21.15 25.70 -15.98
C3' ADP F . 21.20 27.20 -17.84
O3' ADP F . 20.82 27.21 -19.23
C2' ADP F . 19.92 27.52 -16.97
O2' ADP F . 18.67 27.03 -17.58
C1' ADP F . 20.16 26.70 -15.69
N9 ADP F . 20.71 27.55 -14.53
C8 ADP F . 21.93 27.47 -14.02
N7 ADP F . 22.11 28.30 -13.05
C5 ADP F . 20.90 28.97 -12.91
C6 ADP F . 20.42 30.00 -12.03
N6 ADP F . 21.19 30.56 -11.05
N1 ADP F . 19.14 30.41 -12.20
C2 ADP F . 18.40 29.86 -13.14
N3 ADP F . 18.76 28.91 -14.00
C4 ADP F . 20.02 28.49 -13.83
C14 116 G . -18.23 20.44 9.13
O13 116 G . -16.94 21.04 8.84
C13 116 G . -15.86 20.39 9.49
C15 116 G . -14.48 22.45 11.26
C17 116 G . -14.66 23.99 11.24
C16 116 G . -13.60 22.07 12.47
C8 116 G . -13.83 20.56 7.85
C10 116 G . -12.56 21.15 7.55
C9 116 G . -12.00 22.09 8.48
N1 116 G . -12.69 22.41 9.57
C12 116 G . -13.86 21.92 9.90
C11 116 G . -14.49 20.97 9.06
C83 116 G . -16.12 19.03 5.35
C82 116 G . -15.57 19.93 6.23
C81 116 G . -14.40 19.62 6.97
C86 116 G . -13.81 18.35 6.78
C85 116 G . -14.38 17.44 5.88
C84 116 G . -15.53 17.78 5.17
F1 116 G . -16.10 16.90 4.29
O1B 116 G . -11.04 13.92 4.68
O1A 116 G . -11.48 14.86 6.69
O3 116 G . -11.02 17.30 4.00
C1 116 G . -10.81 14.78 5.54
C2 116 G . -9.75 15.86 5.40
C3 116 G . -10.34 17.26 5.25
C4 116 G . -9.24 18.35 5.24
C5 116 G . -9.75 19.82 5.07
C6 116 G . -10.54 20.23 6.30
C7 116 G . -11.77 20.75 6.28
C91 116 G . -10.62 22.79 8.31
C92 116 G . -10.67 24.32 8.42
C93 116 G . -9.62 22.26 9.37
O5 116 G . -8.61 20.64 4.87
PB ADP H . 20.50 20.49 5.75
O1B ADP H . 20.41 19.78 7.08
O2B ADP H . 20.30 19.51 4.54
O3B ADP H . 19.60 21.68 5.63
PA ADP H . 22.82 22.46 5.85
O1A ADP H . 21.99 23.62 5.30
O2A ADP H . 24.19 22.33 5.32
O3A ADP H . 21.99 21.05 5.50
O5' ADP H . 22.85 22.63 7.49
C5' ADP H . 23.55 21.65 8.36
C4' ADP H . 24.97 22.09 8.76
O4' ADP H . 24.93 23.09 9.89
C3' ADP H . 25.89 21.00 9.33
O3' ADP H . 26.56 20.29 8.24
C2' ADP H . 26.98 21.83 10.13
O2' ADP H . 28.04 22.45 9.29
C1' ADP H . 26.12 22.99 10.71
N9 ADP H . 25.79 22.86 12.21
C8 ADP H . 26.36 23.52 13.20
N7 ADP H . 25.89 23.22 14.36
C5 ADP H . 24.91 22.26 14.10
C6 ADP H . 23.99 21.52 14.93
N6 ADP H . 23.92 21.63 16.30
N1 ADP H . 23.16 20.65 14.32
C2 ADP H . 23.21 20.53 13.01
N3 ADP H . 24.01 21.17 12.17
C4 ADP H . 24.84 22.03 12.78
C14 116 I . 24.16 15.57 -7.06
O13 116 I . 23.12 16.53 -6.75
C13 116 I . 21.88 16.26 -7.41
C15 116 I . 21.13 18.91 -8.72
C17 116 I . 21.52 20.39 -8.49
C16 116 I . 20.31 18.83 -10.02
C8 116 I . 19.91 16.69 -5.69
C10 116 I . 18.83 17.56 -5.26
C9 116 I . 18.59 18.75 -5.99
N1 116 I . 19.35 19.07 -7.01
C12 116 I . 20.36 18.34 -7.47
C11 116 I . 20.70 17.10 -6.83
C83 116 I . 21.46 14.23 -3.36
C82 116 I . 21.22 15.42 -4.06
C81 116 I . 20.17 15.50 -5.00
C86 116 I . 19.37 14.36 -5.21
C85 116 I . 19.59 13.19 -4.48
C84 116 I . 20.65 13.11 -3.57
F1 116 I . 20.88 11.96 -2.89
O1B 116 I . 15.13 10.91 -3.53
O1A 116 I . 15.91 11.72 -5.52
O3 116 I . 16.08 13.83 -2.34
C1 116 I . 15.23 11.83 -4.35
C2 116 I . 14.59 13.20 -4.16
C3 116 I . 15.53 14.27 -3.58
C4 116 I . 14.77 15.58 -3.33
C5 116 I . 15.69 16.76 -2.93
C6 116 I . 16.58 17.12 -4.09
C7 116 I . 17.94 17.19 -4.04
C91 116 I . 17.44 19.77 -5.65
C92 116 I . 17.90 21.23 -5.49
C93 116 I . 16.33 19.72 -6.73
O5 116 I . 14.85 17.82 -2.54
PB ADP J . -14.95 -27.45 25.00
O1B ADP J . -16.07 -28.47 25.16
O2B ADP J . -15.45 -26.08 24.41
O3B ADP J . -14.13 -27.23 26.27
PA ADP J . -14.02 -28.96 22.70
O1A ADP J . -14.51 -30.30 23.21
O2A ADP J . -12.73 -28.99 21.99
O3A ADP J . -13.92 -27.90 23.93
O5' ADP J . -15.21 -28.35 21.79
C5' ADP J . -15.07 -27.02 21.19
C4' ADP J . -15.88 -26.84 19.91
O4' ADP J . -14.92 -27.03 18.78
C3' ADP J . -17.01 -27.86 19.66
O3' ADP J . -18.29 -27.21 19.71
C2' ADP J . -16.80 -28.43 18.21
O2' ADP J . -17.74 -27.88 17.23
C1' ADP J . -15.40 -27.93 17.80
N9 ADP J . -14.37 -29.06 17.78
C8 ADP J . -13.52 -29.36 18.75
N7 ADP J . -12.77 -30.36 18.47
C5 ADP J . -13.17 -30.74 17.18
C6 ADP J . -12.75 -31.76 16.28
N6 ADP J . -11.74 -32.66 16.57
N1 ADP J . -13.37 -31.84 15.10
C2 ADP J . -14.35 -30.97 14.81
N3 ADP J . -14.80 -29.98 15.59
C4 ADP J . -14.18 -29.92 16.76
PB ADP K . 6.34 -26.11 12.11
O1B ADP K . 7.69 -25.56 11.70
O2B ADP K . 5.28 -24.99 12.31
O3B ADP K . 5.84 -27.19 11.17
PA ADP K . 6.29 -28.33 14.12
O1A ADP K . 4.98 -28.92 13.63
O2A ADP K . 6.48 -28.29 15.59
O3A ADP K . 6.43 -26.78 13.55
O5' ADP K . 7.49 -29.15 13.40
C5' ADP K . 8.88 -28.80 13.65
C4' ADP K . 9.40 -29.50 14.89
O4' ADP K . 10.22 -30.70 14.48
C3' ADP K . 10.37 -28.68 15.75
O3' ADP K . 9.63 -27.92 16.73
C2' ADP K . 11.20 -29.80 16.50
O2' ADP K . 10.50 -30.36 17.66
C1' ADP K . 11.27 -30.93 15.44
N9 ADP K . 12.62 -31.03 14.71
C8 ADP K . 13.43 -32.07 14.74
N7 ADP K . 14.51 -31.88 14.04
C5 ADP K . 14.38 -30.61 13.51
C6 ADP K . 15.20 -29.79 12.64
N6 ADP K . 16.41 -30.18 12.13
N1 ADP K . 14.74 -28.56 12.33
C2 ADP K . 13.58 -28.16 12.81
N3 ADP K . 12.75 -28.84 13.60
C4 ADP K . 13.21 -30.07 13.92
C14 116 L . -3.61 -20.33 20.82
O13 116 L . -3.82 -20.90 19.52
C13 116 L . -4.57 -20.06 18.65
C15 116 L . -6.69 -22.08 17.91
C17 116 L . -6.65 -23.62 18.07
C16 116 L . -8.13 -21.68 17.46
C8 116 L . -3.62 -20.30 16.24
C10 116 L . -3.73 -20.92 14.94
C9 116 L . -4.79 -21.85 14.72
N1 116 L . -5.63 -22.12 15.70
C12 116 L . -5.58 -21.60 16.90
C11 116 L . -4.58 -20.66 17.23
C83 116 L . -0.55 -18.68 17.64
C82 116 L . -1.57 -19.64 17.43
C81 116 L . -2.60 -19.38 16.50
C86 116 L . -2.58 -18.14 15.80
C85 116 L . -1.60 -17.20 16.04
C84 116 L . -0.58 -17.46 16.94
F1 116 L . 0.39 -16.53 17.14
O1B 116 L . -1.43 -13.94 12.34
O1A 116 L . -3.29 -14.70 13.40
O3 116 L . -0.96 -17.20 12.37
C1 116 L . -2.36 -14.71 12.40
C2 116 L . -2.62 -15.81 11.40
C3 116 L . -2.32 -17.19 11.98
C4 116 L . -2.55 -18.29 10.96
C5 116 L . -2.24 -19.73 11.45
C6 116 L . -3.12 -20.08 12.62
C7 116 L . -2.73 -20.58 13.79
C91 116 L . -5.04 -22.58 13.35
C92 116 L . -5.27 -24.09 13.46
C93 116 L . -6.24 -21.95 12.59
O5 116 L . -2.49 -20.59 10.36
PB ADP M . -12.55 -20.87 -17.15
O1B ADP M . -13.54 -19.76 -16.84
O2B ADP M . -11.07 -20.42 -16.94
O3B ADP M . -12.86 -22.14 -16.37
PA ADP M . -12.91 -22.68 -19.50
O1A ADP M . -11.93 -23.72 -19.02
O2A ADP M . -12.87 -22.39 -20.95
O3A ADP M . -12.63 -21.26 -18.69
O5' ADP M . -14.40 -23.14 -19.04
C5' ADP M . -15.56 -22.32 -19.34
C4' ADP M . -16.32 -22.82 -20.56
O4' ADP M . -17.40 -23.77 -20.11
C3' ADP M . -17.06 -21.76 -21.37
O3' ADP M . -16.21 -21.28 -22.44
C2' ADP M . -18.27 -22.55 -22.02
O2' ADP M . -17.93 -23.22 -23.29
C1' ADP M . -18.56 -23.67 -20.97
N9 ADP M . -19.85 -23.46 -20.15
C8 ADP M . -20.97 -24.17 -20.28
N7 ADP M . -21.91 -23.80 -19.49
C5 ADP M . -21.36 -22.76 -18.75
C6 ADP M . -21.85 -21.91 -17.70
N6 ADP M . -23.12 -22.00 -17.17
N1 ADP M . -21.02 -20.98 -17.20
C2 ADP M . -19.80 -20.87 -17.68
N3 ADP M . -19.24 -21.61 -18.66
C4 ADP M . -20.08 -22.53 -19.15
C14 116 N . -1.38 -16.77 -24.57
O13 116 N . -1.23 -17.70 -23.48
C13 116 N . -0.30 -17.27 -22.48
C15 116 N . 1.09 -19.95 -22.17
C17 116 N . 0.45 -21.21 -22.80
C16 116 N . 2.48 -20.33 -21.61
C8 116 N . -1.35 -17.63 -20.10
C10 116 N . -1.47 -18.45 -18.96
C9 116 N . -0.75 -19.69 -18.93
N1 116 N . -0.01 -20.04 -19.95
C12 116 N . 0.14 -19.33 -21.05
C11 116 N . -0.51 -18.09 -21.18
C83 116 N . -3.82 -15.09 -21.09
C82 116 N . -3.14 -16.30 -21.01
C81 116 N . -2.04 -16.43 -20.16
C86 116 N . -1.63 -15.31 -19.38
C85 116 N . -2.34 -14.12 -19.44
C84 116 N . -3.42 -14.00 -20.31
F1 116 N . -4.07 -12.83 -20.42
O1B 116 N . -1.55 -11.56 -15.41
O1A 116 N . -0.29 -12.75 -16.87
O3 116 N . -3.19 -14.54 -15.62
C1 116 N . -0.98 -12.60 -15.71
C2 116 N . -1.01 -13.87 -14.84
C3 116 N . -1.86 -14.99 -15.47
C4 116 N . -1.90 -16.28 -14.62
C5 116 N . -2.61 -17.44 -15.34
C6 116 N . -1.83 -17.82 -16.55
C7 116 N . -2.34 -18.04 -17.76
C91 116 N . -0.79 -20.68 -17.72
C92 116 N . -1.15 -22.12 -18.14
C93 116 N . 0.56 -20.71 -16.98
O5 116 N . -2.69 -18.52 -14.45
#